data_4U7E
# 
_entry.id   4U7E 
# 
_audit_conform.dict_name       mmcif_pdbx.dic 
_audit_conform.dict_version    5.383 
_audit_conform.dict_location   http://mmcif.pdb.org/dictionaries/ascii/mmcif_pdbx.dic 
# 
loop_
_database_2.database_id 
_database_2.database_code 
_database_2.pdbx_database_accession 
_database_2.pdbx_DOI 
PDB   4U7E         pdb_00004u7e 10.2210/pdb4u7e/pdb 
WWPDB D_1000202931 ?            ?                   
# 
loop_
_pdbx_audit_revision_history.ordinal 
_pdbx_audit_revision_history.data_content_type 
_pdbx_audit_revision_history.major_revision 
_pdbx_audit_revision_history.minor_revision 
_pdbx_audit_revision_history.revision_date 
1 'Structure model' 1 0 2015-02-11 
2 'Structure model' 1 1 2015-02-18 
3 'Structure model' 1 2 2015-04-08 
4 'Structure model' 1 3 2017-09-27 
5 'Structure model' 1 4 2019-12-25 
6 'Structure model' 1 5 2023-12-27 
# 
_pdbx_audit_revision_details.ordinal             1 
_pdbx_audit_revision_details.revision_ordinal    1 
_pdbx_audit_revision_details.data_content_type   'Structure model' 
_pdbx_audit_revision_details.provider            repository 
_pdbx_audit_revision_details.type                'Initial release' 
_pdbx_audit_revision_details.description         ? 
_pdbx_audit_revision_details.details             ? 
# 
loop_
_pdbx_audit_revision_group.ordinal 
_pdbx_audit_revision_group.revision_ordinal 
_pdbx_audit_revision_group.data_content_type 
_pdbx_audit_revision_group.group 
1  2 'Structure model' 'Database references'        
2  3 'Structure model' 'Database references'        
3  4 'Structure model' Advisory                     
4  4 'Structure model' 'Author supporting evidence' 
5  4 'Structure model' 'Database references'        
6  4 'Structure model' 'Derived calculations'       
7  4 'Structure model' Other                        
8  4 'Structure model' 'Refinement description'     
9  4 'Structure model' 'Source and taxonomy'        
10 4 'Structure model' 'Structure summary'          
11 5 'Structure model' 'Author supporting evidence' 
12 6 'Structure model' 'Data collection'            
13 6 'Structure model' 'Database references'        
14 6 'Structure model' 'Refinement description'     
# 
loop_
_pdbx_audit_revision_category.ordinal 
_pdbx_audit_revision_category.revision_ordinal 
_pdbx_audit_revision_category.data_content_type 
_pdbx_audit_revision_category.category 
1  4 'Structure model' citation                    
2  4 'Structure model' entity_src_gen              
3  4 'Structure model' pdbx_audit_support          
4  4 'Structure model' pdbx_database_status        
5  4 'Structure model' pdbx_struct_assembly        
6  4 'Structure model' pdbx_struct_assembly_gen    
7  4 'Structure model' pdbx_struct_assembly_prop   
8  4 'Structure model' pdbx_struct_oper_list       
9  4 'Structure model' pdbx_validate_symm_contact  
10 4 'Structure model' software                    
11 4 'Structure model' struct_keywords             
12 5 'Structure model' pdbx_audit_support          
13 6 'Structure model' chem_comp_atom              
14 6 'Structure model' chem_comp_bond              
15 6 'Structure model' database_2                  
16 6 'Structure model' diffrn_radiation_wavelength 
17 6 'Structure model' refine_hist                 
# 
loop_
_pdbx_audit_revision_item.ordinal 
_pdbx_audit_revision_item.revision_ordinal 
_pdbx_audit_revision_item.data_content_type 
_pdbx_audit_revision_item.item 
1  4 'Structure model' '_citation.journal_id_CSD'                    
2  4 'Structure model' '_entity_src_gen.pdbx_alt_source_flag'        
3  4 'Structure model' '_pdbx_audit_support.funding_organization'    
4  4 'Structure model' '_pdbx_database_status.pdb_format_compatible' 
5  4 'Structure model' '_pdbx_struct_assembly.oligomeric_details'    
6  4 'Structure model' '_pdbx_struct_assembly_gen.asym_id_list'      
7  4 'Structure model' '_pdbx_struct_assembly_prop.type'             
8  4 'Structure model' '_pdbx_struct_assembly_prop.value'            
9  4 'Structure model' '_pdbx_struct_oper_list.symmetry_operation'   
10 4 'Structure model' '_pdbx_validate_symm_contact.auth_seq_id_1'   
11 4 'Structure model' '_pdbx_validate_symm_contact.auth_seq_id_2'   
12 4 'Structure model' '_pdbx_validate_symm_contact.dist'            
13 4 'Structure model' '_pdbx_validate_symm_contact.site_symmetry_2' 
14 4 'Structure model' '_struct_keywords.text'                       
15 5 'Structure model' '_pdbx_audit_support.funding_organization'    
16 6 'Structure model' '_database_2.pdbx_DOI'                        
17 6 'Structure model' '_database_2.pdbx_database_accession'         
18 6 'Structure model' '_diffrn_radiation_wavelength.wavelength'     
# 
_pdbx_database_status.status_code                     REL 
_pdbx_database_status.status_code_sf                  REL 
_pdbx_database_status.status_code_mr                  ? 
_pdbx_database_status.entry_id                        4U7E 
_pdbx_database_status.recvd_initial_deposition_date   2014-07-30 
_pdbx_database_status.SG_entry                        N 
_pdbx_database_status.deposit_site                    RCSB 
_pdbx_database_status.process_site                    RCSB 
_pdbx_database_status.status_code_cs                  ? 
_pdbx_database_status.methods_development_category    ? 
_pdbx_database_status.pdb_format_compatible           Y 
_pdbx_database_status.status_code_nmr_data            ? 
# 
loop_
_pdbx_database_related.content_type 
_pdbx_database_related.db_id 
_pdbx_database_related.db_name 
_pdbx_database_related.details 
unspecified 4U7I PDB . 
unspecified 4U7Y PDB . 
# 
loop_
_audit_author.name 
_audit_author.pdbx_ordinal 
'Guo, E.Z.' 1 
'Xu, Z.'    2 
# 
_citation.abstract                  ? 
_citation.abstract_id_CAS           ? 
_citation.book_id_ISBN              ? 
_citation.book_publisher            ? 
_citation.book_publisher_city       ? 
_citation.book_title                ? 
_citation.coordinate_linkage        ? 
_citation.country                   US 
_citation.database_id_Medline       ? 
_citation.details                   ? 
_citation.id                        primary 
_citation.journal_abbrev            J.Biol.Chem. 
_citation.journal_id_ASTM           JBCHA3 
_citation.journal_id_CSD            0071 
_citation.journal_id_ISSN           1083-351X 
_citation.journal_full              ? 
_citation.journal_issue             ? 
_citation.journal_volume            290 
_citation.language                  ? 
_citation.page_first                8396 
_citation.page_last                 8408 
_citation.title                     
;Distinct Mechanisms of Recognizing Endosomal Sorting Complex Required for Transport III (ESCRT-III) Protein IST1 by Different Microtubule Interacting and Trafficking (MIT) Domains.
;
_citation.year                      2015 
_citation.database_id_CSD           ? 
_citation.pdbx_database_id_DOI      10.1074/jbc.M114.607903 
_citation.pdbx_database_id_PubMed   25657007 
_citation.unpublished_flag          ? 
# 
loop_
_citation_author.citation_id 
_citation_author.name 
_citation_author.ordinal 
_citation_author.identifier_ORCID 
primary 'Guo, E.Z.' 1 ? 
primary 'Xu, Z.'    2 ? 
# 
loop_
_entity.id 
_entity.type 
_entity.src_method 
_entity.pdbx_description 
_entity.formula_weight 
_entity.pdbx_number_of_molecules 
_entity.pdbx_ec 
_entity.pdbx_mutation 
_entity.pdbx_fragment 
_entity.details 
1 polymer man 'Vacuolar protein sorting-associated protein VTA1 homolog' 18792.727 1   ? ? 
'N-terminal domain (UNP residues 1-162)' ? 
2 polymer man 'IST1 homolog'                                             3009.262  1   ? ? 'UNP residues 341-364' ? 
3 water   nat water                                                      18.015    210 ? ? ? ? 
# 
loop_
_entity_name_com.entity_id 
_entity_name_com.name 
1 'Dopamine-responsive gene 1 protein,DRG-1,LYST-interacting protein 5,LIP5,SKD1-binding protein 1,SBP1' 
2 'hIST1,Putative MAPK-activating protein PM28'                                                          
# 
loop_
_entity_poly.entity_id 
_entity_poly.type 
_entity_poly.nstd_linkage 
_entity_poly.nstd_monomer 
_entity_poly.pdbx_seq_one_letter_code 
_entity_poly.pdbx_seq_one_letter_code_can 
_entity_poly.pdbx_strand_id 
_entity_poly.pdbx_target_identifier 
1 'polypeptide(L)' no no 
;SMAALAPLPPLPAQFKSIQHHLRTAQEHDKRDPVVAYYCRLYAMQTGMKIDSKTPECRKFLSKLMDQLEALKKQLGDNEA
ITQEIVGCAHLENYALKMFLYADNEDRAGRFHKNMIKSFYTASLLIDVITVFGELTDENVKHRKYARWKATYIHNCLKNG
ETP
;
;SMAALAPLPPLPAQFKSIQHHLRTAQEHDKRDPVVAYYCRLYAMQTGMKIDSKTPECRKFLSKLMDQLEALKKQLGDNEA
ITQEIVGCAHLENYALKMFLYADNEDRAGRFHKNMIKSFYTASLLIDVITVFGELTDENVKHRKYARWKATYIHNCLKNG
ETP
;
B ? 
2 'polypeptide(L)' no no STSASEDIDFDDLSRRFEELKKKTW STSASEDIDFDDLSRRFEELKKKTW A ? 
# 
_pdbx_entity_nonpoly.entity_id   3 
_pdbx_entity_nonpoly.name        water 
_pdbx_entity_nonpoly.comp_id     HOH 
# 
loop_
_entity_poly_seq.entity_id 
_entity_poly_seq.num 
_entity_poly_seq.mon_id 
_entity_poly_seq.hetero 
1 1   SER n 
1 2   MET n 
1 3   ALA n 
1 4   ALA n 
1 5   LEU n 
1 6   ALA n 
1 7   PRO n 
1 8   LEU n 
1 9   PRO n 
1 10  PRO n 
1 11  LEU n 
1 12  PRO n 
1 13  ALA n 
1 14  GLN n 
1 15  PHE n 
1 16  LYS n 
1 17  SER n 
1 18  ILE n 
1 19  GLN n 
1 20  HIS n 
1 21  HIS n 
1 22  LEU n 
1 23  ARG n 
1 24  THR n 
1 25  ALA n 
1 26  GLN n 
1 27  GLU n 
1 28  HIS n 
1 29  ASP n 
1 30  LYS n 
1 31  ARG n 
1 32  ASP n 
1 33  PRO n 
1 34  VAL n 
1 35  VAL n 
1 36  ALA n 
1 37  TYR n 
1 38  TYR n 
1 39  CYS n 
1 40  ARG n 
1 41  LEU n 
1 42  TYR n 
1 43  ALA n 
1 44  MET n 
1 45  GLN n 
1 46  THR n 
1 47  GLY n 
1 48  MET n 
1 49  LYS n 
1 50  ILE n 
1 51  ASP n 
1 52  SER n 
1 53  LYS n 
1 54  THR n 
1 55  PRO n 
1 56  GLU n 
1 57  CYS n 
1 58  ARG n 
1 59  LYS n 
1 60  PHE n 
1 61  LEU n 
1 62  SER n 
1 63  LYS n 
1 64  LEU n 
1 65  MET n 
1 66  ASP n 
1 67  GLN n 
1 68  LEU n 
1 69  GLU n 
1 70  ALA n 
1 71  LEU n 
1 72  LYS n 
1 73  LYS n 
1 74  GLN n 
1 75  LEU n 
1 76  GLY n 
1 77  ASP n 
1 78  ASN n 
1 79  GLU n 
1 80  ALA n 
1 81  ILE n 
1 82  THR n 
1 83  GLN n 
1 84  GLU n 
1 85  ILE n 
1 86  VAL n 
1 87  GLY n 
1 88  CYS n 
1 89  ALA n 
1 90  HIS n 
1 91  LEU n 
1 92  GLU n 
1 93  ASN n 
1 94  TYR n 
1 95  ALA n 
1 96  LEU n 
1 97  LYS n 
1 98  MET n 
1 99  PHE n 
1 100 LEU n 
1 101 TYR n 
1 102 ALA n 
1 103 ASP n 
1 104 ASN n 
1 105 GLU n 
1 106 ASP n 
1 107 ARG n 
1 108 ALA n 
1 109 GLY n 
1 110 ARG n 
1 111 PHE n 
1 112 HIS n 
1 113 LYS n 
1 114 ASN n 
1 115 MET n 
1 116 ILE n 
1 117 LYS n 
1 118 SER n 
1 119 PHE n 
1 120 TYR n 
1 121 THR n 
1 122 ALA n 
1 123 SER n 
1 124 LEU n 
1 125 LEU n 
1 126 ILE n 
1 127 ASP n 
1 128 VAL n 
1 129 ILE n 
1 130 THR n 
1 131 VAL n 
1 132 PHE n 
1 133 GLY n 
1 134 GLU n 
1 135 LEU n 
1 136 THR n 
1 137 ASP n 
1 138 GLU n 
1 139 ASN n 
1 140 VAL n 
1 141 LYS n 
1 142 HIS n 
1 143 ARG n 
1 144 LYS n 
1 145 TYR n 
1 146 ALA n 
1 147 ARG n 
1 148 TRP n 
1 149 LYS n 
1 150 ALA n 
1 151 THR n 
1 152 TYR n 
1 153 ILE n 
1 154 HIS n 
1 155 ASN n 
1 156 CYS n 
1 157 LEU n 
1 158 LYS n 
1 159 ASN n 
1 160 GLY n 
1 161 GLU n 
1 162 THR n 
1 163 PRO n 
2 1   SER n 
2 2   THR n 
2 3   SER n 
2 4   ALA n 
2 5   SER n 
2 6   GLU n 
2 7   ASP n 
2 8   ILE n 
2 9   ASP n 
2 10  PHE n 
2 11  ASP n 
2 12  ASP n 
2 13  LEU n 
2 14  SER n 
2 15  ARG n 
2 16  ARG n 
2 17  PHE n 
2 18  GLU n 
2 19  GLU n 
2 20  LEU n 
2 21  LYS n 
2 22  LYS n 
2 23  LYS n 
2 24  THR n 
2 25  TRP n 
# 
loop_
_entity_src_gen.entity_id 
_entity_src_gen.pdbx_src_id 
_entity_src_gen.pdbx_alt_source_flag 
_entity_src_gen.pdbx_seq_type 
_entity_src_gen.pdbx_beg_seq_num 
_entity_src_gen.pdbx_end_seq_num 
_entity_src_gen.gene_src_common_name 
_entity_src_gen.gene_src_genus 
_entity_src_gen.pdbx_gene_src_gene 
_entity_src_gen.gene_src_species 
_entity_src_gen.gene_src_strain 
_entity_src_gen.gene_src_tissue 
_entity_src_gen.gene_src_tissue_fraction 
_entity_src_gen.gene_src_details 
_entity_src_gen.pdbx_gene_src_fragment 
_entity_src_gen.pdbx_gene_src_scientific_name 
_entity_src_gen.pdbx_gene_src_ncbi_taxonomy_id 
_entity_src_gen.pdbx_gene_src_variant 
_entity_src_gen.pdbx_gene_src_cell_line 
_entity_src_gen.pdbx_gene_src_atcc 
_entity_src_gen.pdbx_gene_src_organ 
_entity_src_gen.pdbx_gene_src_organelle 
_entity_src_gen.pdbx_gene_src_cell 
_entity_src_gen.pdbx_gene_src_cellular_location 
_entity_src_gen.host_org_common_name 
_entity_src_gen.pdbx_host_org_scientific_name 
_entity_src_gen.pdbx_host_org_ncbi_taxonomy_id 
_entity_src_gen.host_org_genus 
_entity_src_gen.pdbx_host_org_gene 
_entity_src_gen.pdbx_host_org_organ 
_entity_src_gen.host_org_species 
_entity_src_gen.pdbx_host_org_tissue 
_entity_src_gen.pdbx_host_org_tissue_fraction 
_entity_src_gen.pdbx_host_org_strain 
_entity_src_gen.pdbx_host_org_variant 
_entity_src_gen.pdbx_host_org_cell_line 
_entity_src_gen.pdbx_host_org_atcc 
_entity_src_gen.pdbx_host_org_culture_collection 
_entity_src_gen.pdbx_host_org_cell 
_entity_src_gen.pdbx_host_org_organelle 
_entity_src_gen.pdbx_host_org_cellular_location 
_entity_src_gen.pdbx_host_org_vector_type 
_entity_src_gen.pdbx_host_org_vector 
_entity_src_gen.host_org_details 
_entity_src_gen.expression_system_id 
_entity_src_gen.plasmid_name 
_entity_src_gen.plasmid_details 
_entity_src_gen.pdbx_description 
1 1 sample 'Biological sequence' 1 163 Human ? 'VTA1, C6orf55, HSPC228, My012' ? ? ? ? ? ? 'Homo sapiens' 9606 ? ? ? ? ? ? ? ? 
'Escherichia coli' 562 ? ? ? ? ? ? 'Rosetta (DE3)' ? ? ? ? ? ? ? plasmid ? ? ? ? ? ? 
2 1 sample 'Biological sequence' 1 25  Human ? 'IST1, KIAA0174'                ? ? ? ? ? ? 'Homo sapiens' 9606 ? ? ? ? ? ? ? ? 
'Escherichia coli' 562 ? ? ? ? ? ? 'Rosetta (DE3)' ? ? ? ? ? ? ? plasmid ? ? ? ? ? ? 
# 
loop_
_chem_comp.id 
_chem_comp.type 
_chem_comp.mon_nstd_flag 
_chem_comp.name 
_chem_comp.pdbx_synonyms 
_chem_comp.formula 
_chem_comp.formula_weight 
ALA 'L-peptide linking' y ALANINE         ? 'C3 H7 N O2'     89.093  
ARG 'L-peptide linking' y ARGININE        ? 'C6 H15 N4 O2 1' 175.209 
ASN 'L-peptide linking' y ASPARAGINE      ? 'C4 H8 N2 O3'    132.118 
ASP 'L-peptide linking' y 'ASPARTIC ACID' ? 'C4 H7 N O4'     133.103 
CYS 'L-peptide linking' y CYSTEINE        ? 'C3 H7 N O2 S'   121.158 
GLN 'L-peptide linking' y GLUTAMINE       ? 'C5 H10 N2 O3'   146.144 
GLU 'L-peptide linking' y 'GLUTAMIC ACID' ? 'C5 H9 N O4'     147.129 
GLY 'peptide linking'   y GLYCINE         ? 'C2 H5 N O2'     75.067  
HIS 'L-peptide linking' y HISTIDINE       ? 'C6 H10 N3 O2 1' 156.162 
HOH non-polymer         . WATER           ? 'H2 O'           18.015  
ILE 'L-peptide linking' y ISOLEUCINE      ? 'C6 H13 N O2'    131.173 
LEU 'L-peptide linking' y LEUCINE         ? 'C6 H13 N O2'    131.173 
LYS 'L-peptide linking' y LYSINE          ? 'C6 H15 N2 O2 1' 147.195 
MET 'L-peptide linking' y METHIONINE      ? 'C5 H11 N O2 S'  149.211 
PHE 'L-peptide linking' y PHENYLALANINE   ? 'C9 H11 N O2'    165.189 
PRO 'L-peptide linking' y PROLINE         ? 'C5 H9 N O2'     115.130 
SER 'L-peptide linking' y SERINE          ? 'C3 H7 N O3'     105.093 
THR 'L-peptide linking' y THREONINE       ? 'C4 H9 N O3'     119.119 
TRP 'L-peptide linking' y TRYPTOPHAN      ? 'C11 H12 N2 O2'  204.225 
TYR 'L-peptide linking' y TYROSINE        ? 'C9 H11 N O3'    181.189 
VAL 'L-peptide linking' y VALINE          ? 'C5 H11 N O2'    117.146 
# 
loop_
_pdbx_poly_seq_scheme.asym_id 
_pdbx_poly_seq_scheme.entity_id 
_pdbx_poly_seq_scheme.seq_id 
_pdbx_poly_seq_scheme.mon_id 
_pdbx_poly_seq_scheme.ndb_seq_num 
_pdbx_poly_seq_scheme.pdb_seq_num 
_pdbx_poly_seq_scheme.auth_seq_num 
_pdbx_poly_seq_scheme.pdb_mon_id 
_pdbx_poly_seq_scheme.auth_mon_id 
_pdbx_poly_seq_scheme.pdb_strand_id 
_pdbx_poly_seq_scheme.pdb_ins_code 
_pdbx_poly_seq_scheme.hetero 
A 1 1   SER 1   0   0   SER SER B . n 
A 1 2   MET 2   1   1   MET MET B . n 
A 1 3   ALA 3   2   2   ALA ALA B . n 
A 1 4   ALA 4   3   3   ALA ALA B . n 
A 1 5   LEU 5   4   4   LEU LEU B . n 
A 1 6   ALA 6   5   5   ALA ALA B . n 
A 1 7   PRO 7   6   6   PRO PRO B . n 
A 1 8   LEU 8   7   7   LEU LEU B . n 
A 1 9   PRO 9   8   8   PRO PRO B . n 
A 1 10  PRO 10  9   9   PRO PRO B . n 
A 1 11  LEU 11  10  10  LEU LEU B . n 
A 1 12  PRO 12  11  11  PRO PRO B . n 
A 1 13  ALA 13  12  12  ALA ALA B . n 
A 1 14  GLN 14  13  13  GLN GLN B . n 
A 1 15  PHE 15  14  14  PHE PHE B . n 
A 1 16  LYS 16  15  15  LYS LYS B . n 
A 1 17  SER 17  16  16  SER SER B . n 
A 1 18  ILE 18  17  17  ILE ILE B . n 
A 1 19  GLN 19  18  18  GLN GLN B . n 
A 1 20  HIS 20  19  19  HIS HIS B . n 
A 1 21  HIS 21  20  20  HIS HIS B . n 
A 1 22  LEU 22  21  21  LEU LEU B . n 
A 1 23  ARG 23  22  22  ARG ARG B . n 
A 1 24  THR 24  23  23  THR THR B . n 
A 1 25  ALA 25  24  24  ALA ALA B . n 
A 1 26  GLN 26  25  25  GLN GLN B . n 
A 1 27  GLU 27  26  26  GLU GLU B . n 
A 1 28  HIS 28  27  27  HIS HIS B . n 
A 1 29  ASP 29  28  28  ASP ASP B . n 
A 1 30  LYS 30  29  29  LYS LYS B . n 
A 1 31  ARG 31  30  30  ARG ARG B . n 
A 1 32  ASP 32  31  31  ASP ASP B . n 
A 1 33  PRO 33  32  32  PRO PRO B . n 
A 1 34  VAL 34  33  33  VAL VAL B . n 
A 1 35  VAL 35  34  34  VAL VAL B . n 
A 1 36  ALA 36  35  35  ALA ALA B . n 
A 1 37  TYR 37  36  36  TYR TYR B . n 
A 1 38  TYR 38  37  37  TYR TYR B . n 
A 1 39  CYS 39  38  38  CYS CYS B . n 
A 1 40  ARG 40  39  39  ARG ARG B . n 
A 1 41  LEU 41  40  40  LEU LEU B . n 
A 1 42  TYR 42  41  41  TYR TYR B . n 
A 1 43  ALA 43  42  42  ALA ALA B . n 
A 1 44  MET 44  43  43  MET MET B . n 
A 1 45  GLN 45  44  44  GLN GLN B . n 
A 1 46  THR 46  45  45  THR THR B . n 
A 1 47  GLY 47  46  46  GLY GLY B . n 
A 1 48  MET 48  47  47  MET MET B . n 
A 1 49  LYS 49  48  48  LYS LYS B . n 
A 1 50  ILE 50  49  49  ILE ILE B . n 
A 1 51  ASP 51  50  50  ASP ASP B . n 
A 1 52  SER 52  51  51  SER SER B . n 
A 1 53  LYS 53  52  52  LYS LYS B . n 
A 1 54  THR 54  53  53  THR THR B . n 
A 1 55  PRO 55  54  54  PRO PRO B . n 
A 1 56  GLU 56  55  55  GLU GLU B . n 
A 1 57  CYS 57  56  56  CYS CYS B . n 
A 1 58  ARG 58  57  57  ARG ARG B . n 
A 1 59  LYS 59  58  58  LYS LYS B . n 
A 1 60  PHE 60  59  59  PHE PHE B . n 
A 1 61  LEU 61  60  60  LEU LEU B . n 
A 1 62  SER 62  61  61  SER SER B . n 
A 1 63  LYS 63  62  62  LYS LYS B . n 
A 1 64  LEU 64  63  63  LEU LEU B . n 
A 1 65  MET 65  64  64  MET MET B . n 
A 1 66  ASP 66  65  65  ASP ASP B . n 
A 1 67  GLN 67  66  66  GLN GLN B . n 
A 1 68  LEU 68  67  67  LEU LEU B . n 
A 1 69  GLU 69  68  68  GLU GLU B . n 
A 1 70  ALA 70  69  69  ALA ALA B . n 
A 1 71  LEU 71  70  70  LEU LEU B . n 
A 1 72  LYS 72  71  71  LYS LYS B . n 
A 1 73  LYS 73  72  72  LYS LYS B . n 
A 1 74  GLN 74  73  73  GLN GLN B . n 
A 1 75  LEU 75  74  74  LEU LEU B . n 
A 1 76  GLY 76  75  75  GLY GLY B . n 
A 1 77  ASP 77  76  76  ASP ASP B . n 
A 1 78  ASN 78  77  77  ASN ASN B . n 
A 1 79  GLU 79  78  78  GLU GLU B . n 
A 1 80  ALA 80  79  79  ALA ALA B . n 
A 1 81  ILE 81  80  80  ILE ILE B . n 
A 1 82  THR 82  81  81  THR THR B . n 
A 1 83  GLN 83  82  82  GLN GLN B . n 
A 1 84  GLU 84  83  83  GLU GLU B . n 
A 1 85  ILE 85  84  84  ILE ILE B . n 
A 1 86  VAL 86  85  85  VAL VAL B . n 
A 1 87  GLY 87  86  86  GLY GLY B . n 
A 1 88  CYS 88  87  87  CYS CYS B . n 
A 1 89  ALA 89  88  88  ALA ALA B . n 
A 1 90  HIS 90  89  89  HIS HIS B . n 
A 1 91  LEU 91  90  90  LEU LEU B . n 
A 1 92  GLU 92  91  91  GLU GLU B . n 
A 1 93  ASN 93  92  92  ASN ASN B . n 
A 1 94  TYR 94  93  93  TYR TYR B . n 
A 1 95  ALA 95  94  94  ALA ALA B . n 
A 1 96  LEU 96  95  95  LEU LEU B . n 
A 1 97  LYS 97  96  96  LYS LYS B . n 
A 1 98  MET 98  97  97  MET MET B . n 
A 1 99  PHE 99  98  98  PHE PHE B . n 
A 1 100 LEU 100 99  99  LEU LEU B . n 
A 1 101 TYR 101 100 100 TYR TYR B . n 
A 1 102 ALA 102 101 101 ALA ALA B . n 
A 1 103 ASP 103 102 102 ASP ASP B . n 
A 1 104 ASN 104 103 103 ASN ASN B . n 
A 1 105 GLU 105 104 104 GLU GLU B . n 
A 1 106 ASP 106 105 105 ASP ASP B . n 
A 1 107 ARG 107 106 106 ARG ARG B . n 
A 1 108 ALA 108 107 107 ALA ALA B . n 
A 1 109 GLY 109 108 108 GLY GLY B . n 
A 1 110 ARG 110 109 109 ARG ARG B . n 
A 1 111 PHE 111 110 110 PHE PHE B . n 
A 1 112 HIS 112 111 111 HIS HIS B . n 
A 1 113 LYS 113 112 112 LYS LYS B . n 
A 1 114 ASN 114 113 113 ASN ASN B . n 
A 1 115 MET 115 114 114 MET MET B . n 
A 1 116 ILE 116 115 115 ILE ILE B . n 
A 1 117 LYS 117 116 116 LYS LYS B . n 
A 1 118 SER 118 117 117 SER SER B . n 
A 1 119 PHE 119 118 118 PHE PHE B . n 
A 1 120 TYR 120 119 119 TYR TYR B . n 
A 1 121 THR 121 120 120 THR THR B . n 
A 1 122 ALA 122 121 121 ALA ALA B . n 
A 1 123 SER 123 122 122 SER SER B . n 
A 1 124 LEU 124 123 123 LEU LEU B . n 
A 1 125 LEU 125 124 124 LEU LEU B . n 
A 1 126 ILE 126 125 125 ILE ILE B . n 
A 1 127 ASP 127 126 126 ASP ASP B . n 
A 1 128 VAL 128 127 127 VAL VAL B . n 
A 1 129 ILE 129 128 128 ILE ILE B . n 
A 1 130 THR 130 129 129 THR THR B . n 
A 1 131 VAL 131 130 130 VAL VAL B . n 
A 1 132 PHE 132 131 131 PHE PHE B . n 
A 1 133 GLY 133 132 132 GLY GLY B . n 
A 1 134 GLU 134 133 133 GLU GLU B . n 
A 1 135 LEU 135 134 134 LEU LEU B . n 
A 1 136 THR 136 135 135 THR THR B . n 
A 1 137 ASP 137 136 136 ASP ASP B . n 
A 1 138 GLU 138 137 137 GLU GLU B . n 
A 1 139 ASN 139 138 138 ASN ASN B . n 
A 1 140 VAL 140 139 139 VAL VAL B . n 
A 1 141 LYS 141 140 140 LYS LYS B . n 
A 1 142 HIS 142 141 141 HIS HIS B . n 
A 1 143 ARG 143 142 142 ARG ARG B . n 
A 1 144 LYS 144 143 143 LYS LYS B . n 
A 1 145 TYR 145 144 144 TYR TYR B . n 
A 1 146 ALA 146 145 145 ALA ALA B . n 
A 1 147 ARG 147 146 146 ARG ARG B . n 
A 1 148 TRP 148 147 147 TRP TRP B . n 
A 1 149 LYS 149 148 148 LYS LYS B . n 
A 1 150 ALA 150 149 149 ALA ALA B . n 
A 1 151 THR 151 150 150 THR THR B . n 
A 1 152 TYR 152 151 151 TYR TYR B . n 
A 1 153 ILE 153 152 152 ILE ILE B . n 
A 1 154 HIS 154 153 153 HIS HIS B . n 
A 1 155 ASN 155 154 154 ASN ASN B . n 
A 1 156 CYS 156 155 155 CYS CYS B . n 
A 1 157 LEU 157 156 156 LEU LEU B . n 
A 1 158 LYS 158 157 157 LYS LYS B . n 
A 1 159 ASN 159 158 158 ASN ASN B . n 
A 1 160 GLY 160 159 159 GLY GLY B . n 
A 1 161 GLU 161 160 160 GLU GLU B . n 
A 1 162 THR 162 161 161 THR THR B . n 
A 1 163 PRO 163 162 162 PRO PRO B . n 
B 2 1   SER 1   312 ?   ?   ?   A . n 
B 2 2   THR 2   313 ?   ?   ?   A . n 
B 2 3   SER 3   314 ?   ?   ?   A . n 
B 2 4   ALA 4   315 ?   ?   ?   A . n 
B 2 5   SER 5   316 ?   ?   ?   A . n 
B 2 6   GLU 6   317 ?   ?   ?   A . n 
B 2 7   ASP 7   318 ?   ?   ?   A . n 
B 2 8   ILE 8   319 ?   ?   ?   A . n 
B 2 9   ASP 9   320 320 ASP ASP A . n 
B 2 10  PHE 10  321 321 PHE PHE A . n 
B 2 11  ASP 11  322 322 ASP ASP A . n 
B 2 12  ASP 12  323 323 ASP ASP A . n 
B 2 13  LEU 13  324 324 LEU LEU A . n 
B 2 14  SER 14  325 325 SER SER A . n 
B 2 15  ARG 15  326 326 ARG ARG A . n 
B 2 16  ARG 16  327 327 ARG ARG A . n 
B 2 17  PHE 17  328 328 PHE PHE A . n 
B 2 18  GLU 18  329 329 GLU GLU A . n 
B 2 19  GLU 19  330 330 GLU GLU A . n 
B 2 20  LEU 20  331 331 LEU LEU A . n 
B 2 21  LYS 21  332 332 LYS LYS A . n 
B 2 22  LYS 22  333 333 LYS LYS A . n 
B 2 23  LYS 23  334 ?   ?   ?   A . n 
B 2 24  THR 24  335 ?   ?   ?   A . n 
B 2 25  TRP 25  336 ?   ?   ?   A . n 
# 
loop_
_pdbx_nonpoly_scheme.asym_id 
_pdbx_nonpoly_scheme.entity_id 
_pdbx_nonpoly_scheme.mon_id 
_pdbx_nonpoly_scheme.ndb_seq_num 
_pdbx_nonpoly_scheme.pdb_seq_num 
_pdbx_nonpoly_scheme.auth_seq_num 
_pdbx_nonpoly_scheme.pdb_mon_id 
_pdbx_nonpoly_scheme.auth_mon_id 
_pdbx_nonpoly_scheme.pdb_strand_id 
_pdbx_nonpoly_scheme.pdb_ins_code 
C 3 HOH 1   201 25  HOH HOH B . 
C 3 HOH 2   202 18  HOH HOH B . 
C 3 HOH 3   203 161 HOH HOH B . 
C 3 HOH 4   204 41  HOH HOH B . 
C 3 HOH 5   205 35  HOH HOH B . 
C 3 HOH 6   206 163 HOH HOH B . 
C 3 HOH 7   207 201 HOH HOH B . 
C 3 HOH 8   208 132 HOH HOH B . 
C 3 HOH 9   209 48  HOH HOH B . 
C 3 HOH 10  210 1   HOH HOH B . 
C 3 HOH 11  211 139 HOH HOH B . 
C 3 HOH 12  212 205 HOH HOH B . 
C 3 HOH 13  213 8   HOH HOH B . 
C 3 HOH 14  214 96  HOH HOH B . 
C 3 HOH 15  215 46  HOH HOH B . 
C 3 HOH 16  216 30  HOH HOH B . 
C 3 HOH 17  217 51  HOH HOH B . 
C 3 HOH 18  218 81  HOH HOH B . 
C 3 HOH 19  219 23  HOH HOH B . 
C 3 HOH 20  220 106 HOH HOH B . 
C 3 HOH 21  221 45  HOH HOH B . 
C 3 HOH 22  222 63  HOH HOH B . 
C 3 HOH 23  223 3   HOH HOH B . 
C 3 HOH 24  224 9   HOH HOH B . 
C 3 HOH 25  225 12  HOH HOH B . 
C 3 HOH 26  226 2   HOH HOH B . 
C 3 HOH 27  227 34  HOH HOH B . 
C 3 HOH 28  228 69  HOH HOH B . 
C 3 HOH 29  229 6   HOH HOH B . 
C 3 HOH 30  230 31  HOH HOH B . 
C 3 HOH 31  231 39  HOH HOH B . 
C 3 HOH 32  232 56  HOH HOH B . 
C 3 HOH 33  233 33  HOH HOH B . 
C 3 HOH 34  234 77  HOH HOH B . 
C 3 HOH 35  235 53  HOH HOH B . 
C 3 HOH 36  236 133 HOH HOH B . 
C 3 HOH 37  237 99  HOH HOH B . 
C 3 HOH 38  238 125 HOH HOH B . 
C 3 HOH 39  239 50  HOH HOH B . 
C 3 HOH 40  240 116 HOH HOH B . 
C 3 HOH 41  241 102 HOH HOH B . 
C 3 HOH 42  242 26  HOH HOH B . 
C 3 HOH 43  243 13  HOH HOH B . 
C 3 HOH 44  244 61  HOH HOH B . 
C 3 HOH 45  245 94  HOH HOH B . 
C 3 HOH 46  246 22  HOH HOH B . 
C 3 HOH 47  247 124 HOH HOH B . 
C 3 HOH 48  248 172 HOH HOH B . 
C 3 HOH 49  249 4   HOH HOH B . 
C 3 HOH 50  250 83  HOH HOH B . 
C 3 HOH 51  251 84  HOH HOH B . 
C 3 HOH 52  252 164 HOH HOH B . 
C 3 HOH 53  253 86  HOH HOH B . 
C 3 HOH 54  254 72  HOH HOH B . 
C 3 HOH 55  255 182 HOH HOH B . 
C 3 HOH 56  256 73  HOH HOH B . 
C 3 HOH 57  257 64  HOH HOH B . 
C 3 HOH 58  258 17  HOH HOH B . 
C 3 HOH 59  259 189 HOH HOH B . 
C 3 HOH 60  260 54  HOH HOH B . 
C 3 HOH 61  261 62  HOH HOH B . 
C 3 HOH 62  262 115 HOH HOH B . 
C 3 HOH 63  263 131 HOH HOH B . 
C 3 HOH 64  264 44  HOH HOH B . 
C 3 HOH 65  265 114 HOH HOH B . 
C 3 HOH 66  266 101 HOH HOH B . 
C 3 HOH 67  267 59  HOH HOH B . 
C 3 HOH 68  268 162 HOH HOH B . 
C 3 HOH 69  269 38  HOH HOH B . 
C 3 HOH 70  270 82  HOH HOH B . 
C 3 HOH 71  271 145 HOH HOH B . 
C 3 HOH 72  272 119 HOH HOH B . 
C 3 HOH 73  273 196 HOH HOH B . 
C 3 HOH 74  274 120 HOH HOH B . 
C 3 HOH 75  275 112 HOH HOH B . 
C 3 HOH 76  276 10  HOH HOH B . 
C 3 HOH 77  277 91  HOH HOH B . 
C 3 HOH 78  278 174 HOH HOH B . 
C 3 HOH 79  279 180 HOH HOH B . 
C 3 HOH 80  280 158 HOH HOH B . 
C 3 HOH 81  281 199 HOH HOH B . 
C 3 HOH 82  282 147 HOH HOH B . 
C 3 HOH 83  283 141 HOH HOH B . 
C 3 HOH 84  284 79  HOH HOH B . 
C 3 HOH 85  285 176 HOH HOH B . 
C 3 HOH 86  286 137 HOH HOH B . 
C 3 HOH 87  287 87  HOH HOH B . 
C 3 HOH 88  288 169 HOH HOH B . 
C 3 HOH 89  289 184 HOH HOH B . 
C 3 HOH 90  290 203 HOH HOH B . 
C 3 HOH 91  291 202 HOH HOH B . 
C 3 HOH 92  292 98  HOH HOH B . 
C 3 HOH 93  293 155 HOH HOH B . 
C 3 HOH 94  294 168 HOH HOH B . 
C 3 HOH 95  295 144 HOH HOH B . 
C 3 HOH 96  296 187 HOH HOH B . 
C 3 HOH 97  297 111 HOH HOH B . 
C 3 HOH 98  298 135 HOH HOH B . 
C 3 HOH 99  299 191 HOH HOH B . 
C 3 HOH 100 300 109 HOH HOH B . 
C 3 HOH 101 301 150 HOH HOH B . 
C 3 HOH 102 302 117 HOH HOH B . 
C 3 HOH 103 303 89  HOH HOH B . 
C 3 HOH 104 304 127 HOH HOH B . 
C 3 HOH 105 305 105 HOH HOH B . 
C 3 HOH 106 306 126 HOH HOH B . 
C 3 HOH 107 307 194 HOH HOH B . 
C 3 HOH 108 308 129 HOH HOH B . 
C 3 HOH 109 309 151 HOH HOH B . 
C 3 HOH 110 310 188 HOH HOH B . 
C 3 HOH 111 311 122 HOH HOH B . 
C 3 HOH 112 312 167 HOH HOH B . 
C 3 HOH 113 313 5   HOH HOH B . 
C 3 HOH 114 314 7   HOH HOH B . 
C 3 HOH 115 315 11  HOH HOH B . 
C 3 HOH 116 316 14  HOH HOH B . 
C 3 HOH 117 317 15  HOH HOH B . 
C 3 HOH 118 318 16  HOH HOH B . 
C 3 HOH 119 319 19  HOH HOH B . 
C 3 HOH 120 320 20  HOH HOH B . 
C 3 HOH 121 321 21  HOH HOH B . 
C 3 HOH 122 322 27  HOH HOH B . 
C 3 HOH 123 323 28  HOH HOH B . 
C 3 HOH 124 324 32  HOH HOH B . 
C 3 HOH 125 325 36  HOH HOH B . 
C 3 HOH 126 326 37  HOH HOH B . 
C 3 HOH 127 327 40  HOH HOH B . 
C 3 HOH 128 328 42  HOH HOH B . 
C 3 HOH 129 329 43  HOH HOH B . 
C 3 HOH 130 330 49  HOH HOH B . 
C 3 HOH 131 331 52  HOH HOH B . 
C 3 HOH 132 332 55  HOH HOH B . 
C 3 HOH 133 333 57  HOH HOH B . 
C 3 HOH 134 334 58  HOH HOH B . 
C 3 HOH 135 335 60  HOH HOH B . 
C 3 HOH 136 336 65  HOH HOH B . 
C 3 HOH 137 337 66  HOH HOH B . 
C 3 HOH 138 338 68  HOH HOH B . 
C 3 HOH 139 339 70  HOH HOH B . 
C 3 HOH 140 340 71  HOH HOH B . 
C 3 HOH 141 341 74  HOH HOH B . 
C 3 HOH 142 342 76  HOH HOH B . 
C 3 HOH 143 343 78  HOH HOH B . 
C 3 HOH 144 344 85  HOH HOH B . 
C 3 HOH 145 345 88  HOH HOH B . 
C 3 HOH 146 346 90  HOH HOH B . 
C 3 HOH 147 347 92  HOH HOH B . 
C 3 HOH 148 348 93  HOH HOH B . 
C 3 HOH 149 349 95  HOH HOH B . 
C 3 HOH 150 350 97  HOH HOH B . 
C 3 HOH 151 351 100 HOH HOH B . 
C 3 HOH 152 352 103 HOH HOH B . 
C 3 HOH 153 353 104 HOH HOH B . 
C 3 HOH 154 354 107 HOH HOH B . 
C 3 HOH 155 355 108 HOH HOH B . 
C 3 HOH 156 356 110 HOH HOH B . 
C 3 HOH 157 357 113 HOH HOH B . 
C 3 HOH 158 358 121 HOH HOH B . 
C 3 HOH 159 359 123 HOH HOH B . 
C 3 HOH 160 360 128 HOH HOH B . 
C 3 HOH 161 361 130 HOH HOH B . 
C 3 HOH 162 362 134 HOH HOH B . 
C 3 HOH 163 363 142 HOH HOH B . 
C 3 HOH 164 364 143 HOH HOH B . 
C 3 HOH 165 365 146 HOH HOH B . 
C 3 HOH 166 366 148 HOH HOH B . 
C 3 HOH 167 367 149 HOH HOH B . 
C 3 HOH 168 368 152 HOH HOH B . 
C 3 HOH 169 369 153 HOH HOH B . 
C 3 HOH 170 370 154 HOH HOH B . 
C 3 HOH 171 371 156 HOH HOH B . 
C 3 HOH 172 372 159 HOH HOH B . 
C 3 HOH 173 373 160 HOH HOH B . 
C 3 HOH 174 374 166 HOH HOH B . 
C 3 HOH 175 375 170 HOH HOH B . 
C 3 HOH 176 376 171 HOH HOH B . 
C 3 HOH 177 377 173 HOH HOH B . 
C 3 HOH 178 378 175 HOH HOH B . 
C 3 HOH 179 379 181 HOH HOH B . 
C 3 HOH 180 380 183 HOH HOH B . 
C 3 HOH 181 381 185 HOH HOH B . 
C 3 HOH 182 382 190 HOH HOH B . 
C 3 HOH 183 383 192 HOH HOH B . 
C 3 HOH 184 384 193 HOH HOH B . 
C 3 HOH 185 385 195 HOH HOH B . 
C 3 HOH 186 386 197 HOH HOH B . 
C 3 HOH 187 387 198 HOH HOH B . 
C 3 HOH 188 388 200 HOH HOH B . 
C 3 HOH 189 389 204 HOH HOH B . 
C 3 HOH 190 390 206 HOH HOH B . 
C 3 HOH 191 391 207 HOH HOH B . 
C 3 HOH 192 392 208 HOH HOH B . 
C 3 HOH 193 393 210 HOH HOH B . 
D 3 HOH 1   401 118 HOH HOH A . 
D 3 HOH 2   402 47  HOH HOH A . 
D 3 HOH 3   403 67  HOH HOH A . 
D 3 HOH 4   404 24  HOH HOH A . 
D 3 HOH 5   405 29  HOH HOH A . 
D 3 HOH 6   406 157 HOH HOH A . 
D 3 HOH 7   407 138 HOH HOH A . 
D 3 HOH 8   408 136 HOH HOH A . 
D 3 HOH 9   409 209 HOH HOH A . 
D 3 HOH 10  410 140 HOH HOH A . 
D 3 HOH 11  411 80  HOH HOH A . 
D 3 HOH 12  412 75  HOH HOH A . 
D 3 HOH 13  413 165 HOH HOH A . 
D 3 HOH 14  414 177 HOH HOH A . 
D 3 HOH 15  415 178 HOH HOH A . 
D 3 HOH 16  416 179 HOH HOH A . 
D 3 HOH 17  417 186 HOH HOH A . 
# 
loop_
_pdbx_unobs_or_zero_occ_atoms.id 
_pdbx_unobs_or_zero_occ_atoms.PDB_model_num 
_pdbx_unobs_or_zero_occ_atoms.polymer_flag 
_pdbx_unobs_or_zero_occ_atoms.occupancy_flag 
_pdbx_unobs_or_zero_occ_atoms.auth_asym_id 
_pdbx_unobs_or_zero_occ_atoms.auth_comp_id 
_pdbx_unobs_or_zero_occ_atoms.auth_seq_id 
_pdbx_unobs_or_zero_occ_atoms.PDB_ins_code 
_pdbx_unobs_or_zero_occ_atoms.auth_atom_id 
_pdbx_unobs_or_zero_occ_atoms.label_alt_id 
_pdbx_unobs_or_zero_occ_atoms.label_asym_id 
_pdbx_unobs_or_zero_occ_atoms.label_comp_id 
_pdbx_unobs_or_zero_occ_atoms.label_seq_id 
_pdbx_unobs_or_zero_occ_atoms.label_atom_id 
1  1 Y 1 B LYS 15  ? CE  ? A LYS 16  CE  
2  1 Y 1 B GLN 18  ? NE2 ? A GLN 19  NE2 
3  1 Y 1 B ARG 22  ? CG  ? A ARG 23  CG  
4  1 Y 1 B ARG 22  ? CD  ? A ARG 23  CD  
5  1 Y 1 B ARG 22  ? CZ  ? A ARG 23  CZ  
6  1 Y 1 B GLN 25  ? CD  ? A GLN 26  CD  
7  1 Y 1 B LYS 29  ? CD  ? A LYS 30  CD  
8  1 Y 1 B LYS 29  ? CE  ? A LYS 30  CE  
9  1 Y 1 B ARG 30  ? CG  ? A ARG 31  CG  
10 1 Y 1 B ARG 30  ? NE  ? A ARG 31  NE  
11 1 Y 1 B LYS 52  ? CE  ? A LYS 53  CE  
12 1 Y 1 B GLU 55  ? CG  ? A GLU 56  CG  
13 1 Y 1 B GLU 55  ? CD  ? A GLU 56  CD  
14 1 Y 1 B ARG 57  ? CD  ? A ARG 58  CD  
15 1 Y 1 B ARG 57  ? NE  ? A ARG 58  NE  
16 1 Y 1 B ARG 57  ? CZ  ? A ARG 58  CZ  
17 1 Y 1 B ARG 57  ? NH1 ? A ARG 58  NH1 
18 1 Y 1 B LYS 58  ? CD  ? A LYS 59  CD  
19 1 Y 1 B LYS 58  ? CE  ? A LYS 59  CE  
20 1 Y 1 B LYS 62  ? NZ  ? A LYS 63  NZ  
21 1 Y 1 B LYS 71  ? CE  ? A LYS 72  CE  
22 1 Y 1 B GLN 82  ? NE2 ? A GLN 83  NE2 
23 1 Y 1 B GLU 83  ? CG  ? A GLU 84  CG  
24 1 Y 1 B GLU 83  ? CD  ? A GLU 84  CD  
25 1 Y 1 B LYS 112 ? CG  ? A LYS 113 CG  
26 1 Y 1 B LYS 112 ? CE  ? A LYS 113 CE  
27 1 Y 1 B ASN 113 ? OD1 ? A ASN 114 OD1 
28 1 Y 1 B LYS 116 ? CD  ? A LYS 117 CD  
29 1 Y 1 B LYS 116 ? CE  ? A LYS 117 CE  
30 1 Y 1 B GLU 133 ? CD  ? A GLU 134 CD  
31 1 Y 1 B LYS 140 ? CD  ? A LYS 141 CD  
32 1 Y 1 B LYS 140 ? NZ  ? A LYS 141 NZ  
33 1 Y 1 B LYS 157 ? CG  ? A LYS 158 CG  
34 1 Y 1 B LYS 157 ? CD  ? A LYS 158 CD  
35 1 Y 1 B LYS 157 ? NZ  ? A LYS 158 NZ  
36 1 Y 1 B GLU 160 ? CD  ? A GLU 161 CD  
37 1 Y 1 A ASP 320 ? CB  ? B ASP 9   CB  
38 1 Y 1 A ASP 320 ? CG  ? B ASP 9   CG  
39 1 Y 1 A ASP 320 ? OD1 ? B ASP 9   OD1 
40 1 Y 1 A ASP 320 ? OD2 ? B ASP 9   OD2 
41 1 Y 1 A LYS 332 ? NZ  ? B LYS 21  NZ  
42 1 Y 1 A LYS 333 ? CG  ? B LYS 22  CG  
43 1 Y 1 A LYS 333 ? CD  ? B LYS 22  CD  
44 1 Y 1 A LYS 333 ? CE  ? B LYS 22  CE  
45 1 Y 1 A LYS 333 ? NZ  ? B LYS 22  NZ  
# 
loop_
_software.citation_id 
_software.classification 
_software.compiler_name 
_software.compiler_version 
_software.contact_author 
_software.contact_author_email 
_software.date 
_software.description 
_software.dependencies 
_software.hardware 
_software.language 
_software.location 
_software.mods 
_software.name 
_software.os 
_software.os_version 
_software.type 
_software.version 
_software.pdbx_ordinal 
? 'data scaling' ? ? ? ? ? ? ? ? ? ? ? HKL-2000 ? ? ? .                           1 
? phasing        ? ? ? ? ? ? ? ? ? ? ? PHASER   ? ? ? .                           2 
? refinement     ? ? ? ? ? ? ? ? ? ? ? PHENIX   ? ? ? '(phenix.refine: dev_1593)' 3 
# 
_cell.entry_id           4U7E 
_cell.length_a           32.315 
_cell.length_b           65.578 
_cell.length_c           78.539 
_cell.angle_alpha        90.00 
_cell.angle_beta         90.00 
_cell.angle_gamma        90.00 
_cell.Z_PDB              4 
_cell.pdbx_unique_axis   ? 
# 
_symmetry.entry_id                         4U7E 
_symmetry.cell_setting                     ? 
_symmetry.Int_Tables_number                19 
_symmetry.space_group_name_Hall            ? 
_symmetry.space_group_name_H-M             'P 21 21 21' 
_symmetry.pdbx_full_space_group_name_H-M   ? 
# 
_exptl.absorpt_coefficient_mu     ? 
_exptl.absorpt_correction_T_max   ? 
_exptl.absorpt_correction_T_min   ? 
_exptl.absorpt_correction_type    ? 
_exptl.absorpt_process_details    ? 
_exptl.entry_id                   4U7E 
_exptl.crystals_number            1 
_exptl.details                    ? 
_exptl.method                     'X-RAY DIFFRACTION' 
_exptl.method_details             ? 
# 
_exptl_crystal.colour                      ? 
_exptl_crystal.density_diffrn              ? 
_exptl_crystal.density_Matthews            1.91 
_exptl_crystal.density_method              ? 
_exptl_crystal.density_percent_sol         35.55 
_exptl_crystal.description                 ? 
_exptl_crystal.F_000                       ? 
_exptl_crystal.id                          1 
_exptl_crystal.preparation                 ? 
_exptl_crystal.size_max                    ? 
_exptl_crystal.size_mid                    ? 
_exptl_crystal.size_min                    ? 
_exptl_crystal.size_rad                    ? 
_exptl_crystal.colour_lustre               ? 
_exptl_crystal.colour_modifier             ? 
_exptl_crystal.colour_primary              ? 
_exptl_crystal.density_meas                ? 
_exptl_crystal.density_meas_esd            ? 
_exptl_crystal.density_meas_gt             ? 
_exptl_crystal.density_meas_lt             ? 
_exptl_crystal.density_meas_temp           ? 
_exptl_crystal.density_meas_temp_esd       ? 
_exptl_crystal.density_meas_temp_gt        ? 
_exptl_crystal.density_meas_temp_lt        ? 
_exptl_crystal.pdbx_crystal_image_url      ? 
_exptl_crystal.pdbx_crystal_image_format   ? 
_exptl_crystal.pdbx_mosaicity              ? 
_exptl_crystal.pdbx_mosaicity_esd          ? 
# 
_exptl_crystal_grow.apparatus       ? 
_exptl_crystal_grow.atmosphere      ? 
_exptl_crystal_grow.crystal_id      1 
_exptl_crystal_grow.details         ? 
_exptl_crystal_grow.method          'VAPOR DIFFUSION, SITTING DROP' 
_exptl_crystal_grow.method_ref      ? 
_exptl_crystal_grow.pH              7.0 
_exptl_crystal_grow.pressure        ? 
_exptl_crystal_grow.pressure_esd    ? 
_exptl_crystal_grow.seeding         ? 
_exptl_crystal_grow.seeding_ref     ? 
_exptl_crystal_grow.temp            277.15 
_exptl_crystal_grow.temp_details    ? 
_exptl_crystal_grow.temp_esd        ? 
_exptl_crystal_grow.time            ? 
_exptl_crystal_grow.pdbx_details    '30% (w/v) PEG5000MME, 0.1 M ammonium sulfate , 0.1 M MES' 
_exptl_crystal_grow.pdbx_pH_range   7.0 
# 
_diffrn.ambient_environment    ? 
_diffrn.ambient_temp           100 
_diffrn.ambient_temp_details   ? 
_diffrn.ambient_temp_esd       ? 
_diffrn.crystal_id             1 
_diffrn.crystal_support        ? 
_diffrn.crystal_treatment      ? 
_diffrn.details                ? 
_diffrn.id                     1 
_diffrn.ambient_pressure       ? 
_diffrn.ambient_pressure_esd   ? 
_diffrn.ambient_pressure_gt    ? 
_diffrn.ambient_pressure_lt    ? 
_diffrn.ambient_temp_gt        ? 
_diffrn.ambient_temp_lt        ? 
# 
_diffrn_detector.details                      ? 
_diffrn_detector.detector                     CCD 
_diffrn_detector.diffrn_id                    1 
_diffrn_detector.type                         'MARMOSAIC 225 mm CCD' 
_diffrn_detector.area_resol_mean              ? 
_diffrn_detector.dtime                        ? 
_diffrn_detector.pdbx_frames_total            ? 
_diffrn_detector.pdbx_collection_time_total   ? 
_diffrn_detector.pdbx_collection_date         2014-02-19 
# 
_diffrn_radiation.collimation                      ? 
_diffrn_radiation.diffrn_id                        1 
_diffrn_radiation.filter_edge                      ? 
_diffrn_radiation.inhomogeneity                    ? 
_diffrn_radiation.monochromator                    ? 
_diffrn_radiation.polarisn_norm                    ? 
_diffrn_radiation.polarisn_ratio                   ? 
_diffrn_radiation.probe                            ? 
_diffrn_radiation.type                             ? 
_diffrn_radiation.xray_symbol                      ? 
_diffrn_radiation.wavelength_id                    1 
_diffrn_radiation.pdbx_monochromatic_or_laue_m_l   M 
_diffrn_radiation.pdbx_wavelength_list             ? 
_diffrn_radiation.pdbx_wavelength                  ? 
_diffrn_radiation.pdbx_diffrn_protocol             'SINGLE WAVELENGTH' 
_diffrn_radiation.pdbx_analyzer                    ? 
_diffrn_radiation.pdbx_scattering_type             x-ray 
# 
_diffrn_radiation_wavelength.id           1 
_diffrn_radiation_wavelength.wavelength   0.97872 
_diffrn_radiation_wavelength.wt           1.0 
# 
_diffrn_source.current                     ? 
_diffrn_source.details                     ? 
_diffrn_source.diffrn_id                   1 
_diffrn_source.power                       ? 
_diffrn_source.size                        ? 
_diffrn_source.source                      SYNCHROTRON 
_diffrn_source.target                      ? 
_diffrn_source.type                        'APS BEAMLINE 21-ID-F' 
_diffrn_source.voltage                     ? 
_diffrn_source.take-off_angle              ? 
_diffrn_source.pdbx_wavelength_list        0.97872 
_diffrn_source.pdbx_wavelength             ? 
_diffrn_source.pdbx_synchrotron_beamline   21-ID-F 
_diffrn_source.pdbx_synchrotron_site       APS 
# 
_reflns.B_iso_Wilson_estimate            ? 
_reflns.entry_id                         4U7E 
_reflns.data_reduction_details           ? 
_reflns.data_reduction_method            ? 
_reflns.d_resolution_high                1.6 
_reflns.d_resolution_low                 33.69 
_reflns.details                          ? 
_reflns.limit_h_max                      ? 
_reflns.limit_h_min                      ? 
_reflns.limit_k_max                      ? 
_reflns.limit_k_min                      ? 
_reflns.limit_l_max                      ? 
_reflns.limit_l_min                      ? 
_reflns.number_all                       ? 
_reflns.number_obs                       22717 
_reflns.observed_criterion               ? 
_reflns.observed_criterion_F_max         ? 
_reflns.observed_criterion_F_min         ? 
_reflns.observed_criterion_I_max         ? 
_reflns.observed_criterion_I_min         ? 
_reflns.observed_criterion_sigma_F       ? 
_reflns.observed_criterion_sigma_I       ? 
_reflns.percent_possible_obs             99.8 
_reflns.R_free_details                   ? 
_reflns.Rmerge_F_all                     ? 
_reflns.Rmerge_F_obs                     ? 
_reflns.Friedel_coverage                 ? 
_reflns.number_gt                        ? 
_reflns.threshold_expression             ? 
_reflns.pdbx_redundancy                  7.1 
_reflns.pdbx_Rmerge_I_obs                0.060 
_reflns.pdbx_Rmerge_I_all                ? 
_reflns.pdbx_Rsym_value                  ? 
_reflns.pdbx_netI_over_av_sigmaI         ? 
_reflns.pdbx_netI_over_sigmaI            27.5 
_reflns.pdbx_res_netI_over_av_sigmaI_2   ? 
_reflns.pdbx_res_netI_over_sigmaI_2      ? 
_reflns.pdbx_chi_squared                 ? 
_reflns.pdbx_scaling_rejects             ? 
_reflns.pdbx_d_res_high_opt              ? 
_reflns.pdbx_d_res_low_opt               ? 
_reflns.pdbx_d_res_opt_method            ? 
_reflns.phase_calculation_details        ? 
_reflns.pdbx_Rrim_I_all                  ? 
_reflns.pdbx_Rpim_I_all                  ? 
_reflns.pdbx_d_opt                       ? 
_reflns.pdbx_number_measured_all         ? 
_reflns.pdbx_diffrn_id                   1 
_reflns.pdbx_ordinal                     1 
_reflns.pdbx_CC_half                     ? 
_reflns.pdbx_R_split                     ? 
# 
_reflns_shell.d_res_high                  . 
_reflns_shell.d_res_low                   ? 
_reflns_shell.meanI_over_sigI_all         ? 
_reflns_shell.meanI_over_sigI_obs         4.1 
_reflns_shell.number_measured_all         ? 
_reflns_shell.number_measured_obs         ? 
_reflns_shell.number_possible             ? 
_reflns_shell.number_unique_all           ? 
_reflns_shell.number_unique_obs           ? 
_reflns_shell.percent_possible_all        99.4 
_reflns_shell.percent_possible_obs        ? 
_reflns_shell.Rmerge_F_all                ? 
_reflns_shell.Rmerge_F_obs                ? 
_reflns_shell.Rmerge_I_all                ? 
_reflns_shell.Rmerge_I_obs                0.370 
_reflns_shell.meanI_over_sigI_gt          ? 
_reflns_shell.meanI_over_uI_all           ? 
_reflns_shell.meanI_over_uI_gt            ? 
_reflns_shell.number_measured_gt          ? 
_reflns_shell.number_unique_gt            ? 
_reflns_shell.percent_possible_gt         ? 
_reflns_shell.Rmerge_F_gt                 ? 
_reflns_shell.Rmerge_I_gt                 ? 
_reflns_shell.pdbx_redundancy             7.0 
_reflns_shell.pdbx_Rsym_value             ? 
_reflns_shell.pdbx_chi_squared            ? 
_reflns_shell.pdbx_netI_over_sigmaI_all   ? 
_reflns_shell.pdbx_netI_over_sigmaI_obs   ? 
_reflns_shell.pdbx_Rrim_I_all             ? 
_reflns_shell.pdbx_Rpim_I_all             ? 
_reflns_shell.pdbx_rejects                ? 
_reflns_shell.pdbx_ordinal                1 
_reflns_shell.pdbx_diffrn_id              1 
_reflns_shell.pdbx_CC_half                ? 
_reflns_shell.pdbx_R_split                ? 
# 
_refine.aniso_B[1][1]                            ? 
_refine.aniso_B[1][2]                            ? 
_refine.aniso_B[1][3]                            ? 
_refine.aniso_B[2][2]                            ? 
_refine.aniso_B[2][3]                            ? 
_refine.aniso_B[3][3]                            ? 
_refine.B_iso_max                                ? 
_refine.B_iso_mean                               ? 
_refine.B_iso_min                                ? 
_refine.correlation_coeff_Fo_to_Fc               ? 
_refine.correlation_coeff_Fo_to_Fc_free          ? 
_refine.details                                  ? 
_refine.diff_density_max                         ? 
_refine.diff_density_max_esd                     ? 
_refine.diff_density_min                         ? 
_refine.diff_density_min_esd                     ? 
_refine.diff_density_rms                         ? 
_refine.diff_density_rms_esd                     ? 
_refine.entry_id                                 4U7E 
_refine.pdbx_refine_id                           'X-RAY DIFFRACTION' 
_refine.ls_abs_structure_details                 ? 
_refine.ls_abs_structure_Flack                   ? 
_refine.ls_abs_structure_Flack_esd               ? 
_refine.ls_abs_structure_Rogers                  ? 
_refine.ls_abs_structure_Rogers_esd              ? 
_refine.ls_d_res_high                            1.600 
_refine.ls_d_res_low                             33.69 
_refine.ls_extinction_coef                       ? 
_refine.ls_extinction_coef_esd                   ? 
_refine.ls_extinction_expression                 ? 
_refine.ls_extinction_method                     ? 
_refine.ls_goodness_of_fit_all                   ? 
_refine.ls_goodness_of_fit_all_esd               ? 
_refine.ls_goodness_of_fit_obs                   ? 
_refine.ls_goodness_of_fit_obs_esd               ? 
_refine.ls_hydrogen_treatment                    ? 
_refine.ls_matrix_type                           ? 
_refine.ls_number_constraints                    ? 
_refine.ls_number_parameters                     ? 
_refine.ls_number_reflns_all                     ? 
_refine.ls_number_reflns_obs                     22717 
_refine.ls_number_reflns_R_free                  1143 
_refine.ls_number_reflns_R_work                  ? 
_refine.ls_number_restraints                     ? 
_refine.ls_percent_reflns_obs                    99.78 
_refine.ls_percent_reflns_R_free                 5.03 
_refine.ls_R_factor_all                          ? 
_refine.ls_R_factor_obs                          0.1787 
_refine.ls_R_factor_R_free                       0.2008 
_refine.ls_R_factor_R_free_error                 ? 
_refine.ls_R_factor_R_free_error_details         ? 
_refine.ls_R_factor_R_work                       0.1775 
_refine.ls_R_Fsqd_factor_obs                     ? 
_refine.ls_R_I_factor_obs                        ? 
_refine.ls_redundancy_reflns_all                 ? 
_refine.ls_redundancy_reflns_obs                 ? 
_refine.ls_restrained_S_all                      ? 
_refine.ls_restrained_S_obs                      ? 
_refine.ls_shift_over_esd_max                    ? 
_refine.ls_shift_over_esd_mean                   ? 
_refine.ls_structure_factor_coef                 ? 
_refine.ls_weighting_details                     ? 
_refine.ls_weighting_scheme                      ? 
_refine.ls_wR_factor_all                         ? 
_refine.ls_wR_factor_obs                         ? 
_refine.ls_wR_factor_R_free                      ? 
_refine.ls_wR_factor_R_work                      ? 
_refine.occupancy_max                            ? 
_refine.occupancy_min                            ? 
_refine.solvent_model_details                    'FLAT BULK SOLVENT MODEL' 
_refine.solvent_model_param_bsol                 ? 
_refine.solvent_model_param_ksol                 ? 
_refine.ls_R_factor_gt                           ? 
_refine.ls_goodness_of_fit_gt                    ? 
_refine.ls_goodness_of_fit_ref                   ? 
_refine.ls_shift_over_su_max                     ? 
_refine.ls_shift_over_su_max_lt                  ? 
_refine.ls_shift_over_su_mean                    ? 
_refine.ls_shift_over_su_mean_lt                 ? 
_refine.pdbx_ls_sigma_I                          ? 
_refine.pdbx_ls_sigma_F                          1.36 
_refine.pdbx_ls_sigma_Fsqd                       ? 
_refine.pdbx_data_cutoff_high_absF               ? 
_refine.pdbx_data_cutoff_high_rms_absF           ? 
_refine.pdbx_data_cutoff_low_absF                ? 
_refine.pdbx_isotropic_thermal_model             ? 
_refine.pdbx_ls_cross_valid_method               NONE 
_refine.pdbx_method_to_determine_struct          'MOLECULAR REPLACEMENT' 
_refine.pdbx_starting_model                      ? 
_refine.pdbx_stereochemistry_target_values       ML 
_refine.pdbx_R_Free_selection_details            ? 
_refine.pdbx_stereochem_target_val_spec_case     ? 
_refine.pdbx_overall_ESU_R                       ? 
_refine.pdbx_overall_ESU_R_Free                  ? 
_refine.pdbx_solvent_vdw_probe_radii             1.11 
_refine.pdbx_solvent_ion_probe_radii             ? 
_refine.pdbx_solvent_shrinkage_radii             0.90 
_refine.pdbx_real_space_R                        ? 
_refine.pdbx_density_correlation                 ? 
_refine.pdbx_pd_number_of_powder_patterns        ? 
_refine.pdbx_pd_number_of_points                 ? 
_refine.pdbx_pd_meas_number_of_points            ? 
_refine.pdbx_pd_proc_ls_prof_R_factor            ? 
_refine.pdbx_pd_proc_ls_prof_wR_factor           ? 
_refine.pdbx_pd_Marquardt_correlation_coeff      ? 
_refine.pdbx_pd_Fsqrd_R_factor                   ? 
_refine.pdbx_pd_ls_matrix_band_width             ? 
_refine.pdbx_overall_phase_error                 20.14 
_refine.pdbx_overall_SU_R_free_Cruickshank_DPI   ? 
_refine.pdbx_overall_SU_R_free_Blow_DPI          ? 
_refine.pdbx_overall_SU_R_Blow_DPI               ? 
_refine.pdbx_TLS_residual_ADP_flag               ? 
_refine.pdbx_diffrn_id                           1 
_refine.overall_SU_B                             ? 
_refine.overall_SU_ML                            0.15 
_refine.overall_SU_R_Cruickshank_DPI             ? 
_refine.overall_SU_R_free                        ? 
_refine.overall_FOM_free_R_set                   ? 
_refine.overall_FOM_work_R_set                   ? 
# 
_refine_hist.pdbx_refine_id                   'X-RAY DIFFRACTION' 
_refine_hist.cycle_id                         LAST 
_refine_hist.pdbx_number_atoms_protein        1397 
_refine_hist.pdbx_number_atoms_nucleic_acid   0 
_refine_hist.pdbx_number_atoms_ligand         0 
_refine_hist.number_atoms_solvent             210 
_refine_hist.number_atoms_total               1607 
_refine_hist.d_res_high                       1.600 
_refine_hist.d_res_low                        33.69 
# 
loop_
_refine_ls_restr.pdbx_refine_id 
_refine_ls_restr.criterion 
_refine_ls_restr.dev_ideal 
_refine_ls_restr.dev_ideal_target 
_refine_ls_restr.number 
_refine_ls_restr.rejects 
_refine_ls_restr.type 
_refine_ls_restr.weight 
_refine_ls_restr.pdbx_restraint_function 
'X-RAY DIFFRACTION' ? 0.009  ? 1401 ? f_bond_d           ? ? 
'X-RAY DIFFRACTION' ? 1.283  ? 1894 ? f_angle_d          ? ? 
'X-RAY DIFFRACTION' ? 10.478 ? 502  ? f_dihedral_angle_d ? ? 
'X-RAY DIFFRACTION' ? 0.053  ? 212  ? f_chiral_restr     ? ? 
'X-RAY DIFFRACTION' ? 0.007  ? 243  ? f_plane_restr      ? ? 
# 
loop_
_refine_ls_shell.pdbx_refine_id 
_refine_ls_shell.d_res_high 
_refine_ls_shell.d_res_low 
_refine_ls_shell.number_reflns_all 
_refine_ls_shell.number_reflns_obs 
_refine_ls_shell.number_reflns_R_free 
_refine_ls_shell.number_reflns_R_work 
_refine_ls_shell.percent_reflns_obs 
_refine_ls_shell.percent_reflns_R_free 
_refine_ls_shell.R_factor_all 
_refine_ls_shell.R_factor_obs 
_refine_ls_shell.R_factor_R_free 
_refine_ls_shell.R_factor_R_free_error 
_refine_ls_shell.R_factor_R_work 
_refine_ls_shell.redundancy_reflns_all 
_refine_ls_shell.redundancy_reflns_obs 
_refine_ls_shell.wR_factor_all 
_refine_ls_shell.wR_factor_obs 
_refine_ls_shell.wR_factor_R_free 
_refine_ls_shell.wR_factor_R_work 
_refine_ls_shell.pdbx_total_number_of_bins_used 
_refine_ls_shell.pdbx_phase_error 
'X-RAY DIFFRACTION' 1.6    1.6724 . . 132 2608 99.00  . . . 0.2280 . 0.1810 . . . . . . . . 
'X-RAY DIFFRACTION' 1.6724 1.7605 . . 149 2641 100.00 . . . 0.2145 . 0.1833 . . . . . . . . 
'X-RAY DIFFRACTION' 1.7605 1.8708 . . 133 2664 100.00 . . . 0.2381 . 0.1835 . . . . . . . . 
'X-RAY DIFFRACTION' 1.8708 2.0153 . . 132 2702 100.00 . . . 0.2194 . 0.1762 . . . . . . . . 
'X-RAY DIFFRACTION' 2.0153 2.2180 . . 145 2655 100.00 . . . 0.2053 . 0.1689 . . . . . . . . 
'X-RAY DIFFRACTION' 2.2180 2.5389 . . 147 2706 100.00 . . . 0.1988 . 0.1780 . . . . . . . . 
'X-RAY DIFFRACTION' 2.5389 3.1983 . . 152 2731 100.00 . . . 0.1930 . 0.1831 . . . . . . . . 
'X-RAY DIFFRACTION' 3.1983 33.69  . . 153 2867 100.00 . . . 0.1883 . 0.1747 . . . . . . . . 
# 
_struct.entry_id                     4U7E 
_struct.title                        'The crystal structure of the complex of LIP5 NTD and IST1 MIM' 
_struct.pdbx_model_details           ? 
_struct.pdbx_formula_weight          ? 
_struct.pdbx_formula_weight_method   ? 
_struct.pdbx_model_type_details      ? 
_struct.pdbx_CASP_flag               ? 
# 
_struct_keywords.entry_id        4U7E 
_struct_keywords.text            'Complex, MIM1, PROTEIN TRANSPORT' 
_struct_keywords.pdbx_keywords   'PROTEIN TRANSPORT' 
# 
loop_
_struct_asym.id 
_struct_asym.pdbx_blank_PDB_chainid_flag 
_struct_asym.pdbx_modified 
_struct_asym.entity_id 
_struct_asym.details 
A N N 1 ? 
B N N 2 ? 
C N N 3 ? 
D N N 3 ? 
# 
loop_
_struct_ref.id 
_struct_ref.db_name 
_struct_ref.db_code 
_struct_ref.pdbx_db_accession 
_struct_ref.entity_id 
_struct_ref.pdbx_seq_one_letter_code 
_struct_ref.pdbx_align_begin 
_struct_ref.pdbx_db_isoform 
1 UNP VTA1_HUMAN Q9NP79 1 
;MAALAPLPPLPAQFKSIQHHLRTAQEHDKRDPVVAYYCRLYAMQTGMKIDSKTPECRKFLSKLMDQLEALKKQLGDNEAI
TQEIVGCAHLENYALKMFLYADNEDRAGRFHKNMIKSFYTASLLIDVITVFGELTDENVKHRKYARWKATYIHNCLKNGE
TP
;
1   ? 
2 UNP IST1_HUMAN P53990 2 STSASEDIDFDDLSRRFEELKKKT 341 ? 
# 
loop_
_struct_ref_seq.align_id 
_struct_ref_seq.ref_id 
_struct_ref_seq.pdbx_PDB_id_code 
_struct_ref_seq.pdbx_strand_id 
_struct_ref_seq.seq_align_beg 
_struct_ref_seq.pdbx_seq_align_beg_ins_code 
_struct_ref_seq.seq_align_end 
_struct_ref_seq.pdbx_seq_align_end_ins_code 
_struct_ref_seq.pdbx_db_accession 
_struct_ref_seq.db_align_beg 
_struct_ref_seq.pdbx_db_align_beg_ins_code 
_struct_ref_seq.db_align_end 
_struct_ref_seq.pdbx_db_align_end_ins_code 
_struct_ref_seq.pdbx_auth_seq_align_beg 
_struct_ref_seq.pdbx_auth_seq_align_end 
1 1 4U7E B 2 ? 163 ? Q9NP79 1   ? 162 ? 1   162 
2 2 4U7E A 1 ? 24  ? P53990 341 ? 364 ? 312 335 
# 
loop_
_struct_ref_seq_dif.align_id 
_struct_ref_seq_dif.pdbx_pdb_id_code 
_struct_ref_seq_dif.mon_id 
_struct_ref_seq_dif.pdbx_pdb_strand_id 
_struct_ref_seq_dif.seq_num 
_struct_ref_seq_dif.pdbx_pdb_ins_code 
_struct_ref_seq_dif.pdbx_seq_db_name 
_struct_ref_seq_dif.pdbx_seq_db_accession_code 
_struct_ref_seq_dif.db_mon_id 
_struct_ref_seq_dif.pdbx_seq_db_seq_num 
_struct_ref_seq_dif.details 
_struct_ref_seq_dif.pdbx_auth_seq_num 
_struct_ref_seq_dif.pdbx_ordinal 
1 4U7E SER B 1  ? UNP Q9NP79 ? ? 'expression tag' 0   1 
2 4U7E TRP A 25 ? UNP P53990 ? ? 'expression tag' 336 2 
# 
_pdbx_struct_assembly.id                   1 
_pdbx_struct_assembly.details              author_and_software_defined_assembly 
_pdbx_struct_assembly.method_details       PISA 
_pdbx_struct_assembly.oligomeric_details   dimeric 
_pdbx_struct_assembly.oligomeric_count     2 
# 
loop_
_pdbx_struct_assembly_prop.biol_id 
_pdbx_struct_assembly_prop.type 
_pdbx_struct_assembly_prop.value 
_pdbx_struct_assembly_prop.details 
1 'ABSA (A^2)' 1090  ? 
1 MORE         -5    ? 
1 'SSA (A^2)'  10090 ? 
# 
_pdbx_struct_assembly_gen.assembly_id       1 
_pdbx_struct_assembly_gen.oper_expression   1 
_pdbx_struct_assembly_gen.asym_id_list      A,B,C,D 
# 
_pdbx_struct_oper_list.id                   1 
_pdbx_struct_oper_list.type                 'identity operation' 
_pdbx_struct_oper_list.name                 1_555 
_pdbx_struct_oper_list.symmetry_operation   x,y,z 
_pdbx_struct_oper_list.matrix[1][1]         1.0000000000 
_pdbx_struct_oper_list.matrix[1][2]         0.0000000000 
_pdbx_struct_oper_list.matrix[1][3]         0.0000000000 
_pdbx_struct_oper_list.vector[1]            0.0000000000 
_pdbx_struct_oper_list.matrix[2][1]         0.0000000000 
_pdbx_struct_oper_list.matrix[2][2]         1.0000000000 
_pdbx_struct_oper_list.matrix[2][3]         0.0000000000 
_pdbx_struct_oper_list.vector[2]            0.0000000000 
_pdbx_struct_oper_list.matrix[3][1]         0.0000000000 
_pdbx_struct_oper_list.matrix[3][2]         0.0000000000 
_pdbx_struct_oper_list.matrix[3][3]         1.0000000000 
_pdbx_struct_oper_list.vector[3]            0.0000000000 
# 
loop_
_struct_conf.conf_type_id 
_struct_conf.id 
_struct_conf.pdbx_PDB_helix_id 
_struct_conf.beg_label_comp_id 
_struct_conf.beg_label_asym_id 
_struct_conf.beg_label_seq_id 
_struct_conf.pdbx_beg_PDB_ins_code 
_struct_conf.end_label_comp_id 
_struct_conf.end_label_asym_id 
_struct_conf.end_label_seq_id 
_struct_conf.pdbx_end_PDB_ins_code 
_struct_conf.beg_auth_comp_id 
_struct_conf.beg_auth_asym_id 
_struct_conf.beg_auth_seq_id 
_struct_conf.end_auth_comp_id 
_struct_conf.end_auth_asym_id 
_struct_conf.end_auth_seq_id 
_struct_conf.pdbx_PDB_helix_class 
_struct_conf.details 
_struct_conf.pdbx_PDB_helix_length 
HELX_P HELX_P1  AA1 MET A 2   ? ALA A 6   ? MET B 1   ALA B 5   5 ? 5  
HELX_P HELX_P2  AA2 PRO A 12  ? SER A 17  ? PRO B 11  SER B 16  5 ? 6  
HELX_P HELX_P3  AA3 ILE A 18  ? HIS A 28  ? ILE B 17  HIS B 27  1 ? 11 
HELX_P HELX_P4  AA4 ASP A 32  ? ASP A 51  ? ASP B 31  ASP B 50  1 ? 20 
HELX_P HELX_P5  AA5 THR A 54  ? GLY A 76  ? THR B 53  GLY B 75  1 ? 23 
HELX_P HELX_P6  AA6 ASN A 78  ? GLN A 83  ? ASN B 77  GLN B 82  1 ? 6  
HELX_P HELX_P7  AA7 GLN A 83  ? ALA A 108 ? GLN B 82  ALA B 107 1 ? 26 
HELX_P HELX_P8  AA8 HIS A 112 ? ILE A 129 ? HIS B 111 ILE B 128 1 ? 18 
HELX_P HELX_P9  AA9 THR A 130 ? GLY A 133 ? THR B 129 GLY B 132 5 ? 4  
HELX_P HELX_P10 AB1 THR A 136 ? ASN A 159 ? THR B 135 ASN B 158 1 ? 24 
HELX_P HELX_P11 AB2 ASP B 11  ? LYS B 21  ? ASP A 322 LYS A 332 1 ? 11 
# 
_struct_conf_type.id          HELX_P 
_struct_conf_type.criteria    ? 
_struct_conf_type.reference   ? 
# 
loop_
_pdbx_validate_close_contact.id 
_pdbx_validate_close_contact.PDB_model_num 
_pdbx_validate_close_contact.auth_atom_id_1 
_pdbx_validate_close_contact.auth_asym_id_1 
_pdbx_validate_close_contact.auth_comp_id_1 
_pdbx_validate_close_contact.auth_seq_id_1 
_pdbx_validate_close_contact.PDB_ins_code_1 
_pdbx_validate_close_contact.label_alt_id_1 
_pdbx_validate_close_contact.auth_atom_id_2 
_pdbx_validate_close_contact.auth_asym_id_2 
_pdbx_validate_close_contact.auth_comp_id_2 
_pdbx_validate_close_contact.auth_seq_id_2 
_pdbx_validate_close_contact.PDB_ins_code_2 
_pdbx_validate_close_contact.label_alt_id_2 
_pdbx_validate_close_contact.dist 
1  1 O   B HOH 248 ? ? O B HOH 278 ? ? 1.86 
2  1 O   B HOH 293 ? ? O B HOH 306 ? ? 1.98 
3  1 O   B HOH 265 ? ? O B HOH 280 ? ? 2.01 
4  1 O   B HOH 220 ? ? O B HOH 286 ? ? 2.02 
5  1 O   B HOH 255 ? ? O B HOH 307 ? ? 2.03 
6  1 SG  B CYS 155 ? ? O B HOH 282 ? ? 2.11 
7  1 OG  B SER 0   ? ? O B HOH 201 ? ? 2.14 
8  1 O   A HOH 412 ? ? O A HOH 413 ? ? 2.15 
9  1 O   B HOH 365 ? ? O B HOH 391 ? ? 2.16 
10 1 O   B HOH 343 ? ? O B HOH 382 ? ? 2.16 
11 1 NE2 B GLN 25  ? ? O B HOH 331 ? ? 2.17 
12 1 O   B HOH 280 ? ? O B HOH 295 ? ? 2.17 
# 
loop_
_pdbx_validate_symm_contact.id 
_pdbx_validate_symm_contact.PDB_model_num 
_pdbx_validate_symm_contact.auth_atom_id_1 
_pdbx_validate_symm_contact.auth_asym_id_1 
_pdbx_validate_symm_contact.auth_comp_id_1 
_pdbx_validate_symm_contact.auth_seq_id_1 
_pdbx_validate_symm_contact.PDB_ins_code_1 
_pdbx_validate_symm_contact.label_alt_id_1 
_pdbx_validate_symm_contact.site_symmetry_1 
_pdbx_validate_symm_contact.auth_atom_id_2 
_pdbx_validate_symm_contact.auth_asym_id_2 
_pdbx_validate_symm_contact.auth_comp_id_2 
_pdbx_validate_symm_contact.auth_seq_id_2 
_pdbx_validate_symm_contact.PDB_ins_code_2 
_pdbx_validate_symm_contact.label_alt_id_2 
_pdbx_validate_symm_contact.site_symmetry_2 
_pdbx_validate_symm_contact.dist 
1 1 O B HOH 275 ? ? 1_555 O B HOH 296 ? ? 2_454 1.81 
2 1 O B HOH 268 ? ? 1_555 O B HOH 285 ? ? 1_655 2.06 
3 1 O B HOH 259 ? ? 1_555 O B HOH 289 ? ? 4_445 2.10 
4 1 O B HOH 248 ? ? 1_555 O B HOH 291 ? ? 4_445 2.13 
5 1 O B HOH 285 ? ? 1_555 O B HOH 301 ? ? 4_445 2.18 
# 
loop_
_pdbx_validate_rmsd_angle.id 
_pdbx_validate_rmsd_angle.PDB_model_num 
_pdbx_validate_rmsd_angle.auth_atom_id_1 
_pdbx_validate_rmsd_angle.auth_asym_id_1 
_pdbx_validate_rmsd_angle.auth_comp_id_1 
_pdbx_validate_rmsd_angle.auth_seq_id_1 
_pdbx_validate_rmsd_angle.PDB_ins_code_1 
_pdbx_validate_rmsd_angle.label_alt_id_1 
_pdbx_validate_rmsd_angle.auth_atom_id_2 
_pdbx_validate_rmsd_angle.auth_asym_id_2 
_pdbx_validate_rmsd_angle.auth_comp_id_2 
_pdbx_validate_rmsd_angle.auth_seq_id_2 
_pdbx_validate_rmsd_angle.PDB_ins_code_2 
_pdbx_validate_rmsd_angle.label_alt_id_2 
_pdbx_validate_rmsd_angle.auth_atom_id_3 
_pdbx_validate_rmsd_angle.auth_asym_id_3 
_pdbx_validate_rmsd_angle.auth_comp_id_3 
_pdbx_validate_rmsd_angle.auth_seq_id_3 
_pdbx_validate_rmsd_angle.PDB_ins_code_3 
_pdbx_validate_rmsd_angle.label_alt_id_3 
_pdbx_validate_rmsd_angle.angle_value 
_pdbx_validate_rmsd_angle.angle_target_value 
_pdbx_validate_rmsd_angle.angle_deviation 
_pdbx_validate_rmsd_angle.angle_standard_deviation 
_pdbx_validate_rmsd_angle.linker_flag 
1 1 CA B MET 114 ? ? CB B MET 114 ? ? CG B MET 114 ? ? 99.91  113.30 -13.39 1.70 N 
2 1 CB B MET 114 ? ? CG B MET 114 ? ? SD B MET 114 ? ? 136.95 112.40 24.55  3.00 N 
# 
_pdbx_validate_torsion.id              1 
_pdbx_validate_torsion.PDB_model_num   1 
_pdbx_validate_torsion.auth_comp_id    ASP 
_pdbx_validate_torsion.auth_asym_id    B 
_pdbx_validate_torsion.auth_seq_id     50 
_pdbx_validate_torsion.PDB_ins_code    ? 
_pdbx_validate_torsion.label_alt_id    ? 
_pdbx_validate_torsion.phi             -173.12 
_pdbx_validate_torsion.psi             107.69 
# 
loop_
_pdbx_unobs_or_zero_occ_residues.id 
_pdbx_unobs_or_zero_occ_residues.PDB_model_num 
_pdbx_unobs_or_zero_occ_residues.polymer_flag 
_pdbx_unobs_or_zero_occ_residues.occupancy_flag 
_pdbx_unobs_or_zero_occ_residues.auth_asym_id 
_pdbx_unobs_or_zero_occ_residues.auth_comp_id 
_pdbx_unobs_or_zero_occ_residues.auth_seq_id 
_pdbx_unobs_or_zero_occ_residues.PDB_ins_code 
_pdbx_unobs_or_zero_occ_residues.label_asym_id 
_pdbx_unobs_or_zero_occ_residues.label_comp_id 
_pdbx_unobs_or_zero_occ_residues.label_seq_id 
1  1 Y 1 A SER 312 ? B SER 1  
2  1 Y 1 A THR 313 ? B THR 2  
3  1 Y 1 A SER 314 ? B SER 3  
4  1 Y 1 A ALA 315 ? B ALA 4  
5  1 Y 1 A SER 316 ? B SER 5  
6  1 Y 1 A GLU 317 ? B GLU 6  
7  1 Y 1 A ASP 318 ? B ASP 7  
8  1 Y 1 A ILE 319 ? B ILE 8  
9  1 Y 1 A LYS 334 ? B LYS 23 
10 1 Y 1 A THR 335 ? B THR 24 
11 1 Y 1 A TRP 336 ? B TRP 25 
# 
loop_
_chem_comp_atom.comp_id 
_chem_comp_atom.atom_id 
_chem_comp_atom.type_symbol 
_chem_comp_atom.pdbx_aromatic_flag 
_chem_comp_atom.pdbx_stereo_config 
_chem_comp_atom.pdbx_ordinal 
ALA N    N N N 1   
ALA CA   C N S 2   
ALA C    C N N 3   
ALA O    O N N 4   
ALA CB   C N N 5   
ALA OXT  O N N 6   
ALA H    H N N 7   
ALA H2   H N N 8   
ALA HA   H N N 9   
ALA HB1  H N N 10  
ALA HB2  H N N 11  
ALA HB3  H N N 12  
ALA HXT  H N N 13  
ARG N    N N N 14  
ARG CA   C N S 15  
ARG C    C N N 16  
ARG O    O N N 17  
ARG CB   C N N 18  
ARG CG   C N N 19  
ARG CD   C N N 20  
ARG NE   N N N 21  
ARG CZ   C N N 22  
ARG NH1  N N N 23  
ARG NH2  N N N 24  
ARG OXT  O N N 25  
ARG H    H N N 26  
ARG H2   H N N 27  
ARG HA   H N N 28  
ARG HB2  H N N 29  
ARG HB3  H N N 30  
ARG HG2  H N N 31  
ARG HG3  H N N 32  
ARG HD2  H N N 33  
ARG HD3  H N N 34  
ARG HE   H N N 35  
ARG HH11 H N N 36  
ARG HH12 H N N 37  
ARG HH21 H N N 38  
ARG HH22 H N N 39  
ARG HXT  H N N 40  
ASN N    N N N 41  
ASN CA   C N S 42  
ASN C    C N N 43  
ASN O    O N N 44  
ASN CB   C N N 45  
ASN CG   C N N 46  
ASN OD1  O N N 47  
ASN ND2  N N N 48  
ASN OXT  O N N 49  
ASN H    H N N 50  
ASN H2   H N N 51  
ASN HA   H N N 52  
ASN HB2  H N N 53  
ASN HB3  H N N 54  
ASN HD21 H N N 55  
ASN HD22 H N N 56  
ASN HXT  H N N 57  
ASP N    N N N 58  
ASP CA   C N S 59  
ASP C    C N N 60  
ASP O    O N N 61  
ASP CB   C N N 62  
ASP CG   C N N 63  
ASP OD1  O N N 64  
ASP OD2  O N N 65  
ASP OXT  O N N 66  
ASP H    H N N 67  
ASP H2   H N N 68  
ASP HA   H N N 69  
ASP HB2  H N N 70  
ASP HB3  H N N 71  
ASP HD2  H N N 72  
ASP HXT  H N N 73  
CYS N    N N N 74  
CYS CA   C N R 75  
CYS C    C N N 76  
CYS O    O N N 77  
CYS CB   C N N 78  
CYS SG   S N N 79  
CYS OXT  O N N 80  
CYS H    H N N 81  
CYS H2   H N N 82  
CYS HA   H N N 83  
CYS HB2  H N N 84  
CYS HB3  H N N 85  
CYS HG   H N N 86  
CYS HXT  H N N 87  
GLN N    N N N 88  
GLN CA   C N S 89  
GLN C    C N N 90  
GLN O    O N N 91  
GLN CB   C N N 92  
GLN CG   C N N 93  
GLN CD   C N N 94  
GLN OE1  O N N 95  
GLN NE2  N N N 96  
GLN OXT  O N N 97  
GLN H    H N N 98  
GLN H2   H N N 99  
GLN HA   H N N 100 
GLN HB2  H N N 101 
GLN HB3  H N N 102 
GLN HG2  H N N 103 
GLN HG3  H N N 104 
GLN HE21 H N N 105 
GLN HE22 H N N 106 
GLN HXT  H N N 107 
GLU N    N N N 108 
GLU CA   C N S 109 
GLU C    C N N 110 
GLU O    O N N 111 
GLU CB   C N N 112 
GLU CG   C N N 113 
GLU CD   C N N 114 
GLU OE1  O N N 115 
GLU OE2  O N N 116 
GLU OXT  O N N 117 
GLU H    H N N 118 
GLU H2   H N N 119 
GLU HA   H N N 120 
GLU HB2  H N N 121 
GLU HB3  H N N 122 
GLU HG2  H N N 123 
GLU HG3  H N N 124 
GLU HE2  H N N 125 
GLU HXT  H N N 126 
GLY N    N N N 127 
GLY CA   C N N 128 
GLY C    C N N 129 
GLY O    O N N 130 
GLY OXT  O N N 131 
GLY H    H N N 132 
GLY H2   H N N 133 
GLY HA2  H N N 134 
GLY HA3  H N N 135 
GLY HXT  H N N 136 
HIS N    N N N 137 
HIS CA   C N S 138 
HIS C    C N N 139 
HIS O    O N N 140 
HIS CB   C N N 141 
HIS CG   C Y N 142 
HIS ND1  N Y N 143 
HIS CD2  C Y N 144 
HIS CE1  C Y N 145 
HIS NE2  N Y N 146 
HIS OXT  O N N 147 
HIS H    H N N 148 
HIS H2   H N N 149 
HIS HA   H N N 150 
HIS HB2  H N N 151 
HIS HB3  H N N 152 
HIS HD1  H N N 153 
HIS HD2  H N N 154 
HIS HE1  H N N 155 
HIS HE2  H N N 156 
HIS HXT  H N N 157 
HOH O    O N N 158 
HOH H1   H N N 159 
HOH H2   H N N 160 
ILE N    N N N 161 
ILE CA   C N S 162 
ILE C    C N N 163 
ILE O    O N N 164 
ILE CB   C N S 165 
ILE CG1  C N N 166 
ILE CG2  C N N 167 
ILE CD1  C N N 168 
ILE OXT  O N N 169 
ILE H    H N N 170 
ILE H2   H N N 171 
ILE HA   H N N 172 
ILE HB   H N N 173 
ILE HG12 H N N 174 
ILE HG13 H N N 175 
ILE HG21 H N N 176 
ILE HG22 H N N 177 
ILE HG23 H N N 178 
ILE HD11 H N N 179 
ILE HD12 H N N 180 
ILE HD13 H N N 181 
ILE HXT  H N N 182 
LEU N    N N N 183 
LEU CA   C N S 184 
LEU C    C N N 185 
LEU O    O N N 186 
LEU CB   C N N 187 
LEU CG   C N N 188 
LEU CD1  C N N 189 
LEU CD2  C N N 190 
LEU OXT  O N N 191 
LEU H    H N N 192 
LEU H2   H N N 193 
LEU HA   H N N 194 
LEU HB2  H N N 195 
LEU HB3  H N N 196 
LEU HG   H N N 197 
LEU HD11 H N N 198 
LEU HD12 H N N 199 
LEU HD13 H N N 200 
LEU HD21 H N N 201 
LEU HD22 H N N 202 
LEU HD23 H N N 203 
LEU HXT  H N N 204 
LYS N    N N N 205 
LYS CA   C N S 206 
LYS C    C N N 207 
LYS O    O N N 208 
LYS CB   C N N 209 
LYS CG   C N N 210 
LYS CD   C N N 211 
LYS CE   C N N 212 
LYS NZ   N N N 213 
LYS OXT  O N N 214 
LYS H    H N N 215 
LYS H2   H N N 216 
LYS HA   H N N 217 
LYS HB2  H N N 218 
LYS HB3  H N N 219 
LYS HG2  H N N 220 
LYS HG3  H N N 221 
LYS HD2  H N N 222 
LYS HD3  H N N 223 
LYS HE2  H N N 224 
LYS HE3  H N N 225 
LYS HZ1  H N N 226 
LYS HZ2  H N N 227 
LYS HZ3  H N N 228 
LYS HXT  H N N 229 
MET N    N N N 230 
MET CA   C N S 231 
MET C    C N N 232 
MET O    O N N 233 
MET CB   C N N 234 
MET CG   C N N 235 
MET SD   S N N 236 
MET CE   C N N 237 
MET OXT  O N N 238 
MET H    H N N 239 
MET H2   H N N 240 
MET HA   H N N 241 
MET HB2  H N N 242 
MET HB3  H N N 243 
MET HG2  H N N 244 
MET HG3  H N N 245 
MET HE1  H N N 246 
MET HE2  H N N 247 
MET HE3  H N N 248 
MET HXT  H N N 249 
PHE N    N N N 250 
PHE CA   C N S 251 
PHE C    C N N 252 
PHE O    O N N 253 
PHE CB   C N N 254 
PHE CG   C Y N 255 
PHE CD1  C Y N 256 
PHE CD2  C Y N 257 
PHE CE1  C Y N 258 
PHE CE2  C Y N 259 
PHE CZ   C Y N 260 
PHE OXT  O N N 261 
PHE H    H N N 262 
PHE H2   H N N 263 
PHE HA   H N N 264 
PHE HB2  H N N 265 
PHE HB3  H N N 266 
PHE HD1  H N N 267 
PHE HD2  H N N 268 
PHE HE1  H N N 269 
PHE HE2  H N N 270 
PHE HZ   H N N 271 
PHE HXT  H N N 272 
PRO N    N N N 273 
PRO CA   C N S 274 
PRO C    C N N 275 
PRO O    O N N 276 
PRO CB   C N N 277 
PRO CG   C N N 278 
PRO CD   C N N 279 
PRO OXT  O N N 280 
PRO H    H N N 281 
PRO HA   H N N 282 
PRO HB2  H N N 283 
PRO HB3  H N N 284 
PRO HG2  H N N 285 
PRO HG3  H N N 286 
PRO HD2  H N N 287 
PRO HD3  H N N 288 
PRO HXT  H N N 289 
SER N    N N N 290 
SER CA   C N S 291 
SER C    C N N 292 
SER O    O N N 293 
SER CB   C N N 294 
SER OG   O N N 295 
SER OXT  O N N 296 
SER H    H N N 297 
SER H2   H N N 298 
SER HA   H N N 299 
SER HB2  H N N 300 
SER HB3  H N N 301 
SER HG   H N N 302 
SER HXT  H N N 303 
THR N    N N N 304 
THR CA   C N S 305 
THR C    C N N 306 
THR O    O N N 307 
THR CB   C N R 308 
THR OG1  O N N 309 
THR CG2  C N N 310 
THR OXT  O N N 311 
THR H    H N N 312 
THR H2   H N N 313 
THR HA   H N N 314 
THR HB   H N N 315 
THR HG1  H N N 316 
THR HG21 H N N 317 
THR HG22 H N N 318 
THR HG23 H N N 319 
THR HXT  H N N 320 
TRP N    N N N 321 
TRP CA   C N S 322 
TRP C    C N N 323 
TRP O    O N N 324 
TRP CB   C N N 325 
TRP CG   C Y N 326 
TRP CD1  C Y N 327 
TRP CD2  C Y N 328 
TRP NE1  N Y N 329 
TRP CE2  C Y N 330 
TRP CE3  C Y N 331 
TRP CZ2  C Y N 332 
TRP CZ3  C Y N 333 
TRP CH2  C Y N 334 
TRP OXT  O N N 335 
TRP H    H N N 336 
TRP H2   H N N 337 
TRP HA   H N N 338 
TRP HB2  H N N 339 
TRP HB3  H N N 340 
TRP HD1  H N N 341 
TRP HE1  H N N 342 
TRP HE3  H N N 343 
TRP HZ2  H N N 344 
TRP HZ3  H N N 345 
TRP HH2  H N N 346 
TRP HXT  H N N 347 
TYR N    N N N 348 
TYR CA   C N S 349 
TYR C    C N N 350 
TYR O    O N N 351 
TYR CB   C N N 352 
TYR CG   C Y N 353 
TYR CD1  C Y N 354 
TYR CD2  C Y N 355 
TYR CE1  C Y N 356 
TYR CE2  C Y N 357 
TYR CZ   C Y N 358 
TYR OH   O N N 359 
TYR OXT  O N N 360 
TYR H    H N N 361 
TYR H2   H N N 362 
TYR HA   H N N 363 
TYR HB2  H N N 364 
TYR HB3  H N N 365 
TYR HD1  H N N 366 
TYR HD2  H N N 367 
TYR HE1  H N N 368 
TYR HE2  H N N 369 
TYR HH   H N N 370 
TYR HXT  H N N 371 
VAL N    N N N 372 
VAL CA   C N S 373 
VAL C    C N N 374 
VAL O    O N N 375 
VAL CB   C N N 376 
VAL CG1  C N N 377 
VAL CG2  C N N 378 
VAL OXT  O N N 379 
VAL H    H N N 380 
VAL H2   H N N 381 
VAL HA   H N N 382 
VAL HB   H N N 383 
VAL HG11 H N N 384 
VAL HG12 H N N 385 
VAL HG13 H N N 386 
VAL HG21 H N N 387 
VAL HG22 H N N 388 
VAL HG23 H N N 389 
VAL HXT  H N N 390 
# 
loop_
_chem_comp_bond.comp_id 
_chem_comp_bond.atom_id_1 
_chem_comp_bond.atom_id_2 
_chem_comp_bond.value_order 
_chem_comp_bond.pdbx_aromatic_flag 
_chem_comp_bond.pdbx_stereo_config 
_chem_comp_bond.pdbx_ordinal 
ALA N   CA   sing N N 1   
ALA N   H    sing N N 2   
ALA N   H2   sing N N 3   
ALA CA  C    sing N N 4   
ALA CA  CB   sing N N 5   
ALA CA  HA   sing N N 6   
ALA C   O    doub N N 7   
ALA C   OXT  sing N N 8   
ALA CB  HB1  sing N N 9   
ALA CB  HB2  sing N N 10  
ALA CB  HB3  sing N N 11  
ALA OXT HXT  sing N N 12  
ARG N   CA   sing N N 13  
ARG N   H    sing N N 14  
ARG N   H2   sing N N 15  
ARG CA  C    sing N N 16  
ARG CA  CB   sing N N 17  
ARG CA  HA   sing N N 18  
ARG C   O    doub N N 19  
ARG C   OXT  sing N N 20  
ARG CB  CG   sing N N 21  
ARG CB  HB2  sing N N 22  
ARG CB  HB3  sing N N 23  
ARG CG  CD   sing N N 24  
ARG CG  HG2  sing N N 25  
ARG CG  HG3  sing N N 26  
ARG CD  NE   sing N N 27  
ARG CD  HD2  sing N N 28  
ARG CD  HD3  sing N N 29  
ARG NE  CZ   sing N N 30  
ARG NE  HE   sing N N 31  
ARG CZ  NH1  sing N N 32  
ARG CZ  NH2  doub N N 33  
ARG NH1 HH11 sing N N 34  
ARG NH1 HH12 sing N N 35  
ARG NH2 HH21 sing N N 36  
ARG NH2 HH22 sing N N 37  
ARG OXT HXT  sing N N 38  
ASN N   CA   sing N N 39  
ASN N   H    sing N N 40  
ASN N   H2   sing N N 41  
ASN CA  C    sing N N 42  
ASN CA  CB   sing N N 43  
ASN CA  HA   sing N N 44  
ASN C   O    doub N N 45  
ASN C   OXT  sing N N 46  
ASN CB  CG   sing N N 47  
ASN CB  HB2  sing N N 48  
ASN CB  HB3  sing N N 49  
ASN CG  OD1  doub N N 50  
ASN CG  ND2  sing N N 51  
ASN ND2 HD21 sing N N 52  
ASN ND2 HD22 sing N N 53  
ASN OXT HXT  sing N N 54  
ASP N   CA   sing N N 55  
ASP N   H    sing N N 56  
ASP N   H2   sing N N 57  
ASP CA  C    sing N N 58  
ASP CA  CB   sing N N 59  
ASP CA  HA   sing N N 60  
ASP C   O    doub N N 61  
ASP C   OXT  sing N N 62  
ASP CB  CG   sing N N 63  
ASP CB  HB2  sing N N 64  
ASP CB  HB3  sing N N 65  
ASP CG  OD1  doub N N 66  
ASP CG  OD2  sing N N 67  
ASP OD2 HD2  sing N N 68  
ASP OXT HXT  sing N N 69  
CYS N   CA   sing N N 70  
CYS N   H    sing N N 71  
CYS N   H2   sing N N 72  
CYS CA  C    sing N N 73  
CYS CA  CB   sing N N 74  
CYS CA  HA   sing N N 75  
CYS C   O    doub N N 76  
CYS C   OXT  sing N N 77  
CYS CB  SG   sing N N 78  
CYS CB  HB2  sing N N 79  
CYS CB  HB3  sing N N 80  
CYS SG  HG   sing N N 81  
CYS OXT HXT  sing N N 82  
GLN N   CA   sing N N 83  
GLN N   H    sing N N 84  
GLN N   H2   sing N N 85  
GLN CA  C    sing N N 86  
GLN CA  CB   sing N N 87  
GLN CA  HA   sing N N 88  
GLN C   O    doub N N 89  
GLN C   OXT  sing N N 90  
GLN CB  CG   sing N N 91  
GLN CB  HB2  sing N N 92  
GLN CB  HB3  sing N N 93  
GLN CG  CD   sing N N 94  
GLN CG  HG2  sing N N 95  
GLN CG  HG3  sing N N 96  
GLN CD  OE1  doub N N 97  
GLN CD  NE2  sing N N 98  
GLN NE2 HE21 sing N N 99  
GLN NE2 HE22 sing N N 100 
GLN OXT HXT  sing N N 101 
GLU N   CA   sing N N 102 
GLU N   H    sing N N 103 
GLU N   H2   sing N N 104 
GLU CA  C    sing N N 105 
GLU CA  CB   sing N N 106 
GLU CA  HA   sing N N 107 
GLU C   O    doub N N 108 
GLU C   OXT  sing N N 109 
GLU CB  CG   sing N N 110 
GLU CB  HB2  sing N N 111 
GLU CB  HB3  sing N N 112 
GLU CG  CD   sing N N 113 
GLU CG  HG2  sing N N 114 
GLU CG  HG3  sing N N 115 
GLU CD  OE1  doub N N 116 
GLU CD  OE2  sing N N 117 
GLU OE2 HE2  sing N N 118 
GLU OXT HXT  sing N N 119 
GLY N   CA   sing N N 120 
GLY N   H    sing N N 121 
GLY N   H2   sing N N 122 
GLY CA  C    sing N N 123 
GLY CA  HA2  sing N N 124 
GLY CA  HA3  sing N N 125 
GLY C   O    doub N N 126 
GLY C   OXT  sing N N 127 
GLY OXT HXT  sing N N 128 
HIS N   CA   sing N N 129 
HIS N   H    sing N N 130 
HIS N   H2   sing N N 131 
HIS CA  C    sing N N 132 
HIS CA  CB   sing N N 133 
HIS CA  HA   sing N N 134 
HIS C   O    doub N N 135 
HIS C   OXT  sing N N 136 
HIS CB  CG   sing N N 137 
HIS CB  HB2  sing N N 138 
HIS CB  HB3  sing N N 139 
HIS CG  ND1  sing Y N 140 
HIS CG  CD2  doub Y N 141 
HIS ND1 CE1  doub Y N 142 
HIS ND1 HD1  sing N N 143 
HIS CD2 NE2  sing Y N 144 
HIS CD2 HD2  sing N N 145 
HIS CE1 NE2  sing Y N 146 
HIS CE1 HE1  sing N N 147 
HIS NE2 HE2  sing N N 148 
HIS OXT HXT  sing N N 149 
HOH O   H1   sing N N 150 
HOH O   H2   sing N N 151 
ILE N   CA   sing N N 152 
ILE N   H    sing N N 153 
ILE N   H2   sing N N 154 
ILE CA  C    sing N N 155 
ILE CA  CB   sing N N 156 
ILE CA  HA   sing N N 157 
ILE C   O    doub N N 158 
ILE C   OXT  sing N N 159 
ILE CB  CG1  sing N N 160 
ILE CB  CG2  sing N N 161 
ILE CB  HB   sing N N 162 
ILE CG1 CD1  sing N N 163 
ILE CG1 HG12 sing N N 164 
ILE CG1 HG13 sing N N 165 
ILE CG2 HG21 sing N N 166 
ILE CG2 HG22 sing N N 167 
ILE CG2 HG23 sing N N 168 
ILE CD1 HD11 sing N N 169 
ILE CD1 HD12 sing N N 170 
ILE CD1 HD13 sing N N 171 
ILE OXT HXT  sing N N 172 
LEU N   CA   sing N N 173 
LEU N   H    sing N N 174 
LEU N   H2   sing N N 175 
LEU CA  C    sing N N 176 
LEU CA  CB   sing N N 177 
LEU CA  HA   sing N N 178 
LEU C   O    doub N N 179 
LEU C   OXT  sing N N 180 
LEU CB  CG   sing N N 181 
LEU CB  HB2  sing N N 182 
LEU CB  HB3  sing N N 183 
LEU CG  CD1  sing N N 184 
LEU CG  CD2  sing N N 185 
LEU CG  HG   sing N N 186 
LEU CD1 HD11 sing N N 187 
LEU CD1 HD12 sing N N 188 
LEU CD1 HD13 sing N N 189 
LEU CD2 HD21 sing N N 190 
LEU CD2 HD22 sing N N 191 
LEU CD2 HD23 sing N N 192 
LEU OXT HXT  sing N N 193 
LYS N   CA   sing N N 194 
LYS N   H    sing N N 195 
LYS N   H2   sing N N 196 
LYS CA  C    sing N N 197 
LYS CA  CB   sing N N 198 
LYS CA  HA   sing N N 199 
LYS C   O    doub N N 200 
LYS C   OXT  sing N N 201 
LYS CB  CG   sing N N 202 
LYS CB  HB2  sing N N 203 
LYS CB  HB3  sing N N 204 
LYS CG  CD   sing N N 205 
LYS CG  HG2  sing N N 206 
LYS CG  HG3  sing N N 207 
LYS CD  CE   sing N N 208 
LYS CD  HD2  sing N N 209 
LYS CD  HD3  sing N N 210 
LYS CE  NZ   sing N N 211 
LYS CE  HE2  sing N N 212 
LYS CE  HE3  sing N N 213 
LYS NZ  HZ1  sing N N 214 
LYS NZ  HZ2  sing N N 215 
LYS NZ  HZ3  sing N N 216 
LYS OXT HXT  sing N N 217 
MET N   CA   sing N N 218 
MET N   H    sing N N 219 
MET N   H2   sing N N 220 
MET CA  C    sing N N 221 
MET CA  CB   sing N N 222 
MET CA  HA   sing N N 223 
MET C   O    doub N N 224 
MET C   OXT  sing N N 225 
MET CB  CG   sing N N 226 
MET CB  HB2  sing N N 227 
MET CB  HB3  sing N N 228 
MET CG  SD   sing N N 229 
MET CG  HG2  sing N N 230 
MET CG  HG3  sing N N 231 
MET SD  CE   sing N N 232 
MET CE  HE1  sing N N 233 
MET CE  HE2  sing N N 234 
MET CE  HE3  sing N N 235 
MET OXT HXT  sing N N 236 
PHE N   CA   sing N N 237 
PHE N   H    sing N N 238 
PHE N   H2   sing N N 239 
PHE CA  C    sing N N 240 
PHE CA  CB   sing N N 241 
PHE CA  HA   sing N N 242 
PHE C   O    doub N N 243 
PHE C   OXT  sing N N 244 
PHE CB  CG   sing N N 245 
PHE CB  HB2  sing N N 246 
PHE CB  HB3  sing N N 247 
PHE CG  CD1  doub Y N 248 
PHE CG  CD2  sing Y N 249 
PHE CD1 CE1  sing Y N 250 
PHE CD1 HD1  sing N N 251 
PHE CD2 CE2  doub Y N 252 
PHE CD2 HD2  sing N N 253 
PHE CE1 CZ   doub Y N 254 
PHE CE1 HE1  sing N N 255 
PHE CE2 CZ   sing Y N 256 
PHE CE2 HE2  sing N N 257 
PHE CZ  HZ   sing N N 258 
PHE OXT HXT  sing N N 259 
PRO N   CA   sing N N 260 
PRO N   CD   sing N N 261 
PRO N   H    sing N N 262 
PRO CA  C    sing N N 263 
PRO CA  CB   sing N N 264 
PRO CA  HA   sing N N 265 
PRO C   O    doub N N 266 
PRO C   OXT  sing N N 267 
PRO CB  CG   sing N N 268 
PRO CB  HB2  sing N N 269 
PRO CB  HB3  sing N N 270 
PRO CG  CD   sing N N 271 
PRO CG  HG2  sing N N 272 
PRO CG  HG3  sing N N 273 
PRO CD  HD2  sing N N 274 
PRO CD  HD3  sing N N 275 
PRO OXT HXT  sing N N 276 
SER N   CA   sing N N 277 
SER N   H    sing N N 278 
SER N   H2   sing N N 279 
SER CA  C    sing N N 280 
SER CA  CB   sing N N 281 
SER CA  HA   sing N N 282 
SER C   O    doub N N 283 
SER C   OXT  sing N N 284 
SER CB  OG   sing N N 285 
SER CB  HB2  sing N N 286 
SER CB  HB3  sing N N 287 
SER OG  HG   sing N N 288 
SER OXT HXT  sing N N 289 
THR N   CA   sing N N 290 
THR N   H    sing N N 291 
THR N   H2   sing N N 292 
THR CA  C    sing N N 293 
THR CA  CB   sing N N 294 
THR CA  HA   sing N N 295 
THR C   O    doub N N 296 
THR C   OXT  sing N N 297 
THR CB  OG1  sing N N 298 
THR CB  CG2  sing N N 299 
THR CB  HB   sing N N 300 
THR OG1 HG1  sing N N 301 
THR CG2 HG21 sing N N 302 
THR CG2 HG22 sing N N 303 
THR CG2 HG23 sing N N 304 
THR OXT HXT  sing N N 305 
TRP N   CA   sing N N 306 
TRP N   H    sing N N 307 
TRP N   H2   sing N N 308 
TRP CA  C    sing N N 309 
TRP CA  CB   sing N N 310 
TRP CA  HA   sing N N 311 
TRP C   O    doub N N 312 
TRP C   OXT  sing N N 313 
TRP CB  CG   sing N N 314 
TRP CB  HB2  sing N N 315 
TRP CB  HB3  sing N N 316 
TRP CG  CD1  doub Y N 317 
TRP CG  CD2  sing Y N 318 
TRP CD1 NE1  sing Y N 319 
TRP CD1 HD1  sing N N 320 
TRP CD2 CE2  doub Y N 321 
TRP CD2 CE3  sing Y N 322 
TRP NE1 CE2  sing Y N 323 
TRP NE1 HE1  sing N N 324 
TRP CE2 CZ2  sing Y N 325 
TRP CE3 CZ3  doub Y N 326 
TRP CE3 HE3  sing N N 327 
TRP CZ2 CH2  doub Y N 328 
TRP CZ2 HZ2  sing N N 329 
TRP CZ3 CH2  sing Y N 330 
TRP CZ3 HZ3  sing N N 331 
TRP CH2 HH2  sing N N 332 
TRP OXT HXT  sing N N 333 
TYR N   CA   sing N N 334 
TYR N   H    sing N N 335 
TYR N   H2   sing N N 336 
TYR CA  C    sing N N 337 
TYR CA  CB   sing N N 338 
TYR CA  HA   sing N N 339 
TYR C   O    doub N N 340 
TYR C   OXT  sing N N 341 
TYR CB  CG   sing N N 342 
TYR CB  HB2  sing N N 343 
TYR CB  HB3  sing N N 344 
TYR CG  CD1  doub Y N 345 
TYR CG  CD2  sing Y N 346 
TYR CD1 CE1  sing Y N 347 
TYR CD1 HD1  sing N N 348 
TYR CD2 CE2  doub Y N 349 
TYR CD2 HD2  sing N N 350 
TYR CE1 CZ   doub Y N 351 
TYR CE1 HE1  sing N N 352 
TYR CE2 CZ   sing Y N 353 
TYR CE2 HE2  sing N N 354 
TYR CZ  OH   sing N N 355 
TYR OH  HH   sing N N 356 
TYR OXT HXT  sing N N 357 
VAL N   CA   sing N N 358 
VAL N   H    sing N N 359 
VAL N   H2   sing N N 360 
VAL CA  C    sing N N 361 
VAL CA  CB   sing N N 362 
VAL CA  HA   sing N N 363 
VAL C   O    doub N N 364 
VAL C   OXT  sing N N 365 
VAL CB  CG1  sing N N 366 
VAL CB  CG2  sing N N 367 
VAL CB  HB   sing N N 368 
VAL CG1 HG11 sing N N 369 
VAL CG1 HG12 sing N N 370 
VAL CG1 HG13 sing N N 371 
VAL CG2 HG21 sing N N 372 
VAL CG2 HG22 sing N N 373 
VAL CG2 HG23 sing N N 374 
VAL OXT HXT  sing N N 375 
# 
_pdbx_audit_support.funding_organization   
'National Institutes of Health/National Institute of General Medical Sciences (NIH/NIGMS)' 
_pdbx_audit_support.country                'United States' 
_pdbx_audit_support.grant_number           GM095769 
_pdbx_audit_support.ordinal                1 
# 
_atom_sites.entry_id                    4U7E 
_atom_sites.fract_transf_matrix[1][1]   0.02602517 
_atom_sites.fract_transf_matrix[1][2]   -0.00437655 
_atom_sites.fract_transf_matrix[1][3]   -0.01615949 
_atom_sites.fract_transf_matrix[2][1]   -0.00716770 
_atom_sites.fract_transf_matrix[2][2]   0.00437485 
_atom_sites.fract_transf_matrix[2][3]   -0.01272858 
_atom_sites.fract_transf_matrix[3][1]   0.00341079 
_atom_sites.fract_transf_matrix[3][2]   0.01206407 
_atom_sites.fract_transf_matrix[3][3]   0.00222578 
_atom_sites.fract_transf_vector[1]      -0.251783 
_atom_sites.fract_transf_vector[2]      -0.192387 
_atom_sites.fract_transf_vector[3]      0.219309 
# 
loop_
_atom_type.symbol 
C 
N 
O 
S 
# 
loop_
_atom_site.group_PDB 
_atom_site.id 
_atom_site.type_symbol 
_atom_site.label_atom_id 
_atom_site.label_alt_id 
_atom_site.label_comp_id 
_atom_site.label_asym_id 
_atom_site.label_entity_id 
_atom_site.label_seq_id 
_atom_site.pdbx_PDB_ins_code 
_atom_site.Cartn_x 
_atom_site.Cartn_y 
_atom_site.Cartn_z 
_atom_site.occupancy 
_atom_site.B_iso_or_equiv 
_atom_site.pdbx_formal_charge 
_atom_site.auth_seq_id 
_atom_site.auth_comp_id 
_atom_site.auth_asym_id 
_atom_site.auth_atom_id 
_atom_site.pdbx_PDB_model_num 
ATOM   1    N N   . SER A 1 1   ? -15.771 15.599  2.354   1.00 36.51 ? 0   SER B N   1 
ATOM   2    C CA  . SER A 1 1   ? -15.591 16.932  1.796   1.00 27.32 ? 0   SER B CA  1 
ATOM   3    C C   . SER A 1 1   ? -14.481 17.702  2.507   1.00 22.13 ? 0   SER B C   1 
ATOM   4    O O   . SER A 1 1   ? -14.395 18.925  2.387   1.00 24.58 ? 0   SER B O   1 
ATOM   5    C CB  . SER A 1 1   ? -16.899 17.721  1.868   1.00 25.95 ? 0   SER B CB  1 
ATOM   6    O OG  . SER A 1 1   ? -16.714 19.046  1.408   1.00 39.59 ? 0   SER B OG  1 
ATOM   7    N N   . MET A 1 2   ? -13.638 16.992  3.260   1.00 20.55 ? 1   MET B N   1 
ATOM   8    C CA  . MET A 1 2   ? -12.451 17.609  3.867   1.00 18.51 ? 1   MET B CA  1 
ATOM   9    C C   . MET A 1 2   ? -11.430 17.922  2.776   1.00 18.32 ? 1   MET B C   1 
ATOM   10   O O   . MET A 1 2   ? -11.052 17.038  2.016   1.00 18.60 ? 1   MET B O   1 
ATOM   11   C CB  . MET A 1 2   ? -11.806 16.698  4.929   1.00 20.59 ? 1   MET B CB  1 
ATOM   12   C CG  . MET A 1 2   ? -12.644 16.442  6.191   1.00 19.40 ? 1   MET B CG  1 
ATOM   13   S SD  . MET A 1 2   ? -11.866 15.286  7.352   1.00 23.49 ? 1   MET B SD  1 
ATOM   14   C CE  . MET A 1 2   ? -10.605 16.328  8.072   1.00 27.20 ? 1   MET B CE  1 
ATOM   15   N N   . ALA A 1 3   ? -10.984 19.174  2.704   1.00 18.73 ? 2   ALA B N   1 
ATOM   16   C CA  . ALA A 1 3   ? -10.084 19.604  1.636   1.00 16.34 ? 2   ALA B CA  1 
ATOM   17   C C   . ALA A 1 3   ? -8.782  18.812  1.603   1.00 16.39 ? 2   ALA B C   1 
ATOM   18   O O   . ALA A 1 3   ? -8.223  18.584  0.529   1.00 14.93 ? 2   ALA B O   1 
ATOM   19   C CB  . ALA A 1 3   ? -9.783  21.091  1.768   1.00 17.97 ? 2   ALA B CB  1 
ATOM   20   N N   . ALA A 1 4   ? -8.300  18.393  2.769   1.00 17.12 ? 3   ALA B N   1 
ATOM   21   C CA  . ALA A 1 4   ? -7.046  17.642  2.835   1.00 15.22 ? 3   ALA B CA  1 
ATOM   22   C C   . ALA A 1 4   ? -7.172  16.264  2.185   1.00 18.52 ? 3   ALA B C   1 
ATOM   23   O O   . ALA A 1 4   ? -6.159  15.616  1.914   1.00 20.47 ? 3   ALA B O   1 
ATOM   24   C CB  . ALA A 1 4   ? -6.588  17.495  4.283   1.00 17.67 ? 3   ALA B CB  1 
ATOM   25   N N   . LEU A 1 5   ? -8.399  15.807  1.935   1.00 17.56 ? 4   LEU B N   1 
ATOM   26   C CA  . LEU A 1 5   ? -8.582  14.486  1.335   1.00 15.34 ? 4   LEU B CA  1 
ATOM   27   C C   . LEU A 1 5   ? -8.646  14.548  -0.191  1.00 14.52 ? 4   LEU B C   1 
ATOM   28   O O   . LEU A 1 5   ? -8.801  13.522  -0.858  1.00 18.02 ? 4   LEU B O   1 
ATOM   29   C CB  . LEU A 1 5   ? -9.840  13.807  1.898   1.00 16.80 ? 4   LEU B CB  1 
ATOM   30   C CG  . LEU A 1 5   ? -9.785  13.541  3.405   1.00 18.66 ? 4   LEU B CG  1 
ATOM   31   C CD1 . LEU A 1 5   ? -11.058 12.859  3.905   1.00 20.92 ? 4   LEU B CD1 1 
ATOM   32   C CD2 . LEU A 1 5   ? -8.571  12.707  3.784   1.00 19.65 ? 4   LEU B CD2 1 
ATOM   33   N N   . ALA A 1 6   ? -8.474  15.750  -0.739  1.00 15.12 ? 5   ALA B N   1 
ATOM   34   C CA  . ALA A 1 6   ? -8.468  15.960  -2.180  1.00 15.92 ? 5   ALA B CA  1 
ATOM   35   C C   . ALA A 1 6   ? -7.130  15.519  -2.780  1.00 16.88 ? 5   ALA B C   1 
ATOM   36   O O   . ALA A 1 6   ? -6.173  15.285  -2.037  1.00 15.35 ? 5   ALA B O   1 
ATOM   37   C CB  . ALA A 1 6   ? -8.754  17.427  -2.489  1.00 19.07 ? 5   ALA B CB  1 
ATOM   38   N N   . PRO A 1 7   ? -7.058  15.382  -4.120  1.00 15.56 ? 6   PRO B N   1 
ATOM   39   C CA  . PRO A 1 7   ? -5.842  14.805  -4.714  1.00 15.45 ? 6   PRO B CA  1 
ATOM   40   C C   . PRO A 1 7   ? -4.525  15.499  -4.382  1.00 15.61 ? 6   PRO B C   1 
ATOM   41   O O   . PRO A 1 7   ? -4.430  16.722  -4.206  1.00 17.49 ? 6   PRO B O   1 
ATOM   42   C CB  . PRO A 1 7   ? -6.130  14.884  -6.214  1.00 17.98 ? 6   PRO B CB  1 
ATOM   43   C CG  . PRO A 1 7   ? -7.604  14.700  -6.296  1.00 15.58 ? 6   PRO B CG  1 
ATOM   44   C CD  . PRO A 1 7   ? -8.144  15.474  -5.117  1.00 14.76 ? 6   PRO B CD  1 
ATOM   45   N N   . LEU A 1 8   ? -3.503  14.654  -4.273  1.00 13.79 ? 7   LEU B N   1 
ATOM   46   C CA  . LEU A 1 8   ? -2.135  15.060  -3.962  1.00 16.94 ? 7   LEU B CA  1 
ATOM   47   C C   . LEU A 1 8   ? -1.459  15.679  -5.177  1.00 16.04 ? 7   LEU B C   1 
ATOM   48   O O   . LEU A 1 8   ? -1.939  15.498  -6.302  1.00 17.62 ? 7   LEU B O   1 
ATOM   49   C CB  . LEU A 1 8   ? -1.347  13.831  -3.497  1.00 15.55 ? 7   LEU B CB  1 
ATOM   50   C CG  . LEU A 1 8   ? -1.868  13.164  -2.224  1.00 15.42 ? 7   LEU B CG  1 
ATOM   51   C CD1 . LEU A 1 8   ? -1.205  11.789  -2.048  1.00 16.40 ? 7   LEU B CD1 1 
ATOM   52   C CD2 . LEU A 1 8   ? -1.617  14.057  -1.014  1.00 16.62 ? 7   LEU B CD2 1 
ATOM   53   N N   . PRO A 1 9   ? -0.321  16.371  -4.965  1.00 14.26 ? 8   PRO B N   1 
ATOM   54   C CA  . PRO A 1 9   ? 0.484   16.800  -6.111  1.00 15.12 ? 8   PRO B CA  1 
ATOM   55   C C   . PRO A 1 9   ? 0.893   15.613  -6.960  1.00 16.03 ? 8   PRO B C   1 
ATOM   56   O O   . PRO A 1 9   ? 0.819   14.481  -6.508  1.00 15.82 ? 8   PRO B O   1 
ATOM   57   C CB  . PRO A 1 9   ? 1.721   17.438  -5.459  1.00 13.74 ? 8   PRO B CB  1 
ATOM   58   C CG  . PRO A 1 9   ? 1.284   17.827  -4.102  1.00 16.56 ? 8   PRO B CG  1 
ATOM   59   C CD  . PRO A 1 9   ? 0.306   16.764  -3.690  1.00 14.80 ? 8   PRO B CD  1 
ATOM   60   N N   . PRO A 1 10  ? 1.318   15.870  -8.198  1.00 14.02 ? 9   PRO B N   1 
ATOM   61   C CA  . PRO A 1 10  ? 1.867   14.787  -9.012  1.00 13.88 ? 9   PRO B CA  1 
ATOM   62   C C   . PRO A 1 10  ? 3.006   14.101  -8.271  1.00 14.63 ? 9   PRO B C   1 
ATOM   63   O O   . PRO A 1 10  ? 3.762   14.769  -7.573  1.00 16.32 ? 9   PRO B O   1 
ATOM   64   C CB  . PRO A 1 10  ? 2.377   15.507  -10.258 1.00 14.85 ? 9   PRO B CB  1 
ATOM   65   C CG  . PRO A 1 10  ? 1.552   16.762  -10.333 1.00 15.47 ? 9   PRO B CG  1 
ATOM   66   C CD  . PRO A 1 10  ? 1.294   17.157  -8.914  1.00 16.98 ? 9   PRO B CD  1 
ATOM   67   N N   . LEU A 1 11  ? 3.127   12.789  -8.423  1.00 15.13 ? 10  LEU B N   1 
ATOM   68   C CA  . LEU A 1 11  ? 4.148   12.039  -7.701  1.00 14.71 ? 10  LEU B CA  1 
ATOM   69   C C   . LEU A 1 11  ? 5.542   12.391  -8.220  1.00 16.85 ? 10  LEU B C   1 
ATOM   70   O O   . LEU A 1 11  ? 5.784   12.285  -9.424  1.00 16.64 ? 10  LEU B O   1 
ATOM   71   C CB  . LEU A 1 11  ? 3.903   10.538  -7.849  1.00 17.23 ? 10  LEU B CB  1 
ATOM   72   C CG  . LEU A 1 11  ? 4.837   9.640   -7.037  1.00 13.05 ? 10  LEU B CG  1 
ATOM   73   C CD1 . LEU A 1 11  ? 4.591   9.803   -5.543  1.00 12.55 ? 10  LEU B CD1 1 
ATOM   74   C CD2 . LEU A 1 11  ? 4.708   8.188   -7.458  1.00 16.42 ? 10  LEU B CD2 1 
ATOM   75   N N   . PRO A 1 12  ? 6.449   12.838  -7.328  1.00 14.20 ? 11  PRO B N   1 
ATOM   76   C CA  . PRO A 1 12  ? 7.825   13.125  -7.759  1.00 13.07 ? 11  PRO B CA  1 
ATOM   77   C C   . PRO A 1 12  ? 8.511   11.894  -8.343  1.00 14.01 ? 11  PRO B C   1 
ATOM   78   O O   . PRO A 1 12  ? 8.253   10.786  -7.880  1.00 14.33 ? 11  PRO B O   1 
ATOM   79   C CB  . PRO A 1 12  ? 8.514   13.572  -6.464  1.00 13.56 ? 11  PRO B CB  1 
ATOM   80   C CG  . PRO A 1 12  ? 7.399   14.110  -5.607  1.00 16.51 ? 11  PRO B CG  1 
ATOM   81   C CD  . PRO A 1 12  ? 6.241   13.184  -5.910  1.00 13.90 ? 11  PRO B CD  1 
ATOM   82   N N   . ALA A 1 13  ? 9.375   12.096  -9.341  1.00 14.89 ? 12  ALA B N   1 
ATOM   83   C CA  . ALA A 1 13  ? 10.065  10.988  -9.989  1.00 15.27 ? 12  ALA B CA  1 
ATOM   84   C C   . ALA A 1 13  ? 10.891  10.193  -8.992  1.00 14.28 ? 12  ALA B C   1 
ATOM   85   O O   . ALA A 1 13  ? 11.051  8.983   -9.139  1.00 13.56 ? 12  ALA B O   1 
ATOM   86   C CB  . ALA A 1 13  ? 10.942  11.505  -11.116 1.00 18.70 ? 12  ALA B CB  1 
ATOM   87   N N   . GLN A 1 14  ? 11.394  10.877  -7.966  1.00 14.98 ? 13  GLN B N   1 
ATOM   88   C CA  . GLN A 1 14  ? 12.137  10.217  -6.898  1.00 13.60 ? 13  GLN B CA  1 
ATOM   89   C C   . GLN A 1 14  ? 11.341  9.131   -6.193  1.00 12.68 ? 13  GLN B C   1 
ATOM   90   O O   . GLN A 1 14  ? 11.928  8.239   -5.607  1.00 13.37 ? 13  GLN B O   1 
ATOM   91   C CB  . GLN A 1 14  ? 12.590  11.215  -5.833  1.00 15.86 ? 13  GLN B CB  1 
ATOM   92   C CG  . GLN A 1 14  ? 13.667  12.201  -6.254  1.00 17.41 ? 13  GLN B CG  1 
ATOM   93   C CD  . GLN A 1 14  ? 13.114  13.418  -6.969  1.00 17.57 ? 13  GLN B CD  1 
ATOM   94   O OE1 . GLN A 1 14  ? 11.924  13.499  -7.260  1.00 16.78 ? 13  GLN B OE1 1 
ATOM   95   N NE2 . GLN A 1 14  ? 13.980  14.395  -7.225  1.00 25.67 ? 13  GLN B NE2 1 
ATOM   96   N N   . PHE A 1 15  ? 10.014  9.232   -6.241  1.00 12.60 ? 14  PHE B N   1 
ATOM   97   C CA  . PHE A 1 15  ? 9.137   8.338   -5.485  1.00 12.20 ? 14  PHE B CA  1 
ATOM   98   C C   . PHE A 1 15  ? 8.474   7.300   -6.379  1.00 13.94 ? 14  PHE B C   1 
ATOM   99   O O   . PHE A 1 15  ? 7.454   6.718   -6.014  1.00 11.68 ? 14  PHE B O   1 
ATOM   100  C CB  . PHE A 1 15  ? 8.040   9.138   -4.752  1.00 12.29 ? 14  PHE B CB  1 
ATOM   101  C CG  . PHE A 1 15  ? 8.549   10.076  -3.682  1.00 13.29 ? 14  PHE B CG  1 
ATOM   102  C CD1 . PHE A 1 15  ? 9.834   9.964   -3.154  1.00 13.39 ? 14  PHE B CD1 1 
ATOM   103  C CD2 . PHE A 1 15  ? 7.709   11.049  -3.163  1.00 13.37 ? 14  PHE B CD2 1 
ATOM   104  C CE1 . PHE A 1 15  ? 10.285  10.842  -2.157  1.00 12.87 ? 14  PHE B CE1 1 
ATOM   105  C CE2 . PHE A 1 15  ? 8.148   11.915  -2.164  1.00 13.26 ? 14  PHE B CE2 1 
ATOM   106  C CZ  . PHE A 1 15  ? 9.440   11.804  -1.657  1.00 13.40 ? 14  PHE B CZ  1 
ATOM   107  N N   . LYS A 1 16  ? 9.056   7.060   -7.547  1.00 14.76 ? 15  LYS B N   1 
ATOM   108  C CA  . LYS A 1 16  ? 8.533   6.073   -8.481  1.00 13.97 ? 15  LYS B CA  1 
ATOM   109  C C   . LYS A 1 16  ? 8.263   4.727   -7.801  1.00 14.85 ? 15  LYS B C   1 
ATOM   110  O O   . LYS A 1 16  ? 7.285   4.048   -8.133  1.00 16.06 ? 15  LYS B O   1 
ATOM   111  C CB  . LYS A 1 16  ? 9.516   5.907   -9.651  1.00 16.12 ? 15  LYS B CB  1 
ATOM   112  C CG  . LYS A 1 16  ? 9.096   4.889   -10.707 1.00 20.97 ? 15  LYS B CG  1 
ATOM   113  C CD  . LYS A 1 16  ? 10.132  4.832   -11.828 1.00 22.61 ? 15  LYS B CD  1 
ATOM   114  N NZ  . LYS A 1 16  ? 9.124   3.529   -14.494 1.00 41.98 ? 15  LYS B NZ  1 
ATOM   115  N N   . SER A 1 17  ? 9.105   4.354   -6.834  1.00 13.26 ? 16  SER B N   1 
ATOM   116  C CA  . SER A 1 17  ? 8.986   3.033   -6.214  1.00 13.79 ? 16  SER B CA  1 
ATOM   117  C C   . SER A 1 17  ? 7.728   2.854   -5.367  1.00 15.80 ? 16  SER B C   1 
ATOM   118  O O   . SER A 1 17  ? 7.396   1.729   -5.042  1.00 19.78 ? 16  SER B O   1 
ATOM   119  C CB  . SER A 1 17  ? 10.223  2.706   -5.358  1.00 14.35 ? 16  SER B CB  1 
ATOM   120  O OG  . SER A 1 17  ? 10.380  3.584   -4.249  1.00 14.03 ? 16  SER B OG  1 
ATOM   121  N N   . ILE A 1 18  ? 7.034   3.942   -5.022  1.00 14.90 ? 17  ILE B N   1 
ATOM   122  C CA  . ILE A 1 18  ? 5.780   3.824   -4.252  1.00 13.04 ? 17  ILE B CA  1 
ATOM   123  C C   . ILE A 1 18  ? 4.543   4.232   -5.055  1.00 13.37 ? 17  ILE B C   1 
ATOM   124  O O   . ILE A 1 18  ? 3.448   4.345   -4.498  1.00 13.97 ? 17  ILE B O   1 
ATOM   125  C CB  . ILE A 1 18  ? 5.820   4.653   -2.948  1.00 17.46 ? 17  ILE B CB  1 
ATOM   126  C CG1 . ILE A 1 18  ? 6.089   6.134   -3.264  1.00 16.24 ? 17  ILE B CG1 1 
ATOM   127  C CG2 . ILE A 1 18  ? 6.812   4.010   -1.957  1.00 18.07 ? 17  ILE B CG2 1 
ATOM   128  C CD1 . ILE A 1 18  ? 5.874   7.121   -2.102  1.00 18.10 ? 17  ILE B CD1 1 
ATOM   129  N N   . GLN A 1 19  ? 4.705   4.412   -6.364  1.00 12.93 ? 18  GLN B N   1 
ATOM   130  C CA  . GLN A 1 19  ? 3.582   4.772   -7.235  1.00 14.65 ? 18  GLN B CA  1 
ATOM   131  C C   . GLN A 1 19  ? 2.430   3.766   -7.145  1.00 13.18 ? 18  GLN B C   1 
ATOM   132  O O   . GLN A 1 19  ? 1.263   4.150   -7.063  1.00 13.33 ? 18  GLN B O   1 
ATOM   133  C CB  . GLN A 1 19  ? 4.061   4.908   -8.688  1.00 18.13 ? 18  GLN B CB  1 
ATOM   134  C CG  . GLN A 1 19  ? 2.992   5.370   -9.660  1.00 21.40 ? 18  GLN B CG  1 
ATOM   135  C CD  . GLN A 1 19  ? 3.511   5.586   -11.077 1.00 31.09 ? 18  GLN B CD  1 
ATOM   136  O OE1 . GLN A 1 19  ? 4.620   5.178   -11.433 1.00 31.81 ? 18  GLN B OE1 1 
ATOM   137  N N   . HIS A 1 20  ? 2.747   2.476   -7.153  1.00 14.06 ? 19  HIS B N   1 
ATOM   138  C CA  . HIS A 1 20  ? 1.681   1.492   -7.150  1.00 15.34 ? 19  HIS B CA  1 
ATOM   139  C C   . HIS A 1 20  ? 1.024   1.354   -5.773  1.00 13.14 ? 19  HIS B C   1 
ATOM   140  O O   . HIS A 1 20  ? -0.170  1.075   -5.692  1.00 12.89 ? 19  HIS B O   1 
ATOM   141  C CB  . HIS A 1 20  ? 2.213   0.156   -7.662  1.00 14.83 ? 19  HIS B CB  1 
ATOM   142  C CG  . HIS A 1 20  ? 2.614   0.201   -9.104  1.00 19.96 ? 19  HIS B CG  1 
ATOM   143  N ND1 . HIS A 1 20  ? 3.424   -0.748  -9.688  1.00 21.13 ? 19  HIS B ND1 1 
ATOM   144  C CD2 . HIS A 1 20  ? 2.313   1.090   -10.082 1.00 25.04 ? 19  HIS B CD2 1 
ATOM   145  C CE1 . HIS A 1 20  ? 3.606   -0.447  -10.962 1.00 22.40 ? 19  HIS B CE1 1 
ATOM   146  N NE2 . HIS A 1 20  ? 2.937   0.660   -11.229 1.00 22.37 ? 19  HIS B NE2 1 
ATOM   147  N N   . HIS A 1 21  ? 1.775   1.609   -4.701  1.00 11.84 ? 20  HIS B N   1 
ATOM   148  C CA  . HIS A 1 21  ? 1.216   1.544   -3.350  1.00 13.31 ? 20  HIS B CA  1 
ATOM   149  C C   . HIS A 1 21  ? 0.228   2.696   -3.148  1.00 11.28 ? 20  HIS B C   1 
ATOM   150  O O   . HIS A 1 21  ? -0.828  2.533   -2.514  1.00 11.99 ? 20  HIS B O   1 
ATOM   151  C CB  . HIS A 1 21  ? 2.328   1.622   -2.309  1.00 13.42 ? 20  HIS B CB  1 
ATOM   152  C CG  . HIS A 1 21  ? 3.396   0.596   -2.505  1.00 12.80 ? 20  HIS B CG  1 
ATOM   153  N ND1 . HIS A 1 21  ? 4.443   0.782   -3.384  1.00 12.33 ? 20  HIS B ND1 1 
ATOM   154  C CD2 . HIS A 1 21  ? 3.557   -0.643  -1.981  1.00 11.91 ? 20  HIS B CD2 1 
ATOM   155  C CE1 . HIS A 1 21  ? 5.224   -0.284  -3.363  1.00 13.01 ? 20  HIS B CE1 1 
ATOM   156  N NE2 . HIS A 1 21  ? 4.706   -1.165  -2.522  1.00 12.91 ? 20  HIS B NE2 1 
ATOM   157  N N   . LEU A 1 22  ? 0.587   3.868   -3.678  1.00 12.54 ? 21  LEU B N   1 
ATOM   158  C CA  . LEU A 1 22  ? -0.312  5.018   -3.653  1.00 11.03 ? 21  LEU B CA  1 
ATOM   159  C C   . LEU A 1 22  ? -1.548  4.789   -4.507  1.00 14.71 ? 21  LEU B C   1 
ATOM   160  O O   . LEU A 1 22  ? -2.653  5.163   -4.108  1.00 13.62 ? 21  LEU B O   1 
ATOM   161  C CB  . LEU A 1 22  ? 0.435   6.284   -4.090  1.00 12.67 ? 21  LEU B CB  1 
ATOM   162  C CG  . LEU A 1 22  ? 1.311   6.843   -2.972  1.00 15.16 ? 21  LEU B CG  1 
ATOM   163  C CD1 . LEU A 1 22  ? 2.259   7.894   -3.530  1.00 19.30 ? 21  LEU B CD1 1 
ATOM   164  C CD2 . LEU A 1 22  ? 0.418   7.461   -1.893  1.00 19.64 ? 21  LEU B CD2 1 
ATOM   165  N N   . ARG A 1 23  ? -1.381  4.156   -5.660  1.00 13.03 ? 22  ARG B N   1 
ATOM   166  C CA  . ARG A 1 23  ? -2.537  3.833   -6.491  1.00 15.26 ? 22  ARG B CA  1 
ATOM   167  C C   . ARG A 1 23  ? -3.487  2.887   -5.752  1.00 16.04 ? 22  ARG B C   1 
ATOM   168  O O   . ARG A 1 23  ? -4.705  3.071   -5.773  1.00 16.94 ? 22  ARG B O   1 
ATOM   169  C CB  . ARG A 1 23  ? -2.097  3.210   -7.815  1.00 16.08 ? 22  ARG B CB  1 
ATOM   170  N NE  . ARG A 1 23  ? -2.048  0.815   -9.892  1.00 34.96 ? 22  ARG B NE  1 
ATOM   171  N NH1 . ARG A 1 23  ? -3.823  -0.358  -7.897  1.00 31.04 ? 22  ARG B NH1 1 
ATOM   172  N NH2 . ARG A 1 23  ? -1.068  -0.747  -7.710  1.00 32.05 ? 22  ARG B NH2 1 
ATOM   173  N N   . THR A 1 24  ? -2.924  1.878   -5.090  1.00 13.19 ? 23  THR B N   1 
ATOM   174  C CA  . THR A 1 24  ? -3.716  0.965   -4.266  1.00 12.18 ? 23  THR B CA  1 
ATOM   175  C C   . THR A 1 24  ? -4.497  1.730   -3.179  1.00 15.58 ? 23  THR B C   1 
ATOM   176  O O   . THR A 1 24  ? -5.680  1.463   -2.938  1.00 15.12 ? 23  THR B O   1 
ATOM   177  C CB  . THR A 1 24  ? -2.818  -0.095  -3.621  1.00 11.90 ? 23  THR B CB  1 
ATOM   178  O OG1 . THR A 1 24  ? -2.125  -0.808  -4.652  1.00 14.33 ? 23  THR B OG1 1 
ATOM   179  C CG2 . THR A 1 24  ? -3.651  -1.078  -2.791  1.00 12.78 ? 23  THR B CG2 1 
ATOM   180  N N   . ALA A 1 25  ? -3.832  2.690   -2.545  1.00 11.71 ? 24  ALA B N   1 
ATOM   181  C CA  . ALA A 1 25  ? -4.471  3.515   -1.521  1.00 10.91 ? 24  ALA B CA  1 
ATOM   182  C C   . ALA A 1 25  ? -5.715  4.198   -2.072  1.00 17.04 ? 24  ALA B C   1 
ATOM   183  O O   . ALA A 1 25  ? -6.787  4.171   -1.461  1.00 17.25 ? 24  ALA B O   1 
ATOM   184  C CB  . ALA A 1 25  ? -3.491  4.561   -0.979  1.00 12.68 ? 24  ALA B CB  1 
ATOM   185  N N   . GLN A 1 26  ? -5.577  4.810   -3.237  1.00 15.65 ? 25  GLN B N   1 
ATOM   186  C CA  . GLN A 1 26  ? -6.661  5.628   -3.747  1.00 19.13 ? 25  GLN B CA  1 
ATOM   187  C C   . GLN A 1 26  ? -7.802  4.764   -4.272  1.00 18.69 ? 25  GLN B C   1 
ATOM   188  O O   . GLN A 1 26  ? -8.969  5.142   -4.184  1.00 21.20 ? 25  GLN B O   1 
ATOM   189  C CB  . GLN A 1 26  ? -6.123  6.577   -4.803  1.00 21.93 ? 25  GLN B CB  1 
ATOM   190  C CG  . GLN A 1 26  ? -5.065  7.464   -4.199  1.00 22.72 ? 25  GLN B CG  1 
ATOM   191  O OE1 . GLN A 1 26  ? -3.916  8.199   -6.910  1.00 41.21 ? 25  GLN B OE1 1 
ATOM   192  N NE2 . GLN A 1 26  ? -3.593  10.015  -4.722  1.00 37.93 ? 25  GLN B NE2 1 
ATOM   193  N N   . GLU A 1 27  ? -7.470  3.582   -4.777  1.00 16.68 ? 26  GLU B N   1 
ATOM   194  C CA  . GLU A 1 27  ? -8.504  2.665   -5.233  1.00 17.73 ? 26  GLU B CA  1 
ATOM   195  C C   . GLU A 1 27  ? -9.300  2.119   -4.046  1.00 21.83 ? 26  GLU B C   1 
ATOM   196  O O   . GLU A 1 27  ? -10.385 1.576   -4.230  1.00 22.35 ? 26  GLU B O   1 
ATOM   197  C CB  . GLU A 1 27  ? -7.896  1.535   -6.067  1.00 19.08 ? 26  GLU B CB  1 
ATOM   198  C CG  . GLU A 1 27  ? -7.354  2.025   -7.399  1.00 24.31 ? 26  GLU B CG  1 
ATOM   199  C CD  . GLU A 1 27  ? -6.714  0.936   -8.253  1.00 28.81 ? 26  GLU B CD  1 
ATOM   200  O OE1 . GLU A 1 27  ? -6.542  -0.202  -7.769  1.00 33.06 ? 26  GLU B OE1 1 
ATOM   201  O OE2 . GLU A 1 27  ? -6.369  1.237   -9.415  1.00 31.55 ? 26  GLU B OE2 1 
ATOM   202  N N   . HIS A 1 28  ? -8.794  2.299   -2.826  1.00 19.39 ? 27  HIS B N   1 
ATOM   203  C CA  . HIS A 1 28  ? -9.538  1.840   -1.646  1.00 18.32 ? 27  HIS B CA  1 
ATOM   204  C C   . HIS A 1 28  ? -10.174 2.932   -0.802  1.00 22.71 ? 27  HIS B C   1 
ATOM   205  O O   . HIS A 1 28  ? -10.703 2.648   0.271   1.00 21.86 ? 27  HIS B O   1 
ATOM   206  C CB  . HIS A 1 28  ? -8.638  0.994   -0.751  1.00 18.45 ? 27  HIS B CB  1 
ATOM   207  C CG  . HIS A 1 28  ? -8.365  -0.365  -1.307  1.00 17.54 ? 27  HIS B CG  1 
ATOM   208  N ND1 . HIS A 1 28  ? -7.391  -0.608  -2.253  1.00 16.93 ? 27  HIS B ND1 1 
ATOM   209  C CD2 . HIS A 1 28  ? -8.965  -1.556  -1.072  1.00 18.56 ? 27  HIS B CD2 1 
ATOM   210  C CE1 . HIS A 1 28  ? -7.401  -1.892  -2.571  1.00 20.70 ? 27  HIS B CE1 1 
ATOM   211  N NE2 . HIS A 1 28  ? -8.344  -2.488  -1.863  1.00 17.28 ? 27  HIS B NE2 1 
ATOM   212  N N   . ASP A 1 29  ? -10.141 4.171   -1.276  1.00 19.74 ? 28  ASP B N   1 
ATOM   213  C CA  . ASP A 1 29  ? -10.674 5.281   -0.495  1.00 22.87 ? 28  ASP B CA  1 
ATOM   214  C C   . ASP A 1 29  ? -12.126 5.090   -0.095  1.00 21.75 ? 28  ASP B C   1 
ATOM   215  O O   . ASP A 1 29  ? -12.516 5.453   1.011   1.00 26.02 ? 28  ASP B O   1 
ATOM   216  C CB  . ASP A 1 29  ? -10.514 6.586   -1.260  1.00 20.65 ? 28  ASP B CB  1 
ATOM   217  C CG  . ASP A 1 29  ? -9.108  7.120   -1.177  1.00 23.56 ? 28  ASP B CG  1 
ATOM   218  O OD1 . ASP A 1 29  ? -8.411  6.744   -0.215  1.00 25.13 ? 28  ASP B OD1 1 
ATOM   219  O OD2 . ASP A 1 29  ? -8.705  7.881   -2.069  1.00 25.36 ? 28  ASP B OD2 1 
ATOM   220  N N   . LYS A 1 30  ? -12.916 4.508   -0.986  1.00 24.67 ? 29  LYS B N   1 
ATOM   221  C CA  . LYS A 1 30  ? -14.296 4.191   -0.641  1.00 26.29 ? 29  LYS B CA  1 
ATOM   222  C C   . LYS A 1 30  ? -14.421 2.760   -0.134  1.00 24.82 ? 29  LYS B C   1 
ATOM   223  O O   . LYS A 1 30  ? -15.040 2.520   0.906   1.00 34.51 ? 29  LYS B O   1 
ATOM   224  C CB  . LYS A 1 30  ? -15.221 4.417   -1.841  1.00 26.87 ? 29  LYS B CB  1 
ATOM   225  C CG  . LYS A 1 30  ? -15.617 5.874   -2.046  1.00 31.14 ? 29  LYS B CG  1 
ATOM   226  N NZ  . LYS A 1 30  ? -16.127 9.544   -0.506  1.00 39.86 ? 29  LYS B NZ  1 
ATOM   227  N N   . ARG A 1 31  ? -13.823 1.821   -0.860  1.00 23.96 ? 30  ARG B N   1 
ATOM   228  C CA  . ARG A 1 31  ? -13.951 0.394   -0.572  1.00 27.60 ? 30  ARG B CA  1 
ATOM   229  C C   . ARG A 1 31  ? -13.488 -0.022  0.822   1.00 27.84 ? 30  ARG B C   1 
ATOM   230  O O   . ARG A 1 31  ? -14.183 -0.766  1.518   1.00 30.39 ? 30  ARG B O   1 
ATOM   231  C CB  . ARG A 1 31  ? -13.178 -0.413  -1.620  1.00 27.22 ? 30  ARG B CB  1 
ATOM   232  C CD  . ARG A 1 31  ? -12.951 -1.743  -4.805  1.00 43.93 ? 30  ARG B CD  1 
ATOM   233  C CZ  . ARG A 1 31  ? -12.870 -5.182  -3.069  1.00 45.49 ? 30  ARG B CZ  1 
ATOM   234  N NH1 . ARG A 1 31  ? -12.277 -4.868  -4.214  1.00 48.25 ? 30  ARG B NH1 1 
ATOM   235  N NH2 . ARG A 1 31  ? -12.755 -6.412  -2.584  1.00 46.96 ? 30  ARG B NH2 1 
ATOM   236  N N   . ASP A 1 32  ? -12.306 0.434   1.221   1.00 25.68 ? 31  ASP B N   1 
ATOM   237  C CA  . ASP A 1 32  ? -11.782 0.104   2.544   1.00 24.75 ? 31  ASP B CA  1 
ATOM   238  C C   . ASP A 1 32  ? -10.801 1.170   2.993   1.00 19.88 ? 31  ASP B C   1 
ATOM   239  O O   . ASP A 1 32  ? -9.603  1.084   2.706   1.00 17.62 ? 31  ASP B O   1 
ATOM   240  C CB  . ASP A 1 32  ? -11.135 -1.286  2.532   1.00 19.66 ? 31  ASP B CB  1 
ATOM   241  C CG  . ASP A 1 32  ? -10.660 -1.743  3.920   1.00 16.91 ? 31  ASP B CG  1 
ATOM   242  O OD1 . ASP A 1 32  ? -10.547 -0.919  4.849   1.00 19.92 ? 31  ASP B OD1 1 
ATOM   243  O OD2 . ASP A 1 32  ? -10.499 -2.961  4.097   1.00 19.82 ? 31  ASP B OD2 1 
ATOM   244  N N   . PRO A 1 33  ? -11.306 2.184   3.709   1.00 18.35 ? 32  PRO B N   1 
ATOM   245  C CA  . PRO A 1 33  ? -10.497 3.313   4.167   1.00 19.64 ? 32  PRO B CA  1 
ATOM   246  C C   . PRO A 1 33  ? -9.369  2.913   5.104   1.00 16.14 ? 32  PRO B C   1 
ATOM   247  O O   . PRO A 1 33  ? -8.434  3.690   5.249   1.00 16.69 ? 32  PRO B O   1 
ATOM   248  C CB  . PRO A 1 33  ? -11.512 4.197   4.904   1.00 25.80 ? 32  PRO B CB  1 
ATOM   249  C CG  . PRO A 1 33  ? -12.812 3.861   4.285   1.00 26.39 ? 32  PRO B CG  1 
ATOM   250  C CD  . PRO A 1 33  ? -12.739 2.393   3.995   1.00 21.45 ? 32  PRO B CD  1 
ATOM   251  N N   . VAL A 1 34  ? -9.455  1.745   5.741   1.00 14.73 ? 33  VAL B N   1 
ATOM   252  C CA  . VAL A 1 34  ? -8.356  1.296   6.595   1.00 13.51 ? 33  VAL B CA  1 
ATOM   253  C C   . VAL A 1 34  ? -7.168  0.943   5.712   1.00 14.76 ? 33  VAL B C   1 
ATOM   254  O O   . VAL A 1 34  ? -6.035  1.345   6.006   1.00 12.59 ? 33  VAL B O   1 
ATOM   255  C CB  . VAL A 1 34  ? -8.758  0.094   7.478   1.00 15.89 ? 33  VAL B CB  1 
ATOM   256  C CG1 . VAL A 1 34  ? -7.545  -0.463  8.205   1.00 15.77 ? 33  VAL B CG1 1 
ATOM   257  C CG2 . VAL A 1 34  ? -9.794  0.529   8.496   1.00 19.36 ? 33  VAL B CG2 1 
ATOM   258  N N   . VAL A 1 35  ? -7.431  0.210   4.629   1.00 14.66 ? 34  VAL B N   1 
ATOM   259  C CA  . VAL A 1 35  ? -6.384  -0.114  3.661   1.00 13.10 ? 34  VAL B CA  1 
ATOM   260  C C   . VAL A 1 35  ? -5.856  1.184   3.030   1.00 13.01 ? 34  VAL B C   1 
ATOM   261  O O   . VAL A 1 35  ? -4.642  1.359   2.882   1.00 13.75 ? 34  VAL B O   1 
ATOM   262  C CB  . VAL A 1 35  ? -6.892  -1.085  2.574   1.00 13.63 ? 34  VAL B CB  1 
ATOM   263  C CG1 . VAL A 1 35  ? -5.820  -1.310  1.477   1.00 13.32 ? 34  VAL B CG1 1 
ATOM   264  C CG2 . VAL A 1 35  ? -7.278  -2.411  3.199   1.00 14.47 ? 34  VAL B CG2 1 
ATOM   265  N N   . ALA A 1 36  ? -6.760  2.103   2.689   1.00 13.69 ? 35  ALA B N   1 
ATOM   266  C CA  . ALA A 1 36  ? -6.362  3.382   2.091   1.00 13.11 ? 35  ALA B CA  1 
ATOM   267  C C   . ALA A 1 36  ? -5.402  4.133   3.006   1.00 14.97 ? 35  ALA B C   1 
ATOM   268  O O   . ALA A 1 36  ? -4.404  4.706   2.554   1.00 14.60 ? 35  ALA B O   1 
ATOM   269  C CB  . ALA A 1 36  ? -7.597  4.245   1.782   1.00 16.19 ? 35  ALA B CB  1 
ATOM   270  N N   . TYR A 1 37  ? -5.704  4.130   4.300   1.00 13.39 ? 36  TYR B N   1 
ATOM   271  C CA  . TYR A 1 37  ? -4.887  4.816   5.274   1.00 12.17 ? 36  TYR B CA  1 
ATOM   272  C C   . TYR A 1 37  ? -3.504  4.177   5.379   1.00 11.87 ? 36  TYR B C   1 
ATOM   273  O O   . TYR A 1 37  ? -2.495  4.878   5.311   1.00 11.09 ? 36  TYR B O   1 
ATOM   274  C CB  . TYR A 1 37  ? -5.578  4.836   6.651   1.00 12.51 ? 36  TYR B CB  1 
ATOM   275  C CG  . TYR A 1 37  ? -4.719  5.429   7.748   1.00 9.60  ? 36  TYR B CG  1 
ATOM   276  C CD1 . TYR A 1 37  ? -4.600  6.809   7.897   1.00 14.02 ? 36  TYR B CD1 1 
ATOM   277  C CD2 . TYR A 1 37  ? -3.992  4.610   8.613   1.00 11.27 ? 36  TYR B CD2 1 
ATOM   278  C CE1 . TYR A 1 37  ? -3.800  7.354   8.889   1.00 14.11 ? 36  TYR B CE1 1 
ATOM   279  C CE2 . TYR A 1 37  ? -3.189  5.149   9.603   1.00 13.03 ? 36  TYR B CE2 1 
ATOM   280  C CZ  . TYR A 1 37  ? -3.107  6.532   9.740   1.00 13.73 ? 36  TYR B CZ  1 
ATOM   281  O OH  . TYR A 1 37  ? -2.297  7.053   10.727  1.00 16.83 ? 36  TYR B OH  1 
ATOM   282  N N   . TYR A 1 38  ? -3.445  2.862   5.562   1.00 10.51 ? 37  TYR B N   1 
ATOM   283  C CA  . TYR A 1 38  ? -2.140  2.272   5.829   1.00 11.10 ? 37  TYR B CA  1 
ATOM   284  C C   . TYR A 1 38  ? -1.272  2.240   4.588   1.00 10.11 ? 37  TYR B C   1 
ATOM   285  O O   . TYR A 1 38  ? -0.041  2.341   4.705   1.00 9.65  ? 37  TYR B O   1 
ATOM   286  C CB  . TYR A 1 38  ? -2.251  0.872   6.451   1.00 9.11  ? 37  TYR B CB  1 
ATOM   287  C CG  . TYR A 1 38  ? -2.628  0.938   7.908   1.00 9.36  ? 37  TYR B CG  1 
ATOM   288  C CD1 . TYR A 1 38  ? -1.732  1.455   8.837   1.00 13.58 ? 37  TYR B CD1 1 
ATOM   289  C CD2 . TYR A 1 38  ? -3.833  0.415   8.371   1.00 12.39 ? 37  TYR B CD2 1 
ATOM   290  C CE1 . TYR A 1 38  ? -2.047  1.523   10.177  1.00 13.56 ? 37  TYR B CE1 1 
ATOM   291  C CE2 . TYR A 1 38  ? -4.145  0.447   9.706   1.00 12.24 ? 37  TYR B CE2 1 
ATOM   292  C CZ  . TYR A 1 38  ? -3.251  1.007   10.607  1.00 14.47 ? 37  TYR B CZ  1 
ATOM   293  O OH  . TYR A 1 38  ? -3.541  1.073   11.953  1.00 14.38 ? 37  TYR B OH  1 
ATOM   294  N N   . CYS A 1 39  ? -1.879  2.155   3.405   1.00 11.91 ? 38  CYS B N   1 
ATOM   295  C CA  . CYS A 1 39  ? -1.071  2.272   2.188   1.00 10.40 ? 38  CYS B CA  1 
ATOM   296  C C   . CYS A 1 39  ? -0.443  3.660   2.106   1.00 10.20 ? 38  CYS B C   1 
ATOM   297  O O   . CYS A 1 39  ? 0.714   3.794   1.719   1.00 10.71 ? 38  CYS B O   1 
ATOM   298  C CB  . CYS A 1 39  ? -1.885  1.992   0.911   1.00 11.37 ? 38  CYS B CB  1 
ATOM   299  S SG  . CYS A 1 39  ? -2.397  0.272   0.688   1.00 12.23 ? 38  CYS B SG  1 
ATOM   300  N N   . ARG A 1 40  ? -1.190  4.703   2.455   1.00 9.41  ? 39  ARG B N   1 
ATOM   301  C CA  . ARG A 1 40  ? -0.598  6.035   2.491   1.00 9.99  ? 39  ARG B CA  1 
ATOM   302  C C   . ARG A 1 40  ? 0.478   6.163   3.560   1.00 9.34  ? 39  ARG B C   1 
ATOM   303  O O   . ARG A 1 40  ? 1.451   6.905   3.377   1.00 12.27 ? 39  ARG B O   1 
ATOM   304  C CB  . ARG A 1 40  ? -1.679  7.096   2.727   1.00 9.03  ? 39  ARG B CB  1 
ATOM   305  C CG  . ARG A 1 40  ? -2.534  7.410   1.515   1.00 12.84 ? 39  ARG B CG  1 
ATOM   306  C CD  . ARG A 1 40  ? -3.674  8.357   1.911   1.00 15.51 ? 39  ARG B CD  1 
ATOM   307  N NE  . ARG A 1 40  ? -4.435  8.831   0.757   1.00 14.38 ? 39  ARG B NE  1 
ATOM   308  C CZ  . ARG A 1 40  ? -5.435  8.175   0.170   1.00 14.38 ? 39  ARG B CZ  1 
ATOM   309  N NH1 . ARG A 1 40  ? -5.820  6.985   0.609   1.00 17.51 ? 39  ARG B NH1 1 
ATOM   310  N NH2 . ARG A 1 40  ? -6.055  8.716   -0.868  1.00 19.70 ? 39  ARG B NH2 1 
ATOM   311  N N   . LEU A 1 41  ? 0.293   5.466   4.680   1.00 9.47  ? 40  LEU B N   1 
ATOM   312  C CA  . LEU A 1 41  ? 1.225   5.569   5.786   1.00 9.41  ? 40  LEU B CA  1 
ATOM   313  C C   . LEU A 1 41  ? 2.556   4.959   5.352   1.00 10.65 ? 40  LEU B C   1 
ATOM   314  O O   . LEU A 1 41  ? 3.624   5.512   5.617   1.00 10.13 ? 40  LEU B O   1 
ATOM   315  C CB  . LEU A 1 41  ? 0.679   4.858   7.027   1.00 12.84 ? 40  LEU B CB  1 
ATOM   316  C CG  . LEU A 1 41  ? 1.498   5.077   8.299   1.00 11.31 ? 40  LEU B CG  1 
ATOM   317  C CD1 . LEU A 1 41  ? 1.319   6.512   8.773   1.00 15.28 ? 40  LEU B CD1 1 
ATOM   318  C CD2 . LEU A 1 41  ? 1.098   4.109   9.394   1.00 15.55 ? 40  LEU B CD2 1 
ATOM   319  N N   . TYR A 1 42  ? 2.484   3.820   4.659   1.00 10.46 ? 41  TYR B N   1 
ATOM   320  C CA  . TYR A 1 42  ? 3.680   3.231   4.076   1.00 10.49 ? 41  TYR B CA  1 
ATOM   321  C C   . TYR A 1 42  ? 4.349   4.145   3.059   1.00 12.28 ? 41  TYR B C   1 
ATOM   322  O O   . TYR A 1 42  ? 5.578   4.256   3.039   1.00 10.82 ? 41  TYR B O   1 
ATOM   323  C CB  . TYR A 1 42  ? 3.339   1.885   3.425   1.00 11.28 ? 41  TYR B CB  1 
ATOM   324  C CG  . TYR A 1 42  ? 4.481   1.328   2.593   1.00 10.51 ? 41  TYR B CG  1 
ATOM   325  C CD1 . TYR A 1 42  ? 5.550   0.697   3.190   1.00 10.86 ? 41  TYR B CD1 1 
ATOM   326  C CD2 . TYR A 1 42  ? 4.470   1.452   1.216   1.00 10.81 ? 41  TYR B CD2 1 
ATOM   327  C CE1 . TYR A 1 42  ? 6.609   0.193   2.425   1.00 11.04 ? 41  TYR B CE1 1 
ATOM   328  C CE2 . TYR A 1 42  ? 5.522   0.959   0.439   1.00 12.89 ? 41  TYR B CE2 1 
ATOM   329  C CZ  . TYR A 1 42  ? 6.578   0.329   1.057   1.00 11.79 ? 41  TYR B CZ  1 
ATOM   330  O OH  . TYR A 1 42  ? 7.615   -0.170  0.289   1.00 13.18 ? 41  TYR B OH  1 
ATOM   331  N N   . ALA A 1 43  ? 3.553   4.753   2.189   1.00 10.65 ? 42  ALA B N   1 
ATOM   332  C CA  . ALA A 1 43  ? 4.103   5.637   1.174   1.00 9.12  ? 42  ALA B CA  1 
ATOM   333  C C   . ALA A 1 43  ? 4.829   6.798   1.845   1.00 9.75  ? 42  ALA B C   1 
ATOM   334  O O   . ALA A 1 43  ? 5.903   7.226   1.394   1.00 11.23 ? 42  ALA B O   1 
ATOM   335  C CB  . ALA A 1 43  ? 2.991   6.136   0.242   1.00 10.63 ? 42  ALA B CB  1 
ATOM   336  N N   . MET A 1 44  ? 4.248   7.306   2.929   1.00 9.65  ? 43  MET B N   1 
ATOM   337  C CA  . MET A 1 44  ? 4.844   8.420   3.665   1.00 10.90 ? 43  MET B CA  1 
ATOM   338  C C   . MET A 1 44  ? 6.191   8.002   4.251   1.00 10.40 ? 43  MET B C   1 
ATOM   339  O O   . MET A 1 44  ? 7.203   8.699   4.057   1.00 13.86 ? 43  MET B O   1 
ATOM   340  C CB  . MET A 1 44  ? 3.895   8.903   4.780   1.00 10.85 ? 43  MET B CB  1 
ATOM   341  C CG  . MET A 1 44  ? 4.441   10.111  5.539   1.00 11.75 ? 43  MET B CG  1 
ATOM   342  S SD  . MET A 1 44  ? 4.321   11.637  4.569   1.00 12.32 ? 43  MET B SD  1 
ATOM   343  C CE  . MET A 1 44  ? 5.446   12.682  5.509   1.00 13.42 ? 43  MET B CE  1 
ATOM   344  N N   . GLN A 1 45  ? 6.216   6.864   4.947   1.00 11.73 ? 44  GLN B N   1 
ATOM   345  C CA  . GLN A 1 45  ? 7.444   6.387   5.573   1.00 12.77 ? 44  GLN B CA  1 
ATOM   346  C C   . GLN A 1 45  ? 8.543   6.149   4.537   1.00 15.63 ? 44  GLN B C   1 
ATOM   347  O O   . GLN A 1 45  ? 9.705   6.512   4.749   1.00 13.76 ? 44  GLN B O   1 
ATOM   348  C CB  . GLN A 1 45  ? 7.177   5.104   6.362   1.00 17.21 ? 44  GLN B CB  1 
ATOM   349  C CG  . GLN A 1 45  ? 8.372   4.656   7.189   1.00 20.83 ? 44  GLN B CG  1 
ATOM   350  C CD  . GLN A 1 45  ? 8.027   3.574   8.197   1.00 30.72 ? 44  GLN B CD  1 
ATOM   351  O OE1 . GLN A 1 45  ? 6.886   3.113   8.270   1.00 33.88 ? 44  GLN B OE1 1 
ATOM   352  N NE2 . GLN A 1 45  ? 9.004   3.201   9.017   1.00 35.73 ? 44  GLN B NE2 1 
ATOM   353  N N   . THR A 1 46  ? 8.156   5.566   3.412   1.00 10.87 ? 45  THR B N   1 
ATOM   354  C CA  . THR A 1 46  ? 9.102   5.190   2.368   1.00 11.50 ? 45  THR B CA  1 
ATOM   355  C C   . THR A 1 46  ? 9.613   6.425   1.649   1.00 14.04 ? 45  THR B C   1 
ATOM   356  O O   . THR A 1 46  ? 10.807  6.565   1.391   1.00 13.36 ? 45  THR B O   1 
ATOM   357  C CB  . THR A 1 46  ? 8.461   4.230   1.355   1.00 14.36 ? 45  THR B CB  1 
ATOM   358  O OG1 . THR A 1 46  ? 7.966   3.085   2.056   1.00 15.49 ? 45  THR B OG1 1 
ATOM   359  C CG2 . THR A 1 46  ? 9.498   3.769   0.334   1.00 15.08 ? 45  THR B CG2 1 
ATOM   360  N N   . GLY A 1 47  ? 8.703   7.333   1.338   1.00 11.42 ? 46  GLY B N   1 
ATOM   361  C CA  . GLY A 1 47  ? 9.093   8.594   0.727   1.00 11.97 ? 46  GLY B CA  1 
ATOM   362  C C   . GLY A 1 47  ? 10.061  9.394   1.579   1.00 15.57 ? 46  GLY B C   1 
ATOM   363  O O   . GLY A 1 47  ? 11.016  9.977   1.057   1.00 14.12 ? 46  GLY B O   1 
ATOM   364  N N   . MET A 1 48  ? 9.837   9.424   2.891   1.00 12.88 ? 47  MET B N   1 
ATOM   365  C CA  . MET A 1 48  ? 10.759  10.140  3.779   1.00 16.00 ? 47  MET B CA  1 
ATOM   366  C C   . MET A 1 48  ? 12.160  9.543   3.752   1.00 16.19 ? 47  MET B C   1 
ATOM   367  O O   . MET A 1 48  ? 13.144  10.284  3.849   1.00 24.55 ? 47  MET B O   1 
ATOM   368  C CB  . MET A 1 48  ? 10.250  10.149  5.216   1.00 17.99 ? 47  MET B CB  1 
ATOM   369  C CG  . MET A 1 48  ? 9.015   10.978  5.405   1.00 18.33 ? 47  MET B CG  1 
ATOM   370  S SD  . MET A 1 48  ? 8.663   11.185  7.165   1.00 23.38 ? 47  MET B SD  1 
ATOM   371  C CE  . MET A 1 48  ? 8.207   9.531   7.570   1.00 17.39 ? 47  MET B CE  1 
ATOM   372  N N   . LYS A 1 49  ? 12.242  8.219   3.641   1.00 19.03 ? 48  LYS B N   1 
ATOM   373  C CA  . LYS A 1 49  ? 13.526  7.516   3.524   1.00 17.73 ? 48  LYS B CA  1 
ATOM   374  C C   . LYS A 1 49  ? 14.258  7.960   2.271   1.00 21.40 ? 48  LYS B C   1 
ATOM   375  O O   . LYS A 1 49  ? 15.481  8.112   2.264   1.00 23.73 ? 48  LYS B O   1 
ATOM   376  C CB  . LYS A 1 49  ? 13.335  5.991   3.470   1.00 25.08 ? 48  LYS B CB  1 
ATOM   377  C CG  . LYS A 1 49  ? 12.823  5.318   4.736   1.00 28.94 ? 48  LYS B CG  1 
ATOM   378  C CD  . LYS A 1 49  ? 12.629  3.821   4.485   1.00 30.69 ? 48  LYS B CD  1 
ATOM   379  C CE  . LYS A 1 49  ? 12.164  3.104   5.736   1.00 35.41 ? 48  LYS B CE  1 
ATOM   380  N NZ  . LYS A 1 49  ? 11.926  1.657   5.474   1.00 39.62 ? 48  LYS B NZ  1 
ATOM   381  N N   . ILE A 1 50  ? 13.502  8.154   1.201   1.00 16.92 ? 49  ILE B N   1 
ATOM   382  C CA  . ILE A 1 50  ? 14.098  8.426   -0.098  1.00 18.59 ? 49  ILE B CA  1 
ATOM   383  C C   . ILE A 1 50  ? 14.602  9.858   -0.202  1.00 20.77 ? 49  ILE B C   1 
ATOM   384  O O   . ILE A 1 50  ? 15.776  10.094  -0.565  1.00 19.43 ? 49  ILE B O   1 
ATOM   385  C CB  . ILE A 1 50  ? 13.094  8.145   -1.233  1.00 15.17 ? 49  ILE B CB  1 
ATOM   386  C CG1 . ILE A 1 50  ? 12.769  6.646   -1.307  1.00 16.70 ? 49  ILE B CG1 1 
ATOM   387  C CG2 . ILE A 1 50  ? 13.630  8.669   -2.560  1.00 13.63 ? 49  ILE B CG2 1 
ATOM   388  C CD1 . ILE A 1 50  ? 11.602  6.319   -2.235  1.00 18.02 ? 49  ILE B CD1 1 
ATOM   389  N N   . ASP A 1 51  ? 13.732  10.810  0.133   1.00 15.79 ? 50  ASP B N   1 
ATOM   390  C CA  . ASP A 1 51  ? 14.038  12.231  -0.035  1.00 18.08 ? 50  ASP B CA  1 
ATOM   391  C C   . ASP A 1 51  ? 12.943  13.091  0.582   1.00 17.58 ? 50  ASP B C   1 
ATOM   392  O O   . ASP A 1 51  ? 11.843  13.179  0.037   1.00 16.78 ? 50  ASP B O   1 
ATOM   393  C CB  . ASP A 1 51  ? 14.206  12.544  -1.528  1.00 20.12 ? 50  ASP B CB  1 
ATOM   394  C CG  . ASP A 1 51  ? 14.727  13.943  -1.799  1.00 24.91 ? 50  ASP B CG  1 
ATOM   395  O OD1 . ASP A 1 51  ? 14.745  14.800  -0.889  1.00 21.62 ? 50  ASP B OD1 1 
ATOM   396  O OD2 . ASP A 1 51  ? 15.181  14.154  -2.944  1.00 23.41 ? 50  ASP B OD2 1 
ATOM   397  N N   . SER A 1 52  ? 13.246  13.725  1.712   1.00 17.99 ? 51  SER B N   1 
ATOM   398  C CA  . SER A 1 52  ? 12.295  14.619  2.340   1.00 15.37 ? 51  SER B CA  1 
ATOM   399  C C   . SER A 1 52  ? 12.719  16.078  2.227   1.00 19.95 ? 51  SER B C   1 
ATOM   400  O O   . SER A 1 52  ? 12.101  16.937  2.831   1.00 19.81 ? 51  SER B O   1 
ATOM   401  C CB  . SER A 1 52  ? 12.108  14.269  3.818   1.00 20.16 ? 51  SER B CB  1 
ATOM   402  O OG  . SER A 1 52  ? 13.290  14.549  4.547   1.00 24.92 ? 51  SER B OG  1 
ATOM   403  N N   . LYS A 1 53  ? 13.767  16.353  1.456   1.00 19.97 ? 52  LYS B N   1 
ATOM   404  C CA  . LYS A 1 53  ? 14.329  17.706  1.433   1.00 20.53 ? 52  LYS B CA  1 
ATOM   405  C C   . LYS A 1 53  ? 14.267  18.406  0.074   1.00 18.02 ? 52  LYS B C   1 
ATOM   406  O O   . LYS A 1 53  ? 14.105  19.622  0.036   1.00 21.59 ? 52  LYS B O   1 
ATOM   407  C CB  . LYS A 1 53  ? 15.774  17.669  1.918   1.00 24.95 ? 52  LYS B CB  1 
ATOM   408  C CG  . LYS A 1 53  ? 15.886  17.444  3.418   1.00 22.66 ? 52  LYS B CG  1 
ATOM   409  C CD  . LYS A 1 53  ? 17.225  16.852  3.776   1.00 30.28 ? 52  LYS B CD  1 
ATOM   410  N NZ  . LYS A 1 53  ? 15.576  17.973  6.452   1.00 38.09 ? 52  LYS B NZ  1 
ATOM   411  N N   . THR A 1 54  ? 14.394  17.656  -1.023  1.00 18.65 ? 53  THR B N   1 
ATOM   412  C CA  . THR A 1 54  ? 14.189  18.229  -2.358  1.00 20.67 ? 53  THR B CA  1 
ATOM   413  C C   . THR A 1 54  ? 12.805  18.859  -2.355  1.00 20.33 ? 53  THR B C   1 
ATOM   414  O O   . THR A 1 54  ? 11.853  18.200  -1.944  1.00 17.56 ? 53  THR B O   1 
ATOM   415  C CB  . THR A 1 54  ? 14.292  17.161  -3.468  1.00 23.46 ? 53  THR B CB  1 
ATOM   416  O OG1 . THR A 1 54  ? 15.593  16.557  -3.441  1.00 24.46 ? 53  THR B OG1 1 
ATOM   417  C CG2 . THR A 1 54  ? 14.064  17.783  -4.845  1.00 26.10 ? 53  THR B CG2 1 
ATOM   418  N N   . PRO A 1 55  ? 12.689  20.138  -2.762  1.00 16.75 ? 54  PRO B N   1 
ATOM   419  C CA  . PRO A 1 55  ? 11.436  20.899  -2.645  1.00 16.38 ? 54  PRO B CA  1 
ATOM   420  C C   . PRO A 1 55  ? 10.176  20.158  -3.134  1.00 15.84 ? 54  PRO B C   1 
ATOM   421  O O   . PRO A 1 55  ? 9.175   20.136  -2.417  1.00 15.84 ? 54  PRO B O   1 
ATOM   422  C CB  . PRO A 1 55  ? 11.715  22.142  -3.495  1.00 20.24 ? 54  PRO B CB  1 
ATOM   423  C CG  . PRO A 1 55  ? 13.182  22.349  -3.312  1.00 16.18 ? 54  PRO B CG  1 
ATOM   424  C CD  . PRO A 1 55  ? 13.783  20.969  -3.302  1.00 16.22 ? 54  PRO B CD  1 
ATOM   425  N N   . GLU A 1 56  ? 10.222  19.561  -4.314  1.00 15.65 ? 55  GLU B N   1 
ATOM   426  C CA  . GLU A 1 56  ? 9.036   18.877  -4.823  1.00 15.90 ? 55  GLU B CA  1 
ATOM   427  C C   . GLU A 1 56  ? 8.673   17.703  -3.933  1.00 16.66 ? 55  GLU B C   1 
ATOM   428  O O   . GLU A 1 56  ? 7.484   17.415  -3.723  1.00 14.86 ? 55  GLU B O   1 
ATOM   429  C CB  . GLU A 1 56  ? 9.260   18.396  -6.251  1.00 19.79 ? 55  GLU B CB  1 
ATOM   430  O OE1 . GLU A 1 56  ? 9.746   16.732  -8.687  1.00 32.05 ? 55  GLU B OE1 1 
ATOM   431  O OE2 . GLU A 1 56  ? 7.168   16.653  -8.823  1.00 22.50 ? 55  GLU B OE2 1 
ATOM   432  N N   . CYS A 1 57  ? 9.696   17.024  -3.419  1.00 15.61 ? 56  CYS B N   1 
ATOM   433  C CA  . CYS A 1 57  ? 9.468   15.864  -2.559  1.00 16.35 ? 56  CYS B CA  1 
ATOM   434  C C   . CYS A 1 57  ? 8.939   16.289  -1.200  1.00 15.04 ? 56  CYS B C   1 
ATOM   435  O O   . CYS A 1 57  ? 8.031   15.648  -0.652  1.00 15.02 ? 56  CYS B O   1 
ATOM   436  C CB  . CYS A 1 57  ? 10.754  15.045  -2.397  1.00 15.54 ? 56  CYS B CB  1 
ATOM   437  S SG  . CYS A 1 57  ? 11.331  14.282  -3.912  1.00 18.97 ? 56  CYS B SG  1 
ATOM   438  N N   . ARG A 1 58  ? 9.512   17.356  -0.646  1.00 15.82 ? 57  ARG B N   1 
ATOM   439  C CA  . ARG A 1 58  ? 9.032   17.904  0.615   1.00 14.55 ? 57  ARG B CA  1 
ATOM   440  C C   . ARG A 1 58  ? 7.576   18.362  0.528   1.00 14.86 ? 57  ARG B C   1 
ATOM   441  O O   . ARG A 1 58  ? 6.776   18.075  1.426   1.00 16.08 ? 57  ARG B O   1 
ATOM   442  C CB  . ARG A 1 58  ? 9.930   19.066  1.066   1.00 16.61 ? 57  ARG B CB  1 
ATOM   443  C CG  . ARG A 1 58  ? 9.613   19.557  2.458   1.00 18.16 ? 57  ARG B CG  1 
ATOM   444  N NH2 . ARG A 1 58  ? 10.131  23.489  0.417   1.00 27.64 ? 57  ARG B NH2 1 
ATOM   445  N N   . LYS A 1 59  ? 7.223   19.048  -0.557  1.00 15.38 ? 58  LYS B N   1 
ATOM   446  C CA  . LYS A 1 59  ? 5.857   19.509  -0.758  1.00 14.83 ? 58  LYS B CA  1 
ATOM   447  C C   . LYS A 1 59  ? 4.892   18.329  -0.892  1.00 15.13 ? 58  LYS B C   1 
ATOM   448  O O   . LYS A 1 59  ? 3.799   18.349  -0.324  1.00 13.75 ? 58  LYS B O   1 
ATOM   449  C CB  . LYS A 1 59  ? 5.769   20.414  -1.989  1.00 15.50 ? 58  LYS B CB  1 
ATOM   450  C CG  . LYS A 1 59  ? 6.519   21.739  -1.828  1.00 21.88 ? 58  LYS B CG  1 
ATOM   451  N NZ  . LYS A 1 59  ? 8.263   24.309  -3.951  1.00 37.49 ? 58  LYS B NZ  1 
ATOM   452  N N   . PHE A 1 60  ? 5.293   17.308  -1.642  1.00 12.70 ? 59  PHE B N   1 
ATOM   453  C CA  . PHE A 1 60  ? 4.430   16.150  -1.824  1.00 11.52 ? 59  PHE B CA  1 
ATOM   454  C C   . PHE A 1 60  ? 4.185   15.462  -0.488  1.00 11.97 ? 59  PHE B C   1 
ATOM   455  O O   . PHE A 1 60  ? 3.043   15.114  -0.164  1.00 12.66 ? 59  PHE B O   1 
ATOM   456  C CB  . PHE A 1 60  ? 5.035   15.146  -2.811  1.00 12.00 ? 59  PHE B CB  1 
ATOM   457  C CG  . PHE A 1 60  ? 4.204   13.902  -2.981  1.00 12.12 ? 59  PHE B CG  1 
ATOM   458  C CD1 . PHE A 1 60  ? 3.155   13.870  -3.894  1.00 10.62 ? 59  PHE B CD1 1 
ATOM   459  C CD2 . PHE A 1 60  ? 4.444   12.779  -2.199  1.00 9.55  ? 59  PHE B CD2 1 
ATOM   460  C CE1 . PHE A 1 60  ? 2.369   12.719  -4.027  1.00 13.25 ? 59  PHE B CE1 1 
ATOM   461  C CE2 . PHE A 1 60  ? 3.651   11.643  -2.318  1.00 12.47 ? 59  PHE B CE2 1 
ATOM   462  C CZ  . PHE A 1 60  ? 2.625   11.613  -3.243  1.00 14.54 ? 59  PHE B CZ  1 
ATOM   463  N N   . LEU A 1 61  ? 5.259   15.245  0.271   1.00 12.62 ? 60  LEU B N   1 
ATOM   464  C CA  . LEU A 1 61  ? 5.146   14.567  1.560   1.00 10.58 ? 60  LEU B CA  1 
ATOM   465  C C   . LEU A 1 61  ? 4.357   15.400  2.556   1.00 12.91 ? 60  LEU B C   1 
ATOM   466  O O   . LEU A 1 61  ? 3.672   14.854  3.418   1.00 12.36 ? 60  LEU B O   1 
ATOM   467  C CB  . LEU A 1 61  ? 6.524   14.239  2.127   1.00 10.71 ? 60  LEU B CB  1 
ATOM   468  C CG  . LEU A 1 61  ? 7.308   13.182  1.350   1.00 12.96 ? 60  LEU B CG  1 
ATOM   469  C CD1 . LEU A 1 61  ? 8.700   13.084  1.959   1.00 15.22 ? 60  LEU B CD1 1 
ATOM   470  C CD2 . LEU A 1 61  ? 6.592   11.831  1.400   1.00 13.07 ? 60  LEU B CD2 1 
ATOM   471  N N   . SER A 1 62  ? 4.455   16.724  2.451   1.00 12.39 ? 61  SER B N   1 
ATOM   472  C CA  . SER A 1 62  ? 3.691   17.586  3.343   1.00 12.63 ? 61  SER B CA  1 
ATOM   473  C C   . SER A 1 62  ? 2.187   17.433  3.085   1.00 14.17 ? 61  SER B C   1 
ATOM   474  O O   . SER A 1 62  ? 1.393   17.331  4.022   1.00 12.90 ? 61  SER B O   1 
ATOM   475  C CB  . SER A 1 62  ? 4.139   19.037  3.185   1.00 15.22 ? 61  SER B CB  1 
ATOM   476  O OG  . SER A 1 62  ? 3.473   19.850  4.134   1.00 25.25 ? 61  SER B OG  1 
ATOM   477  N N   . LYS A 1 63  ? 1.799   17.385  1.815   1.00 12.93 ? 62  LYS B N   1 
ATOM   478  C CA  . LYS A 1 63  ? 0.401   17.182  1.464   1.00 11.93 ? 62  LYS B CA  1 
ATOM   479  C C   . LYS A 1 63  ? -0.062  15.772  1.829   1.00 12.56 ? 62  LYS B C   1 
ATOM   480  O O   . LYS A 1 63  ? -1.196  15.589  2.246   1.00 12.94 ? 62  LYS B O   1 
ATOM   481  C CB  . LYS A 1 63  ? 0.176   17.443  -0.030  1.00 12.27 ? 62  LYS B CB  1 
ATOM   482  C CG  . LYS A 1 63  ? 0.377   18.920  -0.434  1.00 17.26 ? 62  LYS B CG  1 
ATOM   483  C CD  . LYS A 1 63  ? -0.697  19.807  0.157   1.00 23.48 ? 62  LYS B CD  1 
ATOM   484  C CE  . LYS A 1 63  ? -0.506  21.246  -0.301  1.00 31.21 ? 62  LYS B CE  1 
ATOM   485  N N   . LEU A 1 64  ? 0.822   14.790  1.683   1.00 11.07 ? 63  LEU B N   1 
ATOM   486  C CA  . LEU A 1 64  ? 0.490   13.419  2.068   1.00 8.85  ? 63  LEU B CA  1 
ATOM   487  C C   . LEU A 1 64  ? 0.263   13.349  3.575   1.00 10.00 ? 63  LEU B C   1 
ATOM   488  O O   . LEU A 1 64  ? -0.652  12.664  4.025   1.00 10.82 ? 63  LEU B O   1 
ATOM   489  C CB  . LEU A 1 64  ? 1.591   12.439  1.615   1.00 11.56 ? 63  LEU B CB  1 
ATOM   490  C CG  . LEU A 1 64  ? 1.399   10.951  1.971   1.00 9.51  ? 63  LEU B CG  1 
ATOM   491  C CD1 . LEU A 1 64  ? 0.088   10.465  1.411   1.00 11.59 ? 63  LEU B CD1 1 
ATOM   492  C CD2 . LEU A 1 64  ? 2.533   10.121  1.394   1.00 10.98 ? 63  LEU B CD2 1 
ATOM   493  N N   . MET A 1 65  ? 1.076   14.068  4.344   1.00 11.72 ? 64  MET B N   1 
ATOM   494  C CA  . MET A 1 65  ? 0.907   14.067  5.787   1.00 12.89 ? 64  MET B CA  1 
ATOM   495  C C   . MET A 1 65  ? -0.390  14.773  6.171   1.00 12.93 ? 64  MET B C   1 
ATOM   496  O O   . MET A 1 65  ? -1.115  14.273  7.026   1.00 13.85 ? 64  MET B O   1 
ATOM   497  C CB  . MET A 1 65  ? 2.113   14.691  6.478   1.00 13.40 ? 64  MET B CB  1 
ATOM   498  C CG  . MET A 1 65  ? 2.001   14.739  7.996   1.00 13.54 ? 64  MET B CG  1 
ATOM   499  S SD  . MET A 1 65  ? 1.710   13.132  8.775   1.00 19.81 ? 64  MET B SD  1 
ATOM   500  C CE  . MET A 1 65  ? 3.211   12.382  8.260   1.00 11.12 ? 64  MET B CE  1 
ATOM   501  N N   . ASP A 1 66  ? -0.707  15.895  5.519   1.00 13.09 ? 65  ASP B N   1 
ATOM   502  C CA  . ASP A 1 66  ? -2.014  16.527  5.719   1.00 14.09 ? 65  ASP B CA  1 
ATOM   503  C C   . ASP A 1 66  ? -3.158  15.532  5.534   1.00 15.60 ? 65  ASP B C   1 
ATOM   504  O O   . ASP A 1 66  ? -4.134  15.508  6.288   1.00 14.14 ? 65  ASP B O   1 
ATOM   505  C CB  . ASP A 1 66  ? -2.227  17.694  4.737   1.00 13.35 ? 65  ASP B CB  1 
ATOM   506  C CG  . ASP A 1 66  ? -1.355  18.906  5.037   1.00 19.99 ? 65  ASP B CG  1 
ATOM   507  O OD1 . ASP A 1 66  ? -0.811  19.038  6.154   1.00 18.08 ? 65  ASP B OD1 1 
ATOM   508  O OD2 . ASP A 1 66  ? -1.221  19.741  4.122   1.00 17.79 ? 65  ASP B OD2 1 
ATOM   509  N N   . GLN A 1 67  ? -3.049  14.737  4.481   1.00 13.17 ? 66  GLN B N   1 
ATOM   510  C CA  . GLN A 1 67  ? -4.100  13.814  4.110   1.00 14.94 ? 66  GLN B CA  1 
ATOM   511  C C   . GLN A 1 67  ? -4.161  12.654  5.112   1.00 12.45 ? 66  GLN B C   1 
ATOM   512  O O   . GLN A 1 67  ? -5.261  12.264  5.548   1.00 13.64 ? 66  GLN B O   1 
ATOM   513  C CB  . GLN A 1 67  ? -3.869  13.395  2.650   1.00 17.08 ? 66  GLN B CB  1 
ATOM   514  C CG  . GLN A 1 67  ? -4.747  12.338  2.064   1.00 19.59 ? 66  GLN B CG  1 
ATOM   515  C CD  . GLN A 1 67  ? -4.822  12.455  0.545   1.00 17.82 ? 66  GLN B CD  1 
ATOM   516  O OE1 . GLN A 1 67  ? -5.085  13.534  -0.003  1.00 22.47 ? 66  GLN B OE1 1 
ATOM   517  N NE2 . GLN A 1 67  ? -4.379  11.421  -0.128  1.00 15.54 ? 66  GLN B NE2 1 
ATOM   518  N N   . LEU A 1 68  ? -2.996  12.156  5.536   1.00 10.76 ? 67  LEU B N   1 
ATOM   519  C CA  . LEU A 1 68  ? -2.959  11.136  6.592   1.00 10.60 ? 67  LEU B CA  1 
ATOM   520  C C   . LEU A 1 68  ? -3.594  11.612  7.902   1.00 11.71 ? 67  LEU B C   1 
ATOM   521  O O   . LEU A 1 68  ? -4.336  10.859  8.525   1.00 13.49 ? 67  LEU B O   1 
ATOM   522  C CB  . LEU A 1 68  ? -1.526  10.673  6.864   1.00 13.92 ? 67  LEU B CB  1 
ATOM   523  C CG  . LEU A 1 68  ? -0.934  9.694   5.853   1.00 10.41 ? 67  LEU B CG  1 
ATOM   524  C CD1 . LEU A 1 68  ? 0.553   9.624   6.069   1.00 12.94 ? 67  LEU B CD1 1 
ATOM   525  C CD2 . LEU A 1 68  ? -1.533  8.322   6.124   1.00 12.74 ? 67  LEU B CD2 1 
ATOM   526  N N   . GLU A 1 69  ? -3.281  12.837  8.316   1.00 13.71 ? 68  GLU B N   1 
ATOM   527  C CA  . GLU A 1 69  ? -3.813  13.386  9.555   1.00 14.23 ? 68  GLU B CA  1 
ATOM   528  C C   . GLU A 1 69  ? -5.327  13.524  9.446   1.00 15.24 ? 68  GLU B C   1 
ATOM   529  O O   . GLU A 1 69  ? -6.056  13.186  10.380  1.00 17.01 ? 68  GLU B O   1 
ATOM   530  C CB  . GLU A 1 69  ? -3.131  14.721  9.875   1.00 15.60 ? 68  GLU B CB  1 
ATOM   531  C CG  . GLU A 1 69  ? -1.684  14.536  10.321  1.00 15.79 ? 68  GLU B CG  1 
ATOM   532  C CD  . GLU A 1 69  ? -0.875  15.812  10.391  1.00 15.82 ? 68  GLU B CD  1 
ATOM   533  O OE1 . GLU A 1 69  ? -1.378  16.880  9.950   1.00 17.45 ? 68  GLU B OE1 1 
ATOM   534  O OE2 . GLU A 1 69  ? 0.272   15.745  10.882  1.00 17.39 ? 68  GLU B OE2 1 
ATOM   535  N N   . ALA A 1 70  ? -5.807  13.968  8.285   1.00 15.22 ? 69  ALA B N   1 
ATOM   536  C CA  . ALA A 1 70  ? -7.237  14.111  8.066   1.00 13.50 ? 69  ALA B CA  1 
ATOM   537  C C   . ALA A 1 70  ? -7.933  12.763  8.039   1.00 16.24 ? 69  ALA B C   1 
ATOM   538  O O   . ALA A 1 70  ? -8.997  12.590  8.612   1.00 16.53 ? 69  ALA B O   1 
ATOM   539  C CB  . ALA A 1 70  ? -7.517  14.870  6.765   1.00 14.51 ? 69  ALA B CB  1 
ATOM   540  N N   . LEU A 1 71  ? -7.316  11.802  7.368   1.00 12.74 ? 70  LEU B N   1 
ATOM   541  C CA  . LEU A 1 71  ? -7.926  10.503  7.216   1.00 13.43 ? 70  LEU B CA  1 
ATOM   542  C C   . LEU A 1 71  ? -7.951  9.773   8.561   1.00 15.53 ? 70  LEU B C   1 
ATOM   543  O O   . LEU A 1 71  ? -8.944  9.123   8.884   1.00 17.42 ? 70  LEU B O   1 
ATOM   544  C CB  . LEU A 1 71  ? -7.195  9.694   6.131   1.00 14.77 ? 70  LEU B CB  1 
ATOM   545  C CG  . LEU A 1 71  ? -7.705  8.297   5.812   1.00 16.68 ? 70  LEU B CG  1 
ATOM   546  C CD1 . LEU A 1 71  ? -9.192  8.351   5.465   1.00 18.83 ? 70  LEU B CD1 1 
ATOM   547  C CD2 . LEU A 1 71  ? -6.918  7.731   4.625   1.00 19.95 ? 70  LEU B CD2 1 
ATOM   548  N N   . LYS A 1 72  ? -6.891  9.894   9.356   1.00 14.80 ? 71  LYS B N   1 
ATOM   549  C CA  . LYS A 1 72  ? -6.898  9.260   10.677  1.00 16.70 ? 71  LYS B CA  1 
ATOM   550  C C   . LYS A 1 72  ? -8.016  9.835   11.548  1.00 20.19 ? 71  LYS B C   1 
ATOM   551  O O   . LYS A 1 72  ? -8.758  9.089   12.199  1.00 22.48 ? 71  LYS B O   1 
ATOM   552  C CB  . LYS A 1 72  ? -5.554  9.423   11.375  1.00 20.71 ? 71  LYS B CB  1 
ATOM   553  C CG  . LYS A 1 72  ? -5.438  8.591   12.653  1.00 18.43 ? 71  LYS B CG  1 
ATOM   554  C CD  . LYS A 1 72  ? -4.158  8.921   13.401  1.00 24.07 ? 71  LYS B CD  1 
ATOM   555  N NZ  . LYS A 1 72  ? -3.207  7.393   15.931  1.00 35.08 ? 71  LYS B NZ  1 
ATOM   556  N N   . LYS A 1 73  ? -8.143  11.159  11.539  1.00 18.07 ? 72  LYS B N   1 
ATOM   557  C CA  . LYS A 1 73  ? -9.236  11.810  12.251  1.00 16.46 ? 72  LYS B CA  1 
ATOM   558  C C   . LYS A 1 73  ? -10.601 11.289  11.793  1.00 17.46 ? 72  LYS B C   1 
ATOM   559  O O   . LYS A 1 73  ? -11.456 10.966  12.622  1.00 20.17 ? 72  LYS B O   1 
ATOM   560  C CB  . LYS A 1 73  ? -9.169  13.330  12.072  1.00 18.40 ? 72  LYS B CB  1 
ATOM   561  C CG  . LYS A 1 73  ? -10.333 14.014  12.736  1.00 19.93 ? 72  LYS B CG  1 
ATOM   562  C CD  . LYS A 1 73  ? -10.364 15.490  12.493  1.00 23.79 ? 72  LYS B CD  1 
ATOM   563  C CE  . LYS A 1 73  ? -9.298  16.185  13.290  1.00 26.40 ? 72  LYS B CE  1 
ATOM   564  N NZ  . LYS A 1 73  ? -9.438  17.651  13.103  1.00 26.65 ? 72  LYS B NZ  1 
ATOM   565  N N   . GLN A 1 74  ? -10.799 11.178  10.483  1.00 17.58 ? 73  GLN B N   1 
ATOM   566  C CA  . GLN A 1 74  ? -12.106 10.787  9.943   1.00 15.39 ? 73  GLN B CA  1 
ATOM   567  C C   . GLN A 1 74  ? -12.456 9.318   10.202  1.00 22.57 ? 73  GLN B C   1 
ATOM   568  O O   . GLN A 1 74  ? -13.629 8.958   10.343  1.00 20.42 ? 73  GLN B O   1 
ATOM   569  C CB  . GLN A 1 74  ? -12.159 11.016  8.443   1.00 22.23 ? 73  GLN B CB  1 
ATOM   570  C CG  . GLN A 1 74  ? -13.565 11.155  7.910   1.00 25.39 ? 73  GLN B CG  1 
ATOM   571  C CD  . GLN A 1 74  ? -13.605 11.243  6.401   1.00 25.95 ? 73  GLN B CD  1 
ATOM   572  O OE1 . GLN A 1 74  ? -12.735 10.710  5.713   1.00 29.31 ? 73  GLN B OE1 1 
ATOM   573  N NE2 . GLN A 1 74  ? -14.514 12.064  5.890   1.00 25.32 ? 73  GLN B NE2 1 
ATOM   574  N N   . LEU A 1 75  ? -11.442 8.464   10.224  1.00 19.51 ? 74  LEU B N   1 
ATOM   575  C CA  . LEU A 1 75  ? -11.670 7.047   10.522  1.00 19.74 ? 74  LEU B CA  1 
ATOM   576  C C   . LEU A 1 75  ? -12.220 6.874   11.926  1.00 22.78 ? 74  LEU B C   1 
ATOM   577  O O   . LEU A 1 75  ? -12.876 5.865   12.227  1.00 21.70 ? 74  LEU B O   1 
ATOM   578  C CB  . LEU A 1 75  ? -10.377 6.243   10.333  1.00 18.37 ? 74  LEU B CB  1 
ATOM   579  C CG  . LEU A 1 75  ? -10.084 5.942   8.867   1.00 20.30 ? 74  LEU B CG  1 
ATOM   580  C CD1 . LEU A 1 75  ? -8.652  5.497   8.703   1.00 15.19 ? 74  LEU B CD1 1 
ATOM   581  C CD2 . LEU A 1 75  ? -11.015 4.819   8.424   1.00 23.77 ? 74  LEU B CD2 1 
ATOM   582  N N   . GLY A 1 76  ? -11.942 7.869   12.763  1.00 25.20 ? 75  GLY B N   1 
ATOM   583  C CA  . GLY A 1 76  ? -12.498 7.977   14.098  1.00 28.39 ? 75  GLY B CA  1 
ATOM   584  C C   . GLY A 1 76  ? -12.243 6.770   14.972  1.00 33.43 ? 75  GLY B C   1 
ATOM   585  O O   . GLY A 1 76  ? -11.095 6.360   15.180  1.00 30.61 ? 75  GLY B O   1 
ATOM   586  N N   . ASP A 1 77  ? -13.333 6.194   15.465  1.00 26.40 ? 76  ASP B N   1 
ATOM   587  C CA  . ASP A 1 77  ? -13.268 5.169   16.487  1.00 28.93 ? 76  ASP B CA  1 
ATOM   588  C C   . ASP A 1 77  ? -13.154 3.798   15.836  1.00 28.88 ? 76  ASP B C   1 
ATOM   589  O O   . ASP A 1 77  ? -14.026 2.938   16.000  1.00 30.37 ? 76  ASP B O   1 
ATOM   590  C CB  . ASP A 1 77  ? -14.513 5.233   17.370  1.00 29.29 ? 76  ASP B CB  1 
ATOM   591  C CG  . ASP A 1 77  ? -14.336 4.501   18.669  1.00 36.72 ? 76  ASP B CG  1 
ATOM   592  O OD1 . ASP A 1 77  ? -13.178 4.148   18.989  1.00 38.12 ? 76  ASP B OD1 1 
ATOM   593  O OD2 . ASP A 1 77  ? -15.351 4.268   19.361  1.00 31.01 ? 76  ASP B OD2 1 
ATOM   594  N N   . ASN A 1 78  ? -12.079 3.600   15.080  1.00 20.21 ? 77  ASN B N   1 
ATOM   595  C CA  . ASN A 1 78  ? -11.915 2.376   14.321  1.00 20.32 ? 77  ASN B CA  1 
ATOM   596  C C   . ASN A 1 78  ? -10.819 1.503   14.926  1.00 17.67 ? 77  ASN B C   1 
ATOM   597  O O   . ASN A 1 78  ? -9.684  1.928   15.087  1.00 16.90 ? 77  ASN B O   1 
ATOM   598  C CB  . ASN A 1 78  ? -11.642 2.726   12.851  1.00 19.67 ? 77  ASN B CB  1 
ATOM   599  C CG  . ASN A 1 78  ? -11.622 1.515   11.937  1.00 18.58 ? 77  ASN B CG  1 
ATOM   600  O OD1 . ASN A 1 78  ? -11.045 0.469   12.254  1.00 19.19 ? 77  ASN B OD1 1 
ATOM   601  N ND2 . ASN A 1 78  ? -12.346 1.616   10.831  1.00 19.95 ? 77  ASN B ND2 1 
ATOM   602  N N   . GLU A 1 79  ? -11.191 0.274   15.268  1.00 18.80 ? 78  GLU B N   1 
ATOM   603  C CA  . GLU A 1 79  ? -10.312 -0.658  15.968  1.00 16.75 ? 78  GLU B CA  1 
ATOM   604  C C   . GLU A 1 79  ? -9.012  -0.906  15.221  1.00 15.01 ? 78  GLU B C   1 
ATOM   605  O O   . GLU A 1 79  ? -7.955  -1.095  15.822  1.00 14.53 ? 78  GLU B O   1 
ATOM   606  C CB  . GLU A 1 79  ? -11.032 -1.997  16.160  1.00 18.64 ? 78  GLU B CB  1 
ATOM   607  C CG  . GLU A 1 79  ? -10.305 -2.954  17.074  1.00 23.94 ? 78  GLU B CG  1 
ATOM   608  C CD  . GLU A 1 79  ? -10.949 -4.323  17.123  1.00 24.34 ? 78  GLU B CD  1 
ATOM   609  O OE1 . GLU A 1 79  ? -11.705 -4.676  16.182  1.00 21.87 ? 78  GLU B OE1 1 
ATOM   610  O OE2 . GLU A 1 79  ? -10.744 -5.016  18.148  1.00 23.99 ? 78  GLU B OE2 1 
ATOM   611  N N   . ALA A 1 80  ? -9.099  -0.913  13.900  1.00 14.93 ? 79  ALA B N   1 
ATOM   612  C CA  . ALA A 1 80  ? -7.937  -1.222  13.074  1.00 12.38 ? 79  ALA B CA  1 
ATOM   613  C C   . ALA A 1 80  ? -6.966  -0.042  13.025  1.00 14.65 ? 79  ALA B C   1 
ATOM   614  O O   . ALA A 1 80  ? -5.845  -0.163  12.534  1.00 15.12 ? 79  ALA B O   1 
ATOM   615  C CB  . ALA A 1 80  ? -8.380  -1.611  11.661  1.00 13.76 ? 79  ALA B CB  1 
ATOM   616  N N   . ILE A 1 81  ? -7.405  1.106   13.525  1.00 15.23 ? 80  ILE B N   1 
ATOM   617  C CA  . ILE A 1 81  ? -6.566  2.303   13.547  1.00 17.93 ? 80  ILE B CA  1 
ATOM   618  C C   . ILE A 1 81  ? -6.050  2.567   14.959  1.00 18.26 ? 80  ILE B C   1 
ATOM   619  O O   . ILE A 1 81  ? -4.889  2.940   15.150  1.00 22.45 ? 80  ILE B O   1 
ATOM   620  C CB  . ILE A 1 81  ? -7.343  3.536   13.034  1.00 16.50 ? 80  ILE B CB  1 
ATOM   621  C CG1 . ILE A 1 81  ? -7.878  3.285   11.627  1.00 16.24 ? 80  ILE B CG1 1 
ATOM   622  C CG2 . ILE A 1 81  ? -6.461  4.790   13.060  1.00 21.75 ? 80  ILE B CG2 1 
ATOM   623  C CD1 . ILE A 1 81  ? -6.745  3.006   10.608  1.00 16.31 ? 80  ILE B CD1 1 
ATOM   624  N N   . THR A 1 82  ? -6.914  2.350   15.951  1.00 18.73 ? 81  THR B N   1 
ATOM   625  C CA  . THR A 1 82  ? -6.540  2.560   17.344  1.00 22.37 ? 81  THR B CA  1 
ATOM   626  C C   . THR A 1 82  ? -5.643  1.442   17.867  1.00 21.68 ? 81  THR B C   1 
ATOM   627  O O   . THR A 1 82  ? -4.848  1.661   18.771  1.00 24.16 ? 81  THR B O   1 
ATOM   628  C CB  . THR A 1 82  ? -7.782  2.672   18.259  1.00 19.73 ? 81  THR B CB  1 
ATOM   629  O OG1 . THR A 1 82  ? -8.533  1.453   18.197  1.00 24.00 ? 81  THR B OG1 1 
ATOM   630  C CG2 . THR A 1 82  ? -8.675  3.819   17.811  1.00 22.28 ? 81  THR B CG2 1 
ATOM   631  N N   . GLN A 1 83  ? -5.771  0.245   17.296  1.00 17.46 ? 82  GLN B N   1 
ATOM   632  C CA  . GLN A 1 83  ? -4.961  -0.889  17.712  1.00 17.28 ? 82  GLN B CA  1 
ATOM   633  C C   . GLN A 1 83  ? -4.098  -1.373  16.561  1.00 18.89 ? 82  GLN B C   1 
ATOM   634  O O   . GLN A 1 83  ? -4.614  -1.951  15.607  1.00 15.83 ? 82  GLN B O   1 
ATOM   635  C CB  . GLN A 1 83  ? -5.850  -2.032  18.211  1.00 19.84 ? 82  GLN B CB  1 
ATOM   636  C CG  . GLN A 1 83  ? -6.952  -1.578  19.152  1.00 23.41 ? 82  GLN B CG  1 
ATOM   637  C CD  . GLN A 1 83  ? -6.439  -1.265  20.542  1.00 28.36 ? 82  GLN B CD  1 
ATOM   638  O OE1 . GLN A 1 83  ? -5.326  -1.643  20.904  1.00 35.68 ? 82  GLN B OE1 1 
ATOM   639  N N   . GLU A 1 84  ? -2.797  -1.118  16.660  1.00 18.26 ? 83  GLU B N   1 
ATOM   640  C CA  . GLU A 1 84  ? -1.832  -1.522  15.636  1.00 16.99 ? 83  GLU B CA  1 
ATOM   641  C C   . GLU A 1 84  ? -1.899  -3.009  15.306  1.00 15.49 ? 83  GLU B C   1 
ATOM   642  O O   . GLU A 1 84  ? -1.754  -3.385  14.150  1.00 16.07 ? 83  GLU B O   1 
ATOM   643  C CB  . GLU A 1 84  ? -0.406  -1.166  16.075  1.00 22.21 ? 83  GLU B CB  1 
ATOM   644  O OE1 . GLU A 1 84  ? 1.913   1.619   15.021  1.00 46.25 ? 83  GLU B OE1 1 
ATOM   645  O OE2 . GLU A 1 84  ? 2.358   -0.326  17.038  1.00 46.06 ? 83  GLU B OE2 1 
ATOM   646  N N   . ILE A 1 85  ? -2.109  -3.859  16.314  1.00 15.27 ? 84  ILE B N   1 
ATOM   647  C CA  . ILE A 1 85  ? -2.157  -5.302  16.088  1.00 14.40 ? 84  ILE B CA  1 
ATOM   648  C C   . ILE A 1 85  ? -3.309  -5.638  15.144  1.00 13.02 ? 84  ILE B C   1 
ATOM   649  O O   . ILE A 1 85  ? -3.151  -6.436  14.218  1.00 12.97 ? 84  ILE B O   1 
ATOM   650  C CB  . ILE A 1 85  ? -2.300  -6.073  17.416  1.00 17.53 ? 84  ILE B CB  1 
ATOM   651  C CG1 . ILE A 1 85  ? -1.050  -5.856  18.279  1.00 20.64 ? 84  ILE B CG1 1 
ATOM   652  C CG2 . ILE A 1 85  ? -2.553  -7.556  17.158  1.00 20.27 ? 84  ILE B CG2 1 
ATOM   653  C CD1 . ILE A 1 85  ? -1.214  -6.252  19.725  1.00 25.33 ? 84  ILE B CD1 1 
ATOM   654  N N   . VAL A 1 86  ? -4.452  -4.996  15.355  1.00 11.18 ? 85  VAL B N   1 
ATOM   655  C CA  . VAL A 1 86  ? -5.602  -5.210  14.496  1.00 11.26 ? 85  VAL B CA  1 
ATOM   656  C C   . VAL A 1 86  ? -5.378  -4.614  13.099  1.00 13.10 ? 85  VAL B C   1 
ATOM   657  O O   . VAL A 1 86  ? -5.757  -5.224  12.096  1.00 12.25 ? 85  VAL B O   1 
ATOM   658  C CB  . VAL A 1 86  ? -6.888  -4.632  15.142  1.00 13.15 ? 85  VAL B CB  1 
ATOM   659  C CG1 . VAL A 1 86  ? -8.081  -4.789  14.208  1.00 13.68 ? 85  VAL B CG1 1 
ATOM   660  C CG2 . VAL A 1 86  ? -7.138  -5.311  16.491  1.00 14.57 ? 85  VAL B CG2 1 
ATOM   661  N N   . GLY A 1 87  ? -4.755  -3.438  13.018  1.00 12.00 ? 86  GLY B N   1 
ATOM   662  C CA  . GLY A 1 87  ? -4.483  -2.850  11.717  1.00 11.32 ? 86  GLY B CA  1 
ATOM   663  C C   . GLY A 1 87  ? -3.591  -3.737  10.868  1.00 11.62 ? 86  GLY B C   1 
ATOM   664  O O   . GLY A 1 87  ? -3.834  -3.924  9.657   1.00 9.98  ? 86  GLY B O   1 
ATOM   665  N N   . CYS A 1 88  ? -2.552  -4.278  11.494  1.00 11.06 ? 87  CYS B N   1 
ATOM   666  C CA  . CYS A 1 88  ? -1.655  -5.180  10.785  1.00 12.70 ? 87  CYS B CA  1 
ATOM   667  C C   . CYS A 1 88  ? -2.402  -6.432  10.311  1.00 11.54 ? 87  CYS B C   1 
ATOM   668  O O   . CYS A 1 88  ? -2.252  -6.840  9.162   1.00 11.76 ? 87  CYS B O   1 
ATOM   669  C CB  . CYS A 1 88  ? -0.480  -5.562  11.669  1.00 13.68 ? 87  CYS B CB  1 
ATOM   670  S SG  . CYS A 1 88  ? 0.793   -6.494  10.806  1.00 16.74 ? 87  CYS B SG  1 
ATOM   671  N N   . ALA A 1 89  ? -3.209  -7.026  11.188  1.00 11.99 ? 88  ALA B N   1 
ATOM   672  C CA  . ALA A 1 89  ? -3.962  -8.220  10.804  1.00 12.10 ? 88  ALA B CA  1 
ATOM   673  C C   . ALA A 1 89  ? -4.952  -7.909  9.691   1.00 9.32  ? 88  ALA B C   1 
ATOM   674  O O   . ALA A 1 89  ? -5.137  -8.712  8.778   1.00 11.02 ? 88  ALA B O   1 
ATOM   675  C CB  . ALA A 1 89  ? -4.683  -8.806  12.004  1.00 11.95 ? 88  ALA B CB  1 
ATOM   676  N N   . HIS A 1 90  ? -5.575  -6.729  9.751   1.00 9.47  ? 89  HIS B N   1 
ATOM   677  C CA  . HIS A 1 90  ? -6.544  -6.363  8.731   1.00 8.87  ? 89  HIS B CA  1 
ATOM   678  C C   . HIS A 1 90  ? -5.894  -6.351  7.340   1.00 11.61 ? 89  HIS B C   1 
ATOM   679  O O   . HIS A 1 90  ? -6.413  -6.940  6.384   1.00 10.80 ? 89  HIS B O   1 
ATOM   680  C CB  . HIS A 1 90  ? -7.160  -4.990  9.032   1.00 11.25 ? 89  HIS B CB  1 
ATOM   681  C CG  . HIS A 1 90  ? -8.263  -4.620  8.090   1.00 11.86 ? 89  HIS B CG  1 
ATOM   682  N ND1 . HIS A 1 90  ? -9.531  -5.150  8.187   1.00 21.14 ? 89  HIS B ND1 1 
ATOM   683  C CD2 . HIS A 1 90  ? -8.260  -3.849  6.980   1.00 13.18 ? 89  HIS B CD2 1 
ATOM   684  C CE1 . HIS A 1 90  ? -10.281 -4.668  7.210   1.00 23.16 ? 89  HIS B CE1 1 
ATOM   685  N NE2 . HIS A 1 90  ? -9.534  -3.879  6.460   1.00 16.26 ? 89  HIS B NE2 1 
ATOM   686  N N   . LEU A 1 91  ? -4.744  -5.689  7.234   1.00 11.77 ? 90  LEU B N   1 
ATOM   687  C CA  . LEU A 1 91  ? -4.035  -5.644  5.970   1.00 11.38 ? 90  LEU B CA  1 
ATOM   688  C C   . LEU A 1 91  ? -3.478  -7.004  5.560   1.00 12.53 ? 90  LEU B C   1 
ATOM   689  O O   . LEU A 1 91  ? -3.573  -7.381  4.402   1.00 12.39 ? 90  LEU B O   1 
ATOM   690  C CB  . LEU A 1 91  ? -2.920  -4.610  6.039   1.00 13.18 ? 90  LEU B CB  1 
ATOM   691  C CG  . LEU A 1 91  ? -3.376  -3.252  5.507   1.00 17.57 ? 90  LEU B CG  1 
ATOM   692  C CD1 . LEU A 1 91  ? -4.492  -2.620  6.349   1.00 14.20 ? 90  LEU B CD1 1 
ATOM   693  C CD2 . LEU A 1 91  ? -2.184  -2.387  5.468   1.00 26.62 ? 90  LEU B CD2 1 
ATOM   694  N N   . GLU A 1 92  ? -2.930  -7.746  6.517   1.00 10.64 ? 91  GLU B N   1 
ATOM   695  C CA  . GLU A 1 92  ? -2.344  -9.060  6.231   1.00 9.96  ? 91  GLU B CA  1 
ATOM   696  C C   . GLU A 1 92  ? -3.431  -10.001 5.730   1.00 12.90 ? 91  GLU B C   1 
ATOM   697  O O   . GLU A 1 92  ? -3.239  -10.750 4.769   1.00 11.32 ? 91  GLU B O   1 
ATOM   698  C CB  . GLU A 1 92  ? -1.713  -9.619  7.502   1.00 13.90 ? 91  GLU B CB  1 
ATOM   699  C CG  . GLU A 1 92  ? -0.644  -10.651 7.289   1.00 20.67 ? 91  GLU B CG  1 
ATOM   700  C CD  . GLU A 1 92  ? 0.022   -11.025 8.599   1.00 26.97 ? 91  GLU B CD  1 
ATOM   701  O OE1 . GLU A 1 92  ? -0.647  -11.029 9.652   1.00 24.42 ? 91  GLU B OE1 1 
ATOM   702  O OE2 . GLU A 1 92  ? 1.259   -11.142 8.601   1.00 24.28 ? 91  GLU B OE2 1 
ATOM   703  N N   . ASN A 1 93  ? -4.586  -9.943  6.384   1.00 11.45 ? 92  ASN B N   1 
ATOM   704  C CA  . ASN A 1 93  ? -5.673  -10.822 6.000   1.00 10.99 ? 92  ASN B CA  1 
ATOM   705  C C   . ASN A 1 93  ? -6.337  -10.418 4.694   1.00 10.56 ? 92  ASN B C   1 
ATOM   706  O O   . ASN A 1 93  ? -6.825  -11.276 3.981   1.00 11.36 ? 92  ASN B O   1 
ATOM   707  C CB  . ASN A 1 93  ? -6.731  -10.925 7.109   1.00 10.09 ? 92  ASN B CB  1 
ATOM   708  C CG  . ASN A 1 93  ? -6.203  -11.619 8.345   1.00 11.51 ? 92  ASN B CG  1 
ATOM   709  O OD1 . ASN A 1 93  ? -6.767  -11.495 9.446   1.00 13.42 ? 92  ASN B OD1 1 
ATOM   710  N ND2 . ASN A 1 93  ? -5.075  -12.287 8.198   1.00 9.15  ? 92  ASN B ND2 1 
ATOM   711  N N   . TYR A 1 94  ? -6.378  -9.125  4.391   1.00 10.80 ? 93  TYR B N   1 
ATOM   712  C CA  . TYR A 1 94  ? -6.923  -8.678  3.113   1.00 10.58 ? 93  TYR B CA  1 
ATOM   713  C C   . TYR A 1 94  ? -5.993  -9.122  1.981   1.00 14.78 ? 93  TYR B C   1 
ATOM   714  O O   . TYR A 1 94  ? -6.448  -9.646  0.954   1.00 13.25 ? 93  TYR B O   1 
ATOM   715  C CB  . TYR A 1 94  ? -7.156  -7.162  3.133   1.00 12.27 ? 93  TYR B CB  1 
ATOM   716  C CG  . TYR A 1 94  ? -7.721  -6.592  1.858   1.00 13.98 ? 93  TYR B CG  1 
ATOM   717  C CD1 . TYR A 1 94  ? -8.924  -7.055  1.343   1.00 20.03 ? 93  TYR B CD1 1 
ATOM   718  C CD2 . TYR A 1 94  ? -7.113  -5.532  1.222   1.00 15.34 ? 93  TYR B CD2 1 
ATOM   719  C CE1 . TYR A 1 94  ? -9.454  -6.526  0.182   1.00 24.94 ? 93  TYR B CE1 1 
ATOM   720  C CE2 . TYR A 1 94  ? -7.651  -4.979  0.073   1.00 16.58 ? 93  TYR B CE2 1 
ATOM   721  C CZ  . TYR A 1 94  ? -8.821  -5.474  -0.437  1.00 18.71 ? 93  TYR B CZ  1 
ATOM   722  O OH  . TYR A 1 94  ? -9.343  -4.937  -1.587  1.00 18.83 ? 93  TYR B OH  1 
ATOM   723  N N   . ALA A 1 95  ? -4.693  -8.971  2.207   1.00 11.00 ? 94  ALA B N   1 
ATOM   724  C CA  . ALA A 1 95  ? -3.688  -9.515  1.293   1.00 10.62 ? 94  ALA B CA  1 
ATOM   725  C C   . ALA A 1 95  ? -3.874  -11.006 1.082   1.00 12.91 ? 94  ALA B C   1 
ATOM   726  O O   . ALA A 1 95  ? -3.796  -11.489 -0.041  1.00 12.17 ? 94  ALA B O   1 
ATOM   727  C CB  . ALA A 1 95  ? -2.284  -9.235  1.813   1.00 10.71 ? 94  ALA B CB  1 
ATOM   728  N N   . LEU A 1 96  ? -4.128  -11.734 2.163   1.00 10.20 ? 95  LEU B N   1 
ATOM   729  C CA  . LEU A 1 96  ? -4.280  -13.174 2.070   1.00 10.52 ? 95  LEU B CA  1 
ATOM   730  C C   . LEU A 1 96  ? -5.534  -13.527 1.266   1.00 12.70 ? 95  LEU B C   1 
ATOM   731  O O   . LEU A 1 96  ? -5.509  -14.430 0.434   1.00 12.71 ? 95  LEU B O   1 
ATOM   732  C CB  . LEU A 1 96  ? -4.336  -13.793 3.474   1.00 10.71 ? 95  LEU B CB  1 
ATOM   733  C CG  . LEU A 1 96  ? -4.517  -15.316 3.509   1.00 10.26 ? 95  LEU B CG  1 
ATOM   734  C CD1 . LEU A 1 96  ? -3.298  -16.016 2.892   1.00 13.44 ? 95  LEU B CD1 1 
ATOM   735  C CD2 . LEU A 1 96  ? -4.744  -15.805 4.927   1.00 13.52 ? 95  LEU B CD2 1 
ATOM   736  N N   . LYS A 1 97  ? -6.622  -12.790 1.484   1.00 11.26 ? 96  LYS B N   1 
ATOM   737  C CA  . LYS A 1 97  ? -7.848  -13.044 0.728   1.00 12.66 ? 96  LYS B CA  1 
ATOM   738  C C   . LYS A 1 97  ? -7.638  -12.863 -0.773  1.00 15.46 ? 96  LYS B C   1 
ATOM   739  O O   . LYS A 1 97  ? -8.066  -13.723 -1.560  1.00 16.70 ? 96  LYS B O   1 
ATOM   740  C CB  . LYS A 1 97  ? -8.982  -12.138 1.218   1.00 15.76 ? 96  LYS B CB  1 
ATOM   741  C CG  . LYS A 1 97  ? -9.414  -12.491 2.607   1.00 20.30 ? 96  LYS B CG  1 
ATOM   742  C CD  . LYS A 1 97  ? -10.479 -11.552 3.121   1.00 21.86 ? 96  LYS B CD  1 
ATOM   743  C CE  . LYS A 1 97  ? -10.857 -11.930 4.540   1.00 24.47 ? 96  LYS B CE  1 
ATOM   744  N NZ  . LYS A 1 97  ? -11.890 -11.027 5.104   1.00 34.47 ? 96  LYS B NZ  1 
ATOM   745  N N   . MET A 1 98  ? -6.973  -11.791 -1.197  1.00 14.58 ? 97  MET B N   1 
ATOM   746  C CA  . MET A 1 98  ? -6.802  -11.652 -2.644  1.00 14.38 ? 97  MET B CA  1 
ATOM   747  C C   . MET A 1 98  ? -5.771  -12.641 -3.158  1.00 12.50 ? 97  MET B C   1 
ATOM   748  O O   . MET A 1 98  ? -5.922  -13.121 -4.278  1.00 12.20 ? 97  MET B O   1 
ATOM   749  C CB  . MET A 1 98  ? -6.449  -10.237 -3.071  1.00 21.16 ? 97  MET B CB  1 
ATOM   750  C CG  . MET A 1 98  ? -5.241  -9.675  -2.493  1.00 18.26 ? 97  MET B CG  1 
ATOM   751  S SD  . MET A 1 98  ? -5.190  -7.978  -3.130  1.00 26.74 ? 97  MET B SD  1 
ATOM   752  C CE  . MET A 1 98  ? -6.423  -7.184  -2.136  1.00 22.36 ? 97  MET B CE  1 
ATOM   753  N N   . PHE A 1 99  ? -4.770  -12.971 -2.342  1.00 11.25 ? 98  PHE B N   1 
ATOM   754  C CA  . PHE A 1 99  ? -3.797  -14.022 -2.696  1.00 12.11 ? 98  PHE B CA  1 
ATOM   755  C C   . PHE A 1 99  ? -4.511  -15.356 -2.948  1.00 12.09 ? 98  PHE B C   1 
ATOM   756  O O   . PHE A 1 99  ? -4.262  -16.030 -3.960  1.00 10.87 ? 98  PHE B O   1 
ATOM   757  C CB  . PHE A 1 99  ? -2.756  -14.189 -1.580  1.00 12.64 ? 98  PHE B CB  1 
ATOM   758  C CG  . PHE A 1 99  ? -1.648  -15.178 -1.885  1.00 13.03 ? 98  PHE B CG  1 
ATOM   759  C CD1 . PHE A 1 99  ? -0.464  -14.756 -2.475  1.00 16.84 ? 98  PHE B CD1 1 
ATOM   760  C CD2 . PHE A 1 99  ? -1.793  -16.517 -1.562  1.00 16.31 ? 98  PHE B CD2 1 
ATOM   761  C CE1 . PHE A 1 99  ? 0.559   -15.667 -2.737  1.00 17.20 ? 98  PHE B CE1 1 
ATOM   762  C CE2 . PHE A 1 99  ? -0.778  -17.432 -1.826  1.00 19.26 ? 98  PHE B CE2 1 
ATOM   763  C CZ  . PHE A 1 99  ? 0.395   -16.999 -2.417  1.00 19.35 ? 98  PHE B CZ  1 
ATOM   764  N N   . LEU A 1 100 ? -5.396  -15.741 -2.028  1.00 10.77 ? 99  LEU B N   1 
ATOM   765  C CA  . LEU A 1 100 ? -6.064  -17.033 -2.146  1.00 10.52 ? 99  LEU B CA  1 
ATOM   766  C C   . LEU A 1 100 ? -7.103  -17.027 -3.270  1.00 11.51 ? 99  LEU B C   1 
ATOM   767  O O   . LEU A 1 100 ? -7.339  -18.067 -3.888  1.00 11.74 ? 99  LEU B O   1 
ATOM   768  C CB  . LEU A 1 100 ? -6.707  -17.446 -0.813  1.00 12.02 ? 99  LEU B CB  1 
ATOM   769  C CG  . LEU A 1 100 ? -5.732  -17.726 0.336   1.00 10.73 ? 99  LEU B CG  1 
ATOM   770  C CD1 . LEU A 1 100 ? -6.489  -18.003 1.640   1.00 13.53 ? 99  LEU B CD1 1 
ATOM   771  C CD2 . LEU A 1 100 ? -4.766  -18.860 0.005   1.00 13.32 ? 99  LEU B CD2 1 
ATOM   772  N N   . TYR A 1 101 ? -7.716  -15.872 -3.533  1.00 12.95 ? 100 TYR B N   1 
ATOM   773  C CA  . TYR A 1 101 ? -8.562  -15.715 -4.722  1.00 10.55 ? 100 TYR B CA  1 
ATOM   774  C C   . TYR A 1 101 ? -7.762  -15.994 -5.995  1.00 13.56 ? 100 TYR B C   1 
ATOM   775  O O   . TYR A 1 101 ? -8.166  -16.805 -6.836  1.00 11.85 ? 100 TYR B O   1 
ATOM   776  C CB  . TYR A 1 101 ? -9.183  -14.307 -4.790  1.00 14.66 ? 100 TYR B CB  1 
ATOM   777  C CG  . TYR A 1 101 ? -9.697  -13.991 -6.172  1.00 15.32 ? 100 TYR B CG  1 
ATOM   778  C CD1 . TYR A 1 101 ? -10.901 -14.508 -6.634  1.00 17.13 ? 100 TYR B CD1 1 
ATOM   779  C CD2 . TYR A 1 101 ? -8.949  -13.204 -7.035  1.00 14.42 ? 100 TYR B CD2 1 
ATOM   780  C CE1 . TYR A 1 101 ? -11.348 -14.227 -7.919  1.00 18.13 ? 100 TYR B CE1 1 
ATOM   781  C CE2 . TYR A 1 101 ? -9.380  -12.920 -8.307  1.00 15.89 ? 100 TYR B CE2 1 
ATOM   782  C CZ  . TYR A 1 101 ? -10.583 -13.435 -8.746  1.00 15.65 ? 100 TYR B CZ  1 
ATOM   783  O OH  . TYR A 1 101 ? -10.996 -13.137 -10.018 1.00 20.07 ? 100 TYR B OH  1 
ATOM   784  N N   . ALA A 1 102 ? -6.617  -15.331 -6.112  1.00 12.02 ? 101 ALA B N   1 
ATOM   785  C CA  . ALA A 1 102 ? -5.757  -15.481 -7.279  1.00 11.31 ? 101 ALA B CA  1 
ATOM   786  C C   . ALA A 1 102 ? -5.228  -16.903 -7.395  1.00 11.00 ? 101 ALA B C   1 
ATOM   787  O O   . ALA A 1 102 ? -5.176  -17.450 -8.492  1.00 11.32 ? 101 ALA B O   1 
ATOM   788  C CB  . ALA A 1 102 ? -4.605  -14.477 -7.229  1.00 12.13 ? 101 ALA B CB  1 
ATOM   789  N N   . ASP A 1 103 ? -4.869  -17.515 -6.264  1.00 10.43 ? 102 ASP B N   1 
ATOM   790  C CA  . ASP A 1 103 ? -4.422  -18.907 -6.261  1.00 9.94  ? 102 ASP B CA  1 
ATOM   791  C C   . ASP A 1 103 ? -5.513  -19.848 -6.788  1.00 11.67 ? 102 ASP B C   1 
ATOM   792  O O   . ASP A 1 103 ? -5.233  -20.739 -7.573  1.00 11.31 ? 102 ASP B O   1 
ATOM   793  C CB  . ASP A 1 103 ? -3.989  -19.313 -4.844  1.00 11.16 ? 102 ASP B CB  1 
ATOM   794  C CG  . ASP A 1 103 ? -3.500  -20.741 -4.768  1.00 13.55 ? 102 ASP B CG  1 
ATOM   795  O OD1 . ASP A 1 103 ? -2.571  -21.073 -5.509  1.00 12.38 ? 102 ASP B OD1 1 
ATOM   796  O OD2 . ASP A 1 103 ? -4.022  -21.523 -3.953  1.00 14.63 ? 102 ASP B OD2 1 
ATOM   797  N N   . ASN A 1 104 ? -6.750  -19.650 -6.346  1.00 12.11 ? 103 ASN B N   1 
ATOM   798  C CA  . ASN A 1 104 ? -7.876  -20.444 -6.826  1.00 12.90 ? 103 ASN B CA  1 
ATOM   799  C C   . ASN A 1 104 ? -8.079  -20.318 -8.341  1.00 11.58 ? 103 ASN B C   1 
ATOM   800  O O   . ASN A 1 104 ? -8.340  -21.311 -9.026  1.00 11.27 ? 103 ASN B O   1 
ATOM   801  C CB  . ASN A 1 104 ? -9.155  -20.011 -6.101  1.00 15.02 ? 103 ASN B CB  1 
ATOM   802  C CG  . ASN A 1 104 ? -10.296 -20.978 -6.291  1.00 23.72 ? 103 ASN B CG  1 
ATOM   803  O OD1 . ASN A 1 104 ? -10.152 -22.177 -6.076  1.00 27.52 ? 103 ASN B OD1 1 
ATOM   804  N ND2 . ASN A 1 104 ? -11.418 -20.469 -6.785  1.00 26.40 ? 103 ASN B ND2 1 
ATOM   805  N N   . GLU A 1 105 ? -7.976  -19.093 -8.861  1.00 10.39 ? 104 GLU B N   1 
ATOM   806  C CA  . GLU A 1 105 ? -8.038  -18.863 -10.313 1.00 12.07 ? 104 GLU B CA  1 
ATOM   807  C C   . GLU A 1 105 ? -6.886  -19.581 -11.016 1.00 12.22 ? 104 GLU B C   1 
ATOM   808  O O   . GLU A 1 105 ? -7.080  -20.279 -12.018 1.00 11.54 ? 104 GLU B O   1 
ATOM   809  C CB  . GLU A 1 105 ? -8.014  -17.352 -10.620 1.00 11.34 ? 104 GLU B CB  1 
ATOM   810  C CG  . GLU A 1 105 ? -9.239  -16.636 -10.046 1.00 10.84 ? 104 GLU B CG  1 
ATOM   811  C CD  . GLU A 1 105 ? -10.542 -17.164 -10.635 1.00 13.41 ? 104 GLU B CD  1 
ATOM   812  O OE1 . GLU A 1 105 ? -10.694 -17.122 -11.874 1.00 13.37 ? 104 GLU B OE1 1 
ATOM   813  O OE2 . GLU A 1 105 ? -11.387 -17.666 -9.856  1.00 15.19 ? 104 GLU B OE2 1 
ATOM   814  N N   . ASP A 1 106 ? -5.684  -19.436 -10.468 1.00 10.67 ? 105 ASP B N   1 
ATOM   815  C CA  . ASP A 1 106 ? -4.499  -20.068 -11.039 1.00 11.47 ? 105 ASP B CA  1 
ATOM   816  C C   . ASP A 1 106 ? -4.642  -21.596 -11.109 1.00 11.52 ? 105 ASP B C   1 
ATOM   817  O O   . ASP A 1 106 ? -4.352  -22.224 -12.143 1.00 12.22 ? 105 ASP B O   1 
ATOM   818  C CB  . ASP A 1 106 ? -3.277  -19.624 -10.213 1.00 9.17  ? 105 ASP B CB  1 
ATOM   819  C CG  . ASP A 1 106 ? -1.969  -20.176 -10.735 1.00 13.51 ? 105 ASP B CG  1 
ATOM   820  O OD1 . ASP A 1 106 ? -1.733  -20.090 -11.950 1.00 17.15 ? 105 ASP B OD1 1 
ATOM   821  O OD2 . ASP A 1 106 ? -1.151  -20.611 -9.900  1.00 12.81 ? 105 ASP B OD2 1 
ATOM   822  N N   . ARG A 1 107 ? -5.125  -22.190 -10.029 1.00 11.33 ? 106 ARG B N   1 
ATOM   823  C CA  . ARG A 1 107 ? -5.276  -23.640 -9.984  1.00 10.43 ? 106 ARG B CA  1 
ATOM   824  C C   . ARG A 1 107 ? -6.299  -24.129 -11.005 1.00 15.15 ? 106 ARG B C   1 
ATOM   825  O O   . ARG A 1 107 ? -6.154  -25.212 -11.561 1.00 13.84 ? 106 ARG B O   1 
ATOM   826  C CB  . ARG A 1 107 ? -5.659  -24.064 -8.570  1.00 12.08 ? 106 ARG B CB  1 
ATOM   827  C CG  . ARG A 1 107 ? -4.516  -23.857 -7.574  1.00 12.35 ? 106 ARG B CG  1 
ATOM   828  C CD  . ARG A 1 107 ? -4.979  -24.046 -6.134  1.00 11.96 ? 106 ARG B CD  1 
ATOM   829  N NE  . ARG A 1 107 ? -5.378  -25.423 -5.812  1.00 12.82 ? 106 ARG B NE  1 
ATOM   830  C CZ  . ARG A 1 107 ? -4.535  -26.374 -5.425  1.00 10.71 ? 106 ARG B CZ  1 
ATOM   831  N NH1 . ARG A 1 107 ? -3.239  -26.120 -5.324  1.00 11.66 ? 106 ARG B NH1 1 
ATOM   832  N NH2 . ARG A 1 107 ? -5.004  -27.592 -5.122  1.00 12.90 ? 106 ARG B NH2 1 
ATOM   833  N N   . ALA A 1 108 ? -7.302  -23.301 -11.278 1.00 13.71 ? 107 ALA B N   1 
ATOM   834  C CA  . ALA A 1 108 ? -8.335  -23.626 -12.253 1.00 13.04 ? 107 ALA B CA  1 
ATOM   835  C C   . ALA A 1 108 ? -7.895  -23.347 -13.685 1.00 12.19 ? 107 ALA B C   1 
ATOM   836  O O   . ALA A 1 108 ? -8.637  -23.612 -14.629 1.00 14.75 ? 107 ALA B O   1 
ATOM   837  C CB  . ALA A 1 108 ? -9.610  -22.838 -11.934 1.00 12.82 ? 107 ALA B CB  1 
ATOM   838  N N   . GLY A 1 109 ? -6.697  -22.796 -13.842 1.00 11.82 ? 108 GLY B N   1 
ATOM   839  C CA  . GLY A 1 109 ? -6.200  -22.423 -15.155 1.00 14.61 ? 108 GLY B CA  1 
ATOM   840  C C   . GLY A 1 109 ? -6.920  -21.221 -15.745 1.00 14.81 ? 108 GLY B C   1 
ATOM   841  O O   . GLY A 1 109 ? -6.957  -21.056 -16.954 1.00 15.30 ? 108 GLY B O   1 
ATOM   842  N N   . ARG A 1 110 ? -7.483  -20.377 -14.887 1.00 13.40 ? 109 ARG B N   1 
ATOM   843  C CA  . ARG A 1 110 ? -8.184  -19.172 -15.329 1.00 14.46 ? 109 ARG B CA  1 
ATOM   844  C C   . ARG A 1 110 ? -7.273  -17.977 -15.177 1.00 14.83 ? 109 ARG B C   1 
ATOM   845  O O   . ARG A 1 110 ? -6.982  -17.546 -14.053 1.00 13.82 ? 109 ARG B O   1 
ATOM   846  C CB  . ARG A 1 110 ? -9.476  -18.957 -14.533 1.00 13.26 ? 109 ARG B CB  1 
ATOM   847  C CG  . ARG A 1 110 ? -10.521 -20.046 -14.804 1.00 12.70 ? 109 ARG B CG  1 
ATOM   848  C CD  . ARG A 1 110 ? -11.895 -19.665 -14.235 1.00 14.03 ? 109 ARG B CD  1 
ATOM   849  N NE  . ARG A 1 110 ? -11.912 -19.602 -12.774 1.00 13.98 ? 109 ARG B NE  1 
ATOM   850  C CZ  . ARG A 1 110 ? -12.332 -20.574 -11.966 1.00 17.17 ? 109 ARG B CZ  1 
ATOM   851  N NH1 . ARG A 1 110 ? -12.820 -21.712 -12.468 1.00 17.92 ? 109 ARG B NH1 1 
ATOM   852  N NH2 . ARG A 1 110 ? -12.286 -20.401 -10.648 1.00 18.57 ? 109 ARG B NH2 1 
ATOM   853  N N   . PHE A 1 111 ? -6.821  -17.443 -16.309 1.00 15.50 ? 110 PHE B N   1 
ATOM   854  C CA  . PHE A 1 111 ? -5.829  -16.386 -16.309 1.00 15.34 ? 110 PHE B CA  1 
ATOM   855  C C   . PHE A 1 111 ? -6.434  -15.128 -16.907 1.00 17.56 ? 110 PHE B C   1 
ATOM   856  O O   . PHE A 1 111 ? -7.002  -15.161 -17.997 1.00 17.70 ? 110 PHE B O   1 
ATOM   857  C CB  . PHE A 1 111 ? -4.577  -16.822 -17.084 1.00 16.37 ? 110 PHE B CB  1 
ATOM   858  C CG  . PHE A 1 111 ? -3.994  -18.111 -16.593 1.00 14.50 ? 110 PHE B CG  1 
ATOM   859  C CD1 . PHE A 1 111 ? -3.348  -18.173 -15.369 1.00 15.34 ? 110 PHE B CD1 1 
ATOM   860  C CD2 . PHE A 1 111 ? -4.071  -19.256 -17.364 1.00 15.82 ? 110 PHE B CD2 1 
ATOM   861  C CE1 . PHE A 1 111 ? -2.822  -19.375 -14.905 1.00 16.36 ? 110 PHE B CE1 1 
ATOM   862  C CE2 . PHE A 1 111 ? -3.542  -20.451 -16.911 1.00 20.26 ? 110 PHE B CE2 1 
ATOM   863  C CZ  . PHE A 1 111 ? -2.911  -20.503 -15.679 1.00 20.64 ? 110 PHE B CZ  1 
ATOM   864  N N   . HIS A 1 112 ? -6.310  -14.025 -16.181 1.00 15.57 ? 111 HIS B N   1 
ATOM   865  C CA  . HIS A 1 112 ? -7.002  -12.786 -16.511 1.00 15.36 ? 111 HIS B CA  1 
ATOM   866  C C   . HIS A 1 112 ? -6.477  -11.633 -15.674 1.00 18.29 ? 111 HIS B C   1 
ATOM   867  O O   . HIS A 1 112 ? -5.739  -11.851 -14.705 1.00 16.11 ? 111 HIS B O   1 
ATOM   868  C CB  . HIS A 1 112 ? -8.521  -12.946 -16.336 1.00 15.99 ? 111 HIS B CB  1 
ATOM   869  C CG  . HIS A 1 112 ? -8.943  -13.588 -15.045 1.00 14.78 ? 111 HIS B CG  1 
ATOM   870  N ND1 . HIS A 1 112 ? -8.989  -12.911 -13.844 1.00 16.50 ? 111 HIS B ND1 1 
ATOM   871  C CD2 . HIS A 1 112 ? -9.379  -14.846 -14.781 1.00 14.74 ? 111 HIS B CD2 1 
ATOM   872  C CE1 . HIS A 1 112 ? -9.428  -13.724 -12.896 1.00 15.30 ? 111 HIS B CE1 1 
ATOM   873  N NE2 . HIS A 1 112 ? -9.666  -14.906 -13.439 1.00 15.35 ? 111 HIS B NE2 1 
ATOM   874  N N   . LYS A 1 113 ? -6.828  -10.412 -16.080 1.00 15.87 ? 112 LYS B N   1 
ATOM   875  C CA  . LYS A 1 113 ? -6.330  -9.206  -15.427 1.00 17.87 ? 112 LYS B CA  1 
ATOM   876  C C   . LYS A 1 113 ? -6.625  -9.186  -13.941 1.00 15.91 ? 112 LYS B C   1 
ATOM   877  O O   . LYS A 1 113 ? -5.789  -8.737  -13.157 1.00 17.22 ? 112 LYS B O   1 
ATOM   878  C CB  . LYS A 1 113 ? -6.933  -7.955  -16.076 1.00 20.32 ? 112 LYS B CB  1 
ATOM   879  C CD  . LYS A 1 113 ? -4.717  -8.143  -18.675 1.00 38.97 ? 112 LYS B CD  1 
ATOM   880  N NZ  . LYS A 1 113 ? -5.022  -5.946  -20.867 1.00 43.59 ? 112 LYS B NZ  1 
ATOM   881  N N   . ASN A 1 114 ? -7.810  -9.647  -13.549 1.00 16.63 ? 113 ASN B N   1 
ATOM   882  C CA  . ASN A 1 114 ? -8.237  -9.517  -12.164 1.00 17.06 ? 113 ASN B CA  1 
ATOM   883  C C   . ASN A 1 114 ? -7.376  -10.345 -11.225 1.00 14.90 ? 113 ASN B C   1 
ATOM   884  O O   . ASN A 1 114 ? -6.994  -9.877  -10.159 1.00 16.42 ? 113 ASN B O   1 
ATOM   885  C CB  . ASN A 1 114 ? -9.705  -9.903  -11.995 1.00 18.44 ? 113 ASN B CB  1 
ATOM   886  C CG  . ASN A 1 114 ? -10.307 -9.341  -10.719 1.00 27.37 ? 113 ASN B CG  1 
ATOM   887  N ND2 . ASN A 1 114 ? -10.748 -10.219 -9.825  1.00 26.54 ? 113 ASN B ND2 1 
ATOM   888  N N   . MET A 1 115 ? -7.026  -11.563 -11.620 1.00 15.29 ? 114 MET B N   1 
ATOM   889  C CA  . MET A 1 115 ? -6.260  -12.392 -10.707 1.00 12.77 ? 114 MET B CA  1 
ATOM   890  C C   . MET A 1 115 ? -4.779  -11.903 -10.752 1.00 15.09 ? 114 MET B C   1 
ATOM   891  O O   . MET A 1 115 ? -4.049  -12.088 -9.775  1.00 11.84 ? 114 MET B O   1 
ATOM   892  C CB  . MET A 1 115 ? -6.321  -13.856 -11.119 1.00 13.02 ? 114 MET B CB  1 
ATOM   893  C CG  . MET A 1 115 ? -5.009  -14.007 -11.685 1.00 27.74 ? 114 MET B CG  1 
ATOM   894  S SD  . MET A 1 115 ? -4.292  -14.940 -12.865 1.00 13.40 ? 114 MET B SD  1 
ATOM   895  C CE  . MET A 1 115 ? -4.393  -16.579 -12.130 1.00 13.02 ? 114 MET B CE  1 
ATOM   896  N N   . ILE A 1 116 ? -4.331  -11.340 -11.897 1.00 15.03 ? 115 ILE B N   1 
ATOM   897  C CA  . ILE A 1 116 ? -2.967  -10.817 -12.019 1.00 14.29 ? 115 ILE B CA  1 
ATOM   898  C C   . ILE A 1 116 ? -2.897  -9.666  -11.037 1.00 13.20 ? 115 ILE B C   1 
ATOM   899  O O   . ILE A 1 116 ? -1.978  -9.584  -10.217 1.00 12.00 ? 115 ILE B O   1 
ATOM   900  C CB  . ILE A 1 116 ? -2.614  -10.330 -13.450 1.00 13.09 ? 115 ILE B CB  1 
ATOM   901  C CG1 . ILE A 1 116 ? -2.562  -11.500 -14.434 1.00 16.19 ? 115 ILE B CG1 1 
ATOM   902  C CG2 . ILE A 1 116 ? -1.279  -9.591  -13.473 1.00 13.59 ? 115 ILE B CG2 1 
ATOM   903  C CD1 . ILE A 1 116 ? -2.521  -11.049 -15.893 1.00 16.18 ? 115 ILE B CD1 1 
ATOM   904  N N   . LYS A 1 117 ? -3.904  -8.798  -11.092 1.00 15.84 ? 116 LYS B N   1 
ATOM   905  C CA  . LYS A 1 117 ? -3.929  -7.630  -10.210 1.00 15.89 ? 116 LYS B CA  1 
ATOM   906  C C   . LYS A 1 117 ? -4.053  -8.068  -8.759  1.00 14.50 ? 116 LYS B C   1 
ATOM   907  O O   . LYS A 1 117 ? -3.486  -7.447  -7.861  1.00 13.61 ? 116 LYS B O   1 
ATOM   908  C CB  . LYS A 1 117 ? -5.078  -6.678  -10.569 1.00 14.17 ? 116 LYS B CB  1 
ATOM   909  C CG  . LYS A 1 117 ? -5.064  -5.387  -9.740  1.00 17.01 ? 116 LYS B CG  1 
ATOM   910  N NZ  . LYS A 1 117 ? -6.382  -2.383  -9.948  1.00 31.44 ? 116 LYS B NZ  1 
ATOM   911  N N   . SER A 1 118 ? -4.782  -9.152  -8.517  1.00 12.30 ? 117 SER B N   1 
ATOM   912  C CA  . SER A 1 118 ? -4.915  -9.635  -7.155  1.00 9.69  ? 117 SER B CA  1 
ATOM   913  C C   . SER A 1 118 ? -3.578  -10.136 -6.622  1.00 11.34 ? 117 SER B C   1 
ATOM   914  O O   . SER A 1 118 ? -3.215  -9.815  -5.497  1.00 11.68 ? 117 SER B O   1 
ATOM   915  C CB  . SER A 1 118 ? -5.975  -10.738 -7.055  1.00 12.87 ? 117 SER B CB  1 
ATOM   916  O OG  . SER A 1 118 ? -7.275  -10.205 -7.283  1.00 15.35 ? 117 SER B OG  1 
ATOM   917  N N   . PHE A 1 119 ? -2.850  -10.931 -7.408  1.00 10.69 ? 118 PHE B N   1 
ATOM   918  C CA  . PHE A 1 119 ? -1.509  -11.308 -6.973  1.00 10.58 ? 118 PHE B CA  1 
ATOM   919  C C   . PHE A 1 119 ? -0.648  -10.068 -6.721  1.00 11.38 ? 118 PHE B C   1 
ATOM   920  O O   . PHE A 1 119 ? 0.029   -9.963  -5.698  1.00 11.64 ? 118 PHE B O   1 
ATOM   921  C CB  . PHE A 1 119 ? -0.771  -12.207 -7.983  1.00 9.21  ? 118 PHE B CB  1 
ATOM   922  C CG  . PHE A 1 119 ? -1.159  -13.681 -7.950  1.00 9.34  ? 118 PHE B CG  1 
ATOM   923  C CD1 . PHE A 1 119 ? -0.931  -14.447 -6.810  1.00 12.54 ? 118 PHE B CD1 1 
ATOM   924  C CD2 . PHE A 1 119 ? -1.557  -14.334 -9.114  1.00 10.96 ? 118 PHE B CD2 1 
ATOM   925  C CE1 . PHE A 1 119 ? -1.220  -15.825 -6.794  1.00 11.65 ? 118 PHE B CE1 1 
ATOM   926  C CE2 . PHE A 1 119 ? -1.847  -15.712 -9.112  1.00 12.28 ? 118 PHE B CE2 1 
ATOM   927  C CZ  . PHE A 1 119 ? -1.667  -16.447 -7.940  1.00 12.48 ? 118 PHE B CZ  1 
ATOM   928  N N   . TYR A 1 120 ? -0.644  -9.143  -7.668  1.00 10.36 ? 119 TYR B N   1 
ATOM   929  C CA  . TYR A 1 120 ? 0.287   -8.031  -7.539  1.00 11.09 ? 119 TYR B CA  1 
ATOM   930  C C   . TYR A 1 120 ? -0.083  -7.184  -6.338  1.00 11.57 ? 119 TYR B C   1 
ATOM   931  O O   . TYR A 1 120 ? 0.804   -6.778  -5.574  1.00 12.06 ? 119 TYR B O   1 
ATOM   932  C CB  . TYR A 1 120 ? 0.316   -7.193  -8.813  1.00 9.60  ? 119 TYR B CB  1 
ATOM   933  C CG  . TYR A 1 120 ? 1.375   -6.114  -8.797  1.00 11.93 ? 119 TYR B CG  1 
ATOM   934  C CD1 . TYR A 1 120 ? 2.723   -6.446  -8.761  1.00 15.09 ? 119 TYR B CD1 1 
ATOM   935  C CD2 . TYR A 1 120 ? 1.026   -4.775  -8.883  1.00 16.32 ? 119 TYR B CD2 1 
ATOM   936  C CE1 . TYR A 1 120 ? 3.693   -5.460  -8.757  1.00 18.60 ? 119 TYR B CE1 1 
ATOM   937  C CE2 . TYR A 1 120 ? 1.992   -3.787  -8.890  1.00 17.18 ? 119 TYR B CE2 1 
ATOM   938  C CZ  . TYR A 1 120 ? 3.319   -4.140  -8.829  1.00 18.79 ? 119 TYR B CZ  1 
ATOM   939  O OH  . TYR A 1 120 ? 4.288   -3.157  -8.841  1.00 21.80 ? 119 TYR B OH  1 
ATOM   940  N N   . THR A 1 121 ? -1.376  -6.937  -6.146  1.00 12.97 ? 120 THR B N   1 
ATOM   941  C CA  . THR A 1 121 ? -1.814  -6.106  -5.027  1.00 12.74 ? 120 THR B CA  1 
ATOM   942  C C   . THR A 1 121 ? -1.513  -6.789  -3.701  1.00 10.89 ? 120 THR B C   1 
ATOM   943  O O   . THR A 1 121 ? -1.155  -6.118  -2.728  1.00 11.54 ? 120 THR B O   1 
ATOM   944  C CB  . THR A 1 121 ? -3.320  -5.760  -5.138  1.00 12.35 ? 120 THR B CB  1 
ATOM   945  O OG1 . THR A 1 121 ? -3.522  -5.065  -6.369  1.00 15.42 ? 120 THR B OG1 1 
ATOM   946  C CG2 . THR A 1 121 ? -3.780  -4.865  -3.976  1.00 14.12 ? 120 THR B CG2 1 
ATOM   947  N N   . ALA A 1 122 ? -1.640  -8.122  -3.649  1.00 11.05 ? 121 ALA B N   1 
ATOM   948  C CA  . ALA A 1 122 ? -1.255  -8.810  -2.430  1.00 10.78 ? 121 ALA B CA  1 
ATOM   949  C C   . ALA A 1 122 ? 0.214   -8.503  -2.125  1.00 10.80 ? 121 ALA B C   1 
ATOM   950  O O   . ALA A 1 122 ? 0.562   -8.250  -0.978  1.00 10.77 ? 121 ALA B O   1 
ATOM   951  C CB  . ALA A 1 122 ? -1.495  -10.332 -2.529  1.00 12.40 ? 121 ALA B CB  1 
ATOM   952  N N   . SER A 1 123 ? 1.070   -8.473  -3.147  1.00 12.17 ? 122 SER B N   1 
ATOM   953  C CA  . SER A 1 123 ? 2.492   -8.250  -2.887  1.00 11.23 ? 122 SER B CA  1 
ATOM   954  C C   . SER A 1 123 ? 2.716   -6.811  -2.404  1.00 11.16 ? 122 SER B C   1 
ATOM   955  O O   . SER A 1 123 ? 3.545   -6.565  -1.522  1.00 9.79  ? 122 SER B O   1 
ATOM   956  C CB  . SER A 1 123 ? 3.361   -8.554  -4.139  1.00 11.83 ? 122 SER B CB  1 
ATOM   957  O OG  . SER A 1 123 ? 3.293   -7.533  -5.131  1.00 11.38 ? 122 SER B OG  1 
ATOM   958  N N   . LEU A 1 124 ? 1.968   -5.865  -2.975  1.00 10.47 ? 123 LEU B N   1 
ATOM   959  C CA  . LEU A 1 124 ? 2.065   -4.474  -2.548  1.00 13.61 ? 123 LEU B CA  1 
ATOM   960  C C   . LEU A 1 124 ? 1.620   -4.306  -1.103  1.00 10.22 ? 123 LEU B C   1 
ATOM   961  O O   . LEU A 1 124 ? 2.216   -3.537  -0.335  1.00 9.11  ? 123 LEU B O   1 
ATOM   962  C CB  . LEU A 1 124 ? 1.213   -3.579  -3.446  1.00 10.88 ? 123 LEU B CB  1 
ATOM   963  C CG  . LEU A 1 124 ? 1.633   -3.514  -4.912  1.00 12.52 ? 123 LEU B CG  1 
ATOM   964  C CD1 . LEU A 1 124 ? 0.614   -2.704  -5.696  1.00 14.82 ? 123 LEU B CD1 1 
ATOM   965  C CD2 . LEU A 1 124 ? 3.028   -2.935  -5.053  1.00 13.71 ? 123 LEU B CD2 1 
ATOM   966  N N   . LEU A 1 125 ? 0.554   -5.006  -0.720  1.00 10.05 ? 124 LEU B N   1 
ATOM   967  C CA  . LEU A 1 125 ? 0.083   -4.914  0.649   1.00 13.15 ? 124 LEU B CA  1 
ATOM   968  C C   . LEU A 1 125 ? 1.079   -5.495  1.650   1.00 10.92 ? 124 LEU B C   1 
ATOM   969  O O   . LEU A 1 125 ? 1.151   -5.036  2.789   1.00 9.53  ? 124 LEU B O   1 
ATOM   970  C CB  . LEU A 1 125 ? -1.272  -5.611  0.794   1.00 10.19 ? 124 LEU B CB  1 
ATOM   971  C CG  . LEU A 1 125 ? -2.390  -4.875  0.051   1.00 11.16 ? 124 LEU B CG  1 
ATOM   972  C CD1 . LEU A 1 125 ? -3.683  -5.698  0.060   1.00 14.54 ? 124 LEU B CD1 1 
ATOM   973  C CD2 . LEU A 1 125 ? -2.639  -3.493  0.673   1.00 14.63 ? 124 LEU B CD2 1 
ATOM   974  N N   . ILE A 1 126 ? 1.860   -6.492  1.243   1.00 9.96  ? 125 ILE B N   1 
ATOM   975  C CA  . ILE A 1 126 ? 2.877   -6.988  2.161   1.00 10.28 ? 125 ILE B CA  1 
ATOM   976  C C   . ILE A 1 126 ? 4.026   -5.964  2.311   1.00 10.20 ? 125 ILE B C   1 
ATOM   977  O O   . ILE A 1 126 ? 4.575   -5.822  3.400   1.00 12.77 ? 125 ILE B O   1 
ATOM   978  C CB  . ILE A 1 126 ? 3.396   -8.364  1.718   1.00 9.63  ? 125 ILE B CB  1 
ATOM   979  C CG1 . ILE A 1 126 ? 2.248   -9.378  1.863   1.00 11.89 ? 125 ILE B CG1 1 
ATOM   980  C CG2 . ILE A 1 126 ? 4.572   -8.774  2.579   1.00 11.53 ? 125 ILE B CG2 1 
ATOM   981  C CD1 . ILE A 1 126 ? 2.489   -10.734 1.175   1.00 15.70 ? 125 ILE B CD1 1 
ATOM   982  N N   . ASP A 1 127 ? 4.397   -5.262  1.238   1.00 10.35 ? 126 ASP B N   1 
ATOM   983  C CA  . ASP A 1 127 ? 5.260   -4.077  1.395   1.00 9.60  ? 126 ASP B CA  1 
ATOM   984  C C   . ASP A 1 127 ? 4.685   -3.152  2.472   1.00 12.57 ? 126 ASP B C   1 
ATOM   985  O O   . ASP A 1 127 ? 5.396   -2.715  3.369   1.00 12.29 ? 126 ASP B O   1 
ATOM   986  C CB  . ASP A 1 127 ? 5.384   -3.281  0.094   1.00 9.03  ? 126 ASP B CB  1 
ATOM   987  C CG  . ASP A 1 127 ? 6.224   -3.972  -0.965  1.00 12.99 ? 126 ASP B CG  1 
ATOM   988  O OD1 . ASP A 1 127 ? 7.071   -4.825  -0.631  1.00 14.72 ? 126 ASP B OD1 1 
ATOM   989  O OD2 . ASP A 1 127 ? 6.014   -3.647  -2.151  1.00 12.59 ? 126 ASP B OD2 1 
ATOM   990  N N   . VAL A 1 128 ? 3.395   -2.840  2.355   1.00 10.55 ? 127 VAL B N   1 
ATOM   991  C CA  . VAL A 1 128 ? 2.761   -1.880  3.252   1.00 11.47 ? 127 VAL B CA  1 
ATOM   992  C C   . VAL A 1 128 ? 2.857   -2.314  4.710   1.00 10.79 ? 127 VAL B C   1 
ATOM   993  O O   . VAL A 1 128 ? 3.105   -1.472  5.578   1.00 12.72 ? 127 VAL B O   1 
ATOM   994  C CB  . VAL A 1 128 ? 1.276   -1.659  2.864   1.00 9.49  ? 127 VAL B CB  1 
ATOM   995  C CG1 . VAL A 1 128 ? 0.499   -0.939  3.979   1.00 9.89  ? 127 VAL B CG1 1 
ATOM   996  C CG2 . VAL A 1 128 ? 1.188   -0.867  1.571   1.00 11.40 ? 127 VAL B CG2 1 
ATOM   997  N N   . ILE A 1 129 ? 2.685   -3.603  5.011   1.00 10.07 ? 128 ILE B N   1 
ATOM   998  C CA  . ILE A 1 129 ? 2.656   -3.954  6.427   1.00 14.21 ? 128 ILE B CA  1 
ATOM   999  C C   . ILE A 1 129 ? 4.037   -3.893  7.073   1.00 13.26 ? 128 ILE B C   1 
ATOM   1000 O O   . ILE A 1 129 ? 4.145   -4.075  8.276   1.00 13.76 ? 128 ILE B O   1 
ATOM   1001 C CB  . ILE A 1 129 ? 2.013   -5.336  6.708   1.00 18.50 ? 128 ILE B CB  1 
ATOM   1002 C CG1 . ILE A 1 129 ? 2.798   -6.475  6.102   1.00 15.08 ? 128 ILE B CG1 1 
ATOM   1003 C CG2 . ILE A 1 129 ? 0.563   -5.371  6.241   1.00 16.35 ? 128 ILE B CG2 1 
ATOM   1004 C CD1 . ILE A 1 129 ? 2.162   -7.853  6.422   1.00 17.63 ? 128 ILE B CD1 1 
ATOM   1005 N N   . THR A 1 130 ? 5.082   -3.562  6.309   1.00 14.62 ? 129 THR B N   1 
ATOM   1006 C CA  . THR A 1 130 ? 6.359   -3.243  6.948   1.00 14.40 ? 129 THR B CA  1 
ATOM   1007 C C   . THR A 1 130 ? 6.246   -2.002  7.845   1.00 15.46 ? 129 THR B C   1 
ATOM   1008 O O   . THR A 1 130 ? 7.136   -1.745  8.653   1.00 15.62 ? 129 THR B O   1 
ATOM   1009 C CB  . THR A 1 130 ? 7.508   -2.998  5.930   1.00 13.69 ? 129 THR B CB  1 
ATOM   1010 O OG1 . THR A 1 130 ? 7.207   -1.847  5.125   1.00 14.00 ? 129 THR B OG1 1 
ATOM   1011 C CG2 . THR A 1 130 ? 7.731   -4.216  5.044   1.00 16.66 ? 129 THR B CG2 1 
ATOM   1012 N N   . VAL A 1 131 ? 5.168   -1.228  7.725   1.00 14.67 ? 130 VAL B N   1 
ATOM   1013 C CA  . VAL A 1 131 ? 5.018   -0.086  8.629   1.00 14.67 ? 130 VAL B CA  1 
ATOM   1014 C C   . VAL A 1 131 ? 4.808   -0.550  10.062  1.00 18.60 ? 130 VAL B C   1 
ATOM   1015 O O   . VAL A 1 131 ? 5.007   0.220   11.009  1.00 17.46 ? 130 VAL B O   1 
ATOM   1016 C CB  . VAL A 1 131 ? 3.836   0.836   8.266   1.00 16.21 ? 130 VAL B CB  1 
ATOM   1017 C CG1 . VAL A 1 131 ? 4.044   1.426   6.914   1.00 18.20 ? 130 VAL B CG1 1 
ATOM   1018 C CG2 . VAL A 1 131 ? 2.506   0.084   8.359   1.00 15.53 ? 130 VAL B CG2 1 
ATOM   1019 N N   . PHE A 1 132 ? 4.391   -1.800  10.224  1.00 16.92 ? 131 PHE B N   1 
ATOM   1020 C CA  . PHE A 1 132 ? 4.098   -2.313  11.556  1.00 17.64 ? 131 PHE B CA  1 
ATOM   1021 C C   . PHE A 1 132 ? 5.323   -2.976  12.169  1.00 20.67 ? 131 PHE B C   1 
ATOM   1022 O O   . PHE A 1 132 ? 5.312   -3.334  13.343  1.00 26.36 ? 131 PHE B O   1 
ATOM   1023 C CB  . PHE A 1 132 ? 2.929   -3.308  11.519  1.00 16.08 ? 131 PHE B CB  1 
ATOM   1024 C CG  . PHE A 1 132 ? 1.643   -2.707  11.036  1.00 17.10 ? 131 PHE B CG  1 
ATOM   1025 C CD1 . PHE A 1 132 ? 0.893   -1.887  11.870  1.00 16.67 ? 131 PHE B CD1 1 
ATOM   1026 C CD2 . PHE A 1 132 ? 1.154   -2.999  9.767   1.00 14.64 ? 131 PHE B CD2 1 
ATOM   1027 C CE1 . PHE A 1 132 ? -0.307  -1.333  11.434  1.00 14.67 ? 131 PHE B CE1 1 
ATOM   1028 C CE2 . PHE A 1 132 ? -0.053  -2.458  9.322   1.00 15.59 ? 131 PHE B CE2 1 
ATOM   1029 C CZ  . PHE A 1 132 ? -0.782  -1.622  10.154  1.00 14.08 ? 131 PHE B CZ  1 
ATOM   1030 N N   . GLY A 1 133 ? 6.369   -3.135  11.368  1.00 17.55 ? 132 GLY B N   1 
ATOM   1031 C CA  . GLY A 1 133 ? 7.600   -3.739  11.832  1.00 21.40 ? 132 GLY B CA  1 
ATOM   1032 C C   . GLY A 1 133 ? 8.118   -4.824  10.903  1.00 20.76 ? 132 GLY B C   1 
ATOM   1033 O O   . GLY A 1 133 ? 7.763   -4.868  9.726   1.00 18.74 ? 132 GLY B O   1 
ATOM   1034 N N   . GLU A 1 134 ? 8.968   -5.695  11.438  1.00 19.44 ? 133 GLU B N   1 
ATOM   1035 C CA  . GLU A 1 134 ? 9.629   -6.724  10.634  1.00 21.66 ? 133 GLU B CA  1 
ATOM   1036 C C   . GLU A 1 134 ? 8.631   -7.709  10.049  1.00 15.67 ? 133 GLU B C   1 
ATOM   1037 O O   . GLU A 1 134 ? 7.696   -8.129  10.725  1.00 21.43 ? 133 GLU B O   1 
ATOM   1038 C CB  . GLU A 1 134 ? 10.660  -7.486  11.474  1.00 25.30 ? 133 GLU B CB  1 
ATOM   1039 C CG  . GLU A 1 134 ? 11.786  -6.624  12.030  1.00 31.28 ? 133 GLU B CG  1 
ATOM   1040 O OE1 . GLU A 1 134 ? 12.846  -7.497  9.147   1.00 41.52 ? 133 GLU B OE1 1 
ATOM   1041 O OE2 . GLU A 1 134 ? 12.578  -4.694  9.313   1.00 47.74 ? 133 GLU B OE2 1 
ATOM   1042 N N   . LEU A 1 135 ? 8.833   -8.080  8.790   1.00 18.23 ? 134 LEU B N   1 
ATOM   1043 C CA  . LEU A 1 135 ? 7.969   -9.073  8.161   1.00 15.91 ? 134 LEU B CA  1 
ATOM   1044 C C   . LEU A 1 135 ? 8.204   -10.470 8.705   1.00 16.90 ? 134 LEU B C   1 
ATOM   1045 O O   . LEU A 1 135 ? 9.336   -10.836 9.044   1.00 20.24 ? 134 LEU B O   1 
ATOM   1046 C CB  . LEU A 1 135 ? 8.171   -9.082  6.643   1.00 15.50 ? 134 LEU B CB  1 
ATOM   1047 C CG  . LEU A 1 135 ? 7.772   -7.808  5.887   1.00 15.61 ? 134 LEU B CG  1 
ATOM   1048 C CD1 . LEU A 1 135 ? 8.025   -7.985  4.402   1.00 15.73 ? 134 LEU B CD1 1 
ATOM   1049 C CD2 . LEU A 1 135 ? 6.309   -7.402  6.161   1.00 14.52 ? 134 LEU B CD2 1 
ATOM   1050 N N   . THR A 1 136 ? 7.132   -11.256 8.767   1.00 15.44 ? 135 THR B N   1 
ATOM   1051 C CA  . THR A 1 136 ? 7.258   -12.686 9.073   1.00 16.02 ? 135 THR B CA  1 
ATOM   1052 C C   . THR A 1 136 ? 7.824   -13.433 7.878   1.00 16.35 ? 135 THR B C   1 
ATOM   1053 O O   . THR A 1 136 ? 7.841   -12.920 6.755   1.00 15.15 ? 135 THR B O   1 
ATOM   1054 C CB  . THR A 1 136 ? 5.917   -13.354 9.444   1.00 15.90 ? 135 THR B CB  1 
ATOM   1055 O OG1 . THR A 1 136 ? 5.031   -13.314 8.323   1.00 16.65 ? 135 THR B OG1 1 
ATOM   1056 C CG2 . THR A 1 136 ? 5.252   -12.675 10.636  1.00 17.85 ? 135 THR B CG2 1 
ATOM   1057 N N   . ASP A 1 137 ? 8.280   -14.659 8.125   1.00 17.51 ? 136 ASP B N   1 
ATOM   1058 C CA  . ASP A 1 137 ? 8.776   -15.492 7.040   1.00 16.32 ? 136 ASP B CA  1 
ATOM   1059 C C   . ASP A 1 137 ? 7.687   -15.748 6.019   1.00 15.74 ? 136 ASP B C   1 
ATOM   1060 O O   . ASP A 1 137 ? 7.946   -15.753 4.810   1.00 15.64 ? 136 ASP B O   1 
ATOM   1061 C CB  . ASP A 1 137 ? 9.322   -16.817 7.564   1.00 19.13 ? 136 ASP B CB  1 
ATOM   1062 C CG  . ASP A 1 137 ? 10.618  -16.648 8.320   1.00 27.26 ? 136 ASP B CG  1 
ATOM   1063 O OD1 . ASP A 1 137 ? 11.200  -15.547 8.255   1.00 25.46 ? 136 ASP B OD1 1 
ATOM   1064 O OD2 . ASP A 1 137 ? 11.068  -17.620 8.959   1.00 28.43 ? 136 ASP B OD2 1 
ATOM   1065 N N   . GLU A 1 138 ? 6.457   -15.944 6.485   1.00 13.44 ? 137 GLU B N   1 
ATOM   1066 C CA  . GLU A 1 138 ? 5.383   -16.243 5.556   1.00 15.64 ? 137 GLU B CA  1 
ATOM   1067 C C   . GLU A 1 138 ? 5.045   -14.994 4.724   1.00 14.14 ? 137 GLU B C   1 
ATOM   1068 O O   . GLU A 1 138 ? 4.728   -15.101 3.541   1.00 13.43 ? 137 GLU B O   1 
ATOM   1069 C CB  . GLU A 1 138 ? 4.152   -16.763 6.310   1.00 15.94 ? 137 GLU B CB  1 
ATOM   1070 C CG  . GLU A 1 138 ? 3.073   -17.362 5.422   1.00 18.72 ? 137 GLU B CG  1 
ATOM   1071 C CD  . GLU A 1 138 ? 3.469   -18.702 4.832   1.00 18.90 ? 137 GLU B CD  1 
ATOM   1072 O OE1 . GLU A 1 138 ? 4.469   -19.294 5.300   1.00 20.47 ? 137 GLU B OE1 1 
ATOM   1073 O OE2 . GLU A 1 138 ? 2.767   -19.189 3.917   1.00 24.72 ? 137 GLU B OE2 1 
ATOM   1074 N N   . ASN A 1 139 ? 5.103   -13.814 5.346   1.00 14.70 ? 138 ASN B N   1 
ATOM   1075 C CA  . ASN A 1 139 ? 4.966   -12.559 4.596   1.00 14.24 ? 138 ASN B CA  1 
ATOM   1076 C C   . ASN A 1 139 ? 5.943   -12.488 3.432   1.00 12.77 ? 138 ASN B C   1 
ATOM   1077 O O   . ASN A 1 139 ? 5.582   -12.127 2.318   1.00 11.86 ? 138 ASN B O   1 
ATOM   1078 C CB  . ASN A 1 139 ? 5.235   -11.326 5.471   1.00 12.78 ? 138 ASN B CB  1 
ATOM   1079 C CG  . ASN A 1 139 ? 4.154   -11.047 6.488   1.00 19.41 ? 138 ASN B CG  1 
ATOM   1080 O OD1 . ASN A 1 139 ? 2.984   -11.433 6.337   1.00 22.42 ? 138 ASN B OD1 1 
ATOM   1081 N ND2 . ASN A 1 139 ? 4.546   -10.336 7.538   1.00 15.84 ? 138 ASN B ND2 1 
ATOM   1082 N N   . VAL A 1 140 ? 7.209   -12.771 3.725   1.00 13.12 ? 139 VAL B N   1 
ATOM   1083 C CA  . VAL A 1 140 ? 8.251   -12.687 2.718   1.00 13.08 ? 139 VAL B CA  1 
ATOM   1084 C C   . VAL A 1 140 ? 7.981   -13.685 1.605   1.00 12.24 ? 139 VAL B C   1 
ATOM   1085 O O   . VAL A 1 140 ? 8.068   -13.358 0.412   1.00 13.40 ? 139 VAL B O   1 
ATOM   1086 C CB  . VAL A 1 140 ? 9.630   -12.923 3.360   1.00 13.15 ? 139 VAL B CB  1 
ATOM   1087 C CG1 . VAL A 1 140 ? 10.720  -13.089 2.291   1.00 15.56 ? 139 VAL B CG1 1 
ATOM   1088 C CG2 . VAL A 1 140 ? 9.967   -11.747 4.287   1.00 13.65 ? 139 VAL B CG2 1 
ATOM   1089 N N   . LYS A 1 141 ? 7.629   -14.900 2.008   1.00 11.36 ? 140 LYS B N   1 
ATOM   1090 C CA  . LYS A 1 141 ? 7.308   -15.958 1.068   1.00 11.61 ? 140 LYS B CA  1 
ATOM   1091 C C   . LYS A 1 141 ? 6.115   -15.587 0.191   1.00 13.08 ? 140 LYS B C   1 
ATOM   1092 O O   . LYS A 1 141 ? 6.164   -15.757 -1.030  1.00 12.17 ? 140 LYS B O   1 
ATOM   1093 C CB  . LYS A 1 141 ? 7.042   -17.262 1.827   1.00 15.00 ? 140 LYS B CB  1 
ATOM   1094 C CG  . LYS A 1 141 ? 6.388   -18.337 1.018   1.00 22.26 ? 140 LYS B CG  1 
ATOM   1095 C CE  . LYS A 1 141 ? 5.191   -21.991 1.362   1.00 29.77 ? 140 LYS B CE  1 
ATOM   1096 N N   . HIS A 1 142 ? 5.035   -15.085 0.795   1.00 13.93 ? 141 HIS B N   1 
ATOM   1097 C CA  . HIS A 1 142 ? 3.878   -14.728 -0.017  1.00 13.00 ? 141 HIS B CA  1 
ATOM   1098 C C   . HIS A 1 142 ? 4.132   -13.571 -0.971  1.00 10.59 ? 141 HIS B C   1 
ATOM   1099 O O   . HIS A 1 142 ? 3.658   -13.610 -2.101  1.00 12.88 ? 141 HIS B O   1 
ATOM   1100 C CB  . HIS A 1 142 ? 2.643   -14.383 0.832   1.00 11.14 ? 141 HIS B CB  1 
ATOM   1101 C CG  . HIS A 1 142 ? 1.902   -15.581 1.340   1.00 16.73 ? 141 HIS B CG  1 
ATOM   1102 N ND1 . HIS A 1 142 ? 0.796   -15.473 2.152   1.00 21.50 ? 141 HIS B ND1 1 
ATOM   1103 C CD2 . HIS A 1 142 ? 2.104   -16.908 1.153   1.00 16.07 ? 141 HIS B CD2 1 
ATOM   1104 C CE1 . HIS A 1 142 ? 0.343   -16.681 2.440   1.00 22.05 ? 141 HIS B CE1 1 
ATOM   1105 N NE2 . HIS A 1 142 ? 1.121   -17.570 1.848   1.00 19.30 ? 141 HIS B NE2 1 
ATOM   1106 N N   . ARG A 1 143 ? 4.870   -12.549 -0.531  1.00 10.15 ? 142 ARG B N   1 
ATOM   1107 C CA  . ARG A 1 143 ? 5.128   -11.412 -1.396  1.00 11.00 ? 142 ARG B CA  1 
ATOM   1108 C C   . ARG A 1 143 ? 5.918   -11.843 -2.622  1.00 11.31 ? 142 ARG B C   1 
ATOM   1109 O O   . ARG A 1 143 ? 5.627   -11.421 -3.742  1.00 10.10 ? 142 ARG B O   1 
ATOM   1110 C CB  . ARG A 1 143 ? 5.862   -10.289 -0.640  1.00 11.01 ? 142 ARG B CB  1 
ATOM   1111 C CG  . ARG A 1 143 ? 6.257   -9.130  -1.534  1.00 11.40 ? 142 ARG B CG  1 
ATOM   1112 C CD  . ARG A 1 143 ? 6.973   -8.014  -0.762  1.00 12.87 ? 142 ARG B CD  1 
ATOM   1113 N NE  . ARG A 1 143 ? 8.178   -8.503  -0.107  1.00 13.47 ? 142 ARG B NE  1 
ATOM   1114 C CZ  . ARG A 1 143 ? 8.901   -7.817  0.773   1.00 14.28 ? 142 ARG B CZ  1 
ATOM   1115 N NH1 . ARG A 1 143 ? 8.576   -6.567  1.098   1.00 13.58 ? 142 ARG B NH1 1 
ATOM   1116 N NH2 . ARG A 1 143 ? 9.969   -8.385  1.312   1.00 16.11 ? 142 ARG B NH2 1 
ATOM   1117 N N   . LYS A 1 144 ? 6.902   -12.704 -2.396  1.00 11.94 ? 143 LYS B N   1 
ATOM   1118 C CA  . LYS A 1 144 ? 7.773   -13.162 -3.469  1.00 10.82 ? 143 LYS B CA  1 
ATOM   1119 C C   . LYS A 1 144 ? 6.983   -13.998 -4.464  1.00 12.18 ? 143 LYS B C   1 
ATOM   1120 O O   . LYS A 1 144 ? 7.092   -13.800 -5.673  1.00 11.74 ? 143 LYS B O   1 
ATOM   1121 C CB  . LYS A 1 144 ? 8.939   -13.964 -2.885  1.00 13.28 ? 143 LYS B CB  1 
ATOM   1122 C CG  . LYS A 1 144 ? 10.025  -14.359 -3.879  1.00 15.21 ? 143 LYS B CG  1 
ATOM   1123 C CD  . LYS A 1 144 ? 11.111  -15.123 -3.136  1.00 18.93 ? 143 LYS B CD  1 
ATOM   1124 C CE  . LYS A 1 144 ? 12.228  -15.621 -4.054  1.00 13.95 ? 143 LYS B CE  1 
ATOM   1125 N NZ  . LYS A 1 144 ? 13.000  -14.481 -4.649  1.00 17.25 ? 143 LYS B NZ  1 
ATOM   1126 N N   . TYR A 1 145 ? 6.182   -14.926 -3.945  1.00 9.66  ? 144 TYR B N   1 
ATOM   1127 C CA  . TYR A 1 145 ? 5.374   -15.807 -4.780  1.00 10.11 ? 144 TYR B CA  1 
ATOM   1128 C C   . TYR A 1 145 ? 4.342   -14.998 -5.573  1.00 11.76 ? 144 TYR B C   1 
ATOM   1129 O O   . TYR A 1 145 ? 4.183   -15.170 -6.781  1.00 11.41 ? 144 TYR B O   1 
ATOM   1130 C CB  . TYR A 1 145 ? 4.680   -16.839 -3.888  1.00 9.33  ? 144 TYR B CB  1 
ATOM   1131 C CG  . TYR A 1 145 ? 3.817   -17.889 -4.565  1.00 11.72 ? 144 TYR B CG  1 
ATOM   1132 C CD1 . TYR A 1 145 ? 4.303   -19.161 -4.809  1.00 11.69 ? 144 TYR B CD1 1 
ATOM   1133 C CD2 . TYR A 1 145 ? 2.539   -17.587 -4.999  1.00 10.90 ? 144 TYR B CD2 1 
ATOM   1134 C CE1 . TYR A 1 145 ? 3.512   -20.119 -5.412  1.00 12.30 ? 144 TYR B CE1 1 
ATOM   1135 C CE2 . TYR A 1 145 ? 1.737   -18.539 -5.610  1.00 12.40 ? 144 TYR B CE2 1 
ATOM   1136 C CZ  . TYR A 1 145 ? 2.238   -19.801 -5.818  1.00 11.44 ? 144 TYR B CZ  1 
ATOM   1137 O OH  . TYR A 1 145 ? 1.439   -20.758 -6.423  1.00 10.96 ? 144 TYR B OH  1 
ATOM   1138 N N   . ALA A 1 146 ? 3.655   -14.096 -4.881  1.00 10.15 ? 145 ALA B N   1 
ATOM   1139 C CA  . ALA A 1 146 ? 2.609   -13.300 -5.521  1.00 11.81 ? 145 ALA B CA  1 
ATOM   1140 C C   . ALA A 1 146 ? 3.171   -12.399 -6.609  1.00 10.71 ? 145 ALA B C   1 
ATOM   1141 O O   . ALA A 1 146 ? 2.592   -12.304 -7.690  1.00 12.10 ? 145 ALA B O   1 
ATOM   1142 C CB  . ALA A 1 146 ? 1.847   -12.450 -4.482  1.00 9.75  ? 145 ALA B CB  1 
ATOM   1143 N N   . ARG A 1 147 ? 4.293   -11.735 -6.345  1.00 10.63 ? 146 ARG B N   1 
ATOM   1144 C CA  . ARG A 1 147 ? 4.807   -10.826 -7.346  1.00 11.48 ? 146 ARG B CA  1 
ATOM   1145 C C   . ARG A 1 147 ? 5.390   -11.627 -8.520  1.00 10.76 ? 146 ARG B C   1 
ATOM   1146 O O   . ARG A 1 147 ? 5.271   -11.214 -9.669  1.00 12.12 ? 146 ARG B O   1 
ATOM   1147 C CB  . ARG A 1 147 ? 5.836   -9.873  -6.735  1.00 13.80 ? 146 ARG B CB  1 
ATOM   1148 C CG  . ARG A 1 147 ? 6.194   -8.725  -7.653  1.00 13.70 ? 146 ARG B CG  1 
ATOM   1149 C CD  . ARG A 1 147 ? 6.977   -7.686  -6.890  1.00 14.56 ? 146 ARG B CD  1 
ATOM   1150 N NE  . ARG A 1 147 ? 6.125   -7.107  -5.854  1.00 17.16 ? 146 ARG B NE  1 
ATOM   1151 C CZ  . ARG A 1 147 ? 6.553   -6.289  -4.904  1.00 16.34 ? 146 ARG B CZ  1 
ATOM   1152 N NH1 . ARG A 1 147 ? 7.835   -5.946  -4.858  1.00 18.79 ? 146 ARG B NH1 1 
ATOM   1153 N NH2 . ARG A 1 147 ? 5.703   -5.822  -3.996  1.00 13.72 ? 146 ARG B NH2 1 
ATOM   1154 N N   . TRP A 1 148 ? 5.965   -12.794 -8.238  1.00 12.47 ? 147 TRP B N   1 
ATOM   1155 C CA  . TRP A 1 148 ? 6.454   -13.655 -9.317  1.00 12.05 ? 147 TRP B CA  1 
ATOM   1156 C C   . TRP A 1 148 ? 5.291   -14.089 -10.221 1.00 14.09 ? 147 TRP B C   1 
ATOM   1157 O O   . TRP A 1 148 ? 5.382   -14.004 -11.453 1.00 12.36 ? 147 TRP B O   1 
ATOM   1158 C CB  . TRP A 1 148 ? 7.164   -14.889 -8.748  1.00 11.31 ? 147 TRP B CB  1 
ATOM   1159 C CG  . TRP A 1 148 ? 7.838   -15.716 -9.821  1.00 13.68 ? 147 TRP B CG  1 
ATOM   1160 C CD1 . TRP A 1 148 ? 9.139   -15.619 -10.223 1.00 19.09 ? 147 TRP B CD1 1 
ATOM   1161 C CD2 . TRP A 1 148 ? 7.226   -16.694 -10.665 1.00 13.45 ? 147 TRP B CD2 1 
ATOM   1162 N NE1 . TRP A 1 148 ? 9.384   -16.505 -11.250 1.00 18.29 ? 147 TRP B NE1 1 
ATOM   1163 C CE2 . TRP A 1 148 ? 8.225   -17.172 -11.543 1.00 15.12 ? 147 TRP B CE2 1 
ATOM   1164 C CE3 . TRP A 1 148 ? 5.938   -17.228 -10.759 1.00 13.38 ? 147 TRP B CE3 1 
ATOM   1165 C CZ2 . TRP A 1 148 ? 7.969   -18.150 -12.503 1.00 16.81 ? 147 TRP B CZ2 1 
ATOM   1166 C CZ3 . TRP A 1 148 ? 5.686   -18.195 -11.708 1.00 15.11 ? 147 TRP B CZ3 1 
ATOM   1167 C CH2 . TRP A 1 148 ? 6.698   -18.651 -12.567 1.00 17.08 ? 147 TRP B CH2 1 
ATOM   1168 N N   . LYS A 1 149 ? 4.196   -14.547 -9.612  1.00 11.31 ? 148 LYS B N   1 
ATOM   1169 C CA  . LYS A 1 149 ? 3.039   -14.984 -10.399 1.00 13.28 ? 148 LYS B CA  1 
ATOM   1170 C C   . LYS A 1 149 ? 2.461   -13.850 -11.230 1.00 12.68 ? 148 LYS B C   1 
ATOM   1171 O O   . LYS A 1 149 ? 2.136   -14.050 -12.402 1.00 12.86 ? 148 LYS B O   1 
ATOM   1172 C CB  . LYS A 1 149 ? 1.942   -15.593 -9.498  1.00 11.46 ? 148 LYS B CB  1 
ATOM   1173 C CG  . LYS A 1 149 ? 2.388   -16.890 -8.798  1.00 15.81 ? 148 LYS B CG  1 
ATOM   1174 C CD  . LYS A 1 149 ? 2.636   -18.076 -9.731  1.00 30.78 ? 148 LYS B CD  1 
ATOM   1175 C CE  . LYS A 1 149 ? 1.489   -19.026 -9.731  1.00 22.42 ? 148 LYS B CE  1 
ATOM   1176 N NZ  . LYS A 1 149 ? 1.634   -20.277 -10.547 1.00 14.40 ? 148 LYS B NZ  1 
ATOM   1177 N N   . ALA A 1 150 ? 2.328   -12.662 -10.635 1.00 12.73 ? 149 ALA B N   1 
ATOM   1178 C CA  . ALA A 1 150 ? 1.748   -11.548 -11.368 1.00 10.84 ? 149 ALA B CA  1 
ATOM   1179 C C   . ALA A 1 150 ? 2.584   -11.244 -12.605 1.00 14.33 ? 149 ALA B C   1 
ATOM   1180 O O   . ALA A 1 150 ? 2.043   -11.077 -13.703 1.00 14.48 ? 149 ALA B O   1 
ATOM   1181 C CB  . ALA A 1 150 ? 1.633   -10.305 -10.470 1.00 11.30 ? 149 ALA B CB  1 
ATOM   1182 N N   . THR A 1 151 ? 3.899   -11.215 -12.423 1.00 11.84 ? 150 THR B N   1 
ATOM   1183 C CA  . THR A 1 151 ? 4.813   -10.885 -13.501 1.00 13.67 ? 150 THR B CA  1 
ATOM   1184 C C   . THR A 1 151 ? 4.811   -11.989 -14.549 1.00 16.74 ? 150 THR B C   1 
ATOM   1185 O O   . THR A 1 151 ? 4.706   -11.721 -15.751 1.00 17.48 ? 150 THR B O   1 
ATOM   1186 C CB  . THR A 1 151 ? 6.241   -10.657 -12.975 1.00 15.59 ? 150 THR B CB  1 
ATOM   1187 O OG1 . THR A 1 151 ? 6.225   -9.561  -12.048 1.00 18.04 ? 150 THR B OG1 1 
ATOM   1188 C CG2 . THR A 1 151 ? 7.185   -10.308 -14.121 1.00 20.06 ? 150 THR B CG2 1 
ATOM   1189 N N   . TYR A 1 152 ? 4.926   -13.227 -14.084 1.00 13.16 ? 151 TYR B N   1 
ATOM   1190 C CA  . TYR A 1 152 ? 4.979   -14.370 -14.985 1.00 13.51 ? 151 TYR B CA  1 
ATOM   1191 C C   . TYR A 1 152 ? 3.703   -14.530 -15.814 1.00 15.56 ? 151 TYR B C   1 
ATOM   1192 O O   . TYR A 1 152 ? 3.774   -14.671 -17.046 1.00 16.12 ? 151 TYR B O   1 
ATOM   1193 C CB  . TYR A 1 152 ? 5.251   -15.655 -14.204 1.00 14.67 ? 151 TYR B CB  1 
ATOM   1194 C CG  . TYR A 1 152 ? 5.135   -16.890 -15.058 1.00 14.01 ? 151 TYR B CG  1 
ATOM   1195 C CD1 . TYR A 1 152 ? 6.081   -17.175 -16.032 1.00 17.81 ? 151 TYR B CD1 1 
ATOM   1196 C CD2 . TYR A 1 152 ? 4.091   -17.780 -14.881 1.00 14.89 ? 151 TYR B CD2 1 
ATOM   1197 C CE1 . TYR A 1 152 ? 5.979   -18.307 -16.815 1.00 18.88 ? 151 TYR B CE1 1 
ATOM   1198 C CE2 . TYR A 1 152 ? 3.988   -18.927 -15.652 1.00 15.18 ? 151 TYR B CE2 1 
ATOM   1199 C CZ  . TYR A 1 152 ? 4.930   -19.179 -16.619 1.00 16.64 ? 151 TYR B CZ  1 
ATOM   1200 O OH  . TYR A 1 152 ? 4.817   -20.313 -17.395 1.00 17.00 ? 151 TYR B OH  1 
ATOM   1201 N N   . ILE A 1 153 ? 2.541   -14.525 -15.155 1.00 12.19 ? 152 ILE B N   1 
ATOM   1202 C CA  . ILE A 1 153 ? 1.285   -14.688 -15.880 1.00 13.28 ? 152 ILE B CA  1 
ATOM   1203 C C   . ILE A 1 153 ? 1.043   -13.549 -16.873 1.00 14.56 ? 152 ILE B C   1 
ATOM   1204 O O   . ILE A 1 153 ? 0.616   -13.785 -18.001 1.00 16.18 ? 152 ILE B O   1 
ATOM   1205 C CB  . ILE A 1 153 ? 0.108   -14.790 -14.905 1.00 12.99 ? 152 ILE B CB  1 
ATOM   1206 C CG1 . ILE A 1 153 ? 0.234   -16.080 -14.094 1.00 12.87 ? 152 ILE B CG1 1 
ATOM   1207 C CG2 . ILE A 1 153 ? -1.234  -14.736 -15.642 1.00 15.85 ? 152 ILE B CG2 1 
ATOM   1208 C CD1 . ILE A 1 153 ? -0.746  -16.158 -12.926 1.00 11.35 ? 152 ILE B CD1 1 
ATOM   1209 N N   . HIS A 1 154 ? 1.326   -12.323 -16.454 1.00 13.79 ? 153 HIS B N   1 
ATOM   1210 C CA  . HIS A 1 154 ? 1.214   -11.157 -17.328 1.00 16.29 ? 153 HIS B CA  1 
ATOM   1211 C C   . HIS A 1 154 ? 2.070   -11.333 -18.584 1.00 18.80 ? 153 HIS B C   1 
ATOM   1212 O O   . HIS A 1 154 ? 1.597   -11.134 -19.705 1.00 16.96 ? 153 HIS B O   1 
ATOM   1213 C CB  . HIS A 1 154 ? 1.639   -9.894  -16.582 1.00 15.87 ? 153 HIS B CB  1 
ATOM   1214 C CG  . HIS A 1 154 ? 1.617   -8.655  -17.420 1.00 20.79 ? 153 HIS B CG  1 
ATOM   1215 N ND1 . HIS A 1 154 ? 0.457   -7.984  -17.744 1.00 28.09 ? 153 HIS B ND1 1 
ATOM   1216 C CD2 . HIS A 1 154 ? 2.620   -8.004  -18.055 1.00 21.81 ? 153 HIS B CD2 1 
ATOM   1217 C CE1 . HIS A 1 154 ? 0.751   -6.947  -18.506 1.00 29.89 ? 153 HIS B CE1 1 
ATOM   1218 N NE2 . HIS A 1 154 ? 2.055   -6.940  -18.718 1.00 28.23 ? 153 HIS B NE2 1 
ATOM   1219 N N   . ASN A 1 155 ? 3.331   -11.712 -18.397 1.00 16.23 ? 154 ASN B N   1 
ATOM   1220 C CA  . ASN A 1 155 ? 4.227   -11.905 -19.534 1.00 18.29 ? 154 ASN B CA  1 
ATOM   1221 C C   . ASN A 1 155 ? 3.776   -13.029 -20.452 1.00 17.17 ? 154 ASN B C   1 
ATOM   1222 O O   . ASN A 1 155 ? 3.844   -12.898 -21.668 1.00 20.09 ? 154 ASN B O   1 
ATOM   1223 C CB  . ASN A 1 155 ? 5.648   -12.173 -19.056 1.00 16.49 ? 154 ASN B CB  1 
ATOM   1224 C CG  . ASN A 1 155 ? 6.313   -10.934 -18.491 1.00 24.51 ? 154 ASN B CG  1 
ATOM   1225 O OD1 . ASN A 1 155 ? 5.902   -9.809  -18.775 1.00 31.20 ? 154 ASN B OD1 1 
ATOM   1226 N ND2 . ASN A 1 155 ? 7.368   -11.137 -17.706 1.00 32.82 ? 154 ASN B ND2 1 
ATOM   1227 N N   . CYS A 1 156 ? 3.309   -14.134 -19.879 1.00 14.79 ? 155 CYS B N   1 
ATOM   1228 C CA  . CYS A 1 156 ? 2.796   -15.219 -20.710 1.00 16.06 ? 155 CYS B CA  1 
ATOM   1229 C C   . CYS A 1 156 ? 1.619   -14.766 -21.567 1.00 16.83 ? 155 CYS B C   1 
ATOM   1230 O O   . CYS A 1 156 ? 1.594   -15.025 -22.772 1.00 17.02 ? 155 CYS B O   1 
ATOM   1231 C CB  . CYS A 1 156 ? 2.370   -16.417 -19.855 1.00 18.78 ? 155 CYS B CB  1 
ATOM   1232 S SG  . CYS A 1 156 ? 3.732   -17.295 -19.092 1.00 19.50 ? 155 CYS B SG  1 
ATOM   1233 N N   . LEU A 1 157 ? 0.645   -14.100 -20.951 1.00 16.08 ? 156 LEU B N   1 
ATOM   1234 C CA  . LEU A 1 157 ? -0.535  -13.670 -21.684 1.00 18.40 ? 156 LEU B CA  1 
ATOM   1235 C C   . LEU A 1 157 ? -0.171  -12.641 -22.746 1.00 21.03 ? 156 LEU B C   1 
ATOM   1236 O O   . LEU A 1 157 ? -0.723  -12.658 -23.848 1.00 20.63 ? 156 LEU B O   1 
ATOM   1237 C CB  . LEU A 1 157 ? -1.590  -13.106 -20.739 1.00 17.43 ? 156 LEU B CB  1 
ATOM   1238 C CG  . LEU A 1 157 ? -2.131  -14.135 -19.749 1.00 17.61 ? 156 LEU B CG  1 
ATOM   1239 C CD1 . LEU A 1 157 ? -3.197  -13.515 -18.857 1.00 19.48 ? 156 LEU B CD1 1 
ATOM   1240 C CD2 . LEU A 1 157 ? -2.644  -15.369 -20.497 1.00 20.05 ? 156 LEU B CD2 1 
ATOM   1241 N N   . LYS A 1 158 ? 0.751   -11.744 -22.414 1.00 19.22 ? 157 LYS B N   1 
ATOM   1242 C CA  . LYS A 1 158 ? 1.253   -10.803 -23.405 1.00 19.69 ? 157 LYS B CA  1 
ATOM   1243 C C   . LYS A 1 158 ? 1.814   -11.542 -24.633 1.00 19.72 ? 157 LYS B C   1 
ATOM   1244 O O   . LYS A 1 158 ? 1.652   -11.089 -25.759 1.00 24.97 ? 157 LYS B O   1 
ATOM   1245 C CB  . LYS A 1 158 ? 2.319   -9.890  -22.786 1.00 21.24 ? 157 LYS B CB  1 
ATOM   1246 C CE  . LYS A 1 158 ? 3.752   -6.730  -22.245 1.00 44.63 ? 157 LYS B CE  1 
ATOM   1247 N N   . ASN A 1 159 ? 2.457   -12.686 -24.414 1.00 19.61 ? 158 ASN B N   1 
ATOM   1248 C CA  . ASN A 1 159 ? 3.029   -13.476 -25.513 1.00 22.62 ? 158 ASN B CA  1 
ATOM   1249 C C   . ASN A 1 159 ? 2.114   -14.580 -26.058 1.00 21.15 ? 158 ASN B C   1 
ATOM   1250 O O   . ASN A 1 159 ? 2.522   -15.384 -26.904 1.00 23.44 ? 158 ASN B O   1 
ATOM   1251 C CB  . ASN A 1 159 ? 4.360   -14.093 -25.078 1.00 21.32 ? 158 ASN B CB  1 
ATOM   1252 C CG  . ASN A 1 159 ? 5.443   -13.054 -24.903 1.00 28.92 ? 158 ASN B CG  1 
ATOM   1253 O OD1 . ASN A 1 159 ? 6.110   -13.002 -23.872 1.00 36.82 ? 158 ASN B OD1 1 
ATOM   1254 N ND2 . ASN A 1 159 ? 5.628   -12.220 -25.921 1.00 34.16 ? 158 ASN B ND2 1 
ATOM   1255 N N   . GLY A 1 160 ? 0.880   -14.615 -25.570 1.00 21.50 ? 159 GLY B N   1 
ATOM   1256 C CA  . GLY A 1 160 ? -0.128  -15.525 -26.099 1.00 19.81 ? 159 GLY B CA  1 
ATOM   1257 C C   . GLY A 1 160 ? -0.001  -16.972 -25.661 1.00 20.76 ? 159 GLY B C   1 
ATOM   1258 O O   . GLY A 1 160 ? -0.599  -17.876 -26.253 1.00 21.90 ? 159 GLY B O   1 
ATOM   1259 N N   . GLU A 1 161 ? 0.786   -17.200 -24.622 1.00 19.61 ? 160 GLU B N   1 
ATOM   1260 C CA  . GLU A 1 161 ? 1.046   -18.553 -24.179 1.00 21.90 ? 160 GLU B CA  1 
ATOM   1261 C C   . GLU A 1 161 ? 0.384   -18.811 -22.848 1.00 18.48 ? 160 GLU B C   1 
ATOM   1262 O O   . GLU A 1 161 ? 0.269   -17.909 -22.021 1.00 20.02 ? 160 GLU B O   1 
ATOM   1263 C CB  . GLU A 1 161 ? 2.550   -18.801 -24.090 1.00 27.47 ? 160 GLU B CB  1 
ATOM   1264 C CG  . GLU A 1 161 ? 3.267   -18.505 -25.390 1.00 29.53 ? 160 GLU B CG  1 
ATOM   1265 O OE1 . GLU A 1 161 ? 5.718   -18.316 -23.637 1.00 42.18 ? 160 GLU B OE1 1 
ATOM   1266 O OE2 . GLU A 1 161 ? 6.042   -18.300 -26.764 1.00 44.96 ? 160 GLU B OE2 1 
ATOM   1267 N N   . THR A 1 162 ? -0.054  -20.049 -22.648 1.00 20.01 ? 161 THR B N   1 
ATOM   1268 C CA  . THR A 1 162 ? -0.641  -20.440 -21.378 1.00 18.04 ? 161 THR B CA  1 
ATOM   1269 C C   . THR A 1 162 ? 0.448   -20.475 -20.311 1.00 18.17 ? 161 THR B C   1 
ATOM   1270 O O   . THR A 1 162 ? 1.476   -21.102 -20.504 1.00 18.71 ? 161 THR B O   1 
ATOM   1271 C CB  . THR A 1 162 ? -1.307  -21.815 -21.463 1.00 19.07 ? 161 THR B CB  1 
ATOM   1272 O OG1 . THR A 1 162 ? -2.223  -21.831 -22.565 1.00 22.26 ? 161 THR B OG1 1 
ATOM   1273 C CG2 . THR A 1 162 ? -2.083  -22.091 -20.174 1.00 19.13 ? 161 THR B CG2 1 
ATOM   1274 N N   . PRO A 1 163 ? 0.230   -19.794 -19.177 1.00 18.13 ? 162 PRO B N   1 
ATOM   1275 C CA  . PRO A 1 163 ? 1.219   -19.901 -18.091 1.00 17.08 ? 162 PRO B CA  1 
ATOM   1276 C C   . PRO A 1 163 ? 1.504   -21.350 -17.663 1.00 17.89 ? 162 PRO B C   1 
ATOM   1277 O O   . PRO A 1 163 ? 0.600   -22.202 -17.764 1.00 20.66 ? 162 PRO B O   1 
ATOM   1278 C CB  . PRO A 1 163 ? 0.566   -19.126 -16.951 1.00 18.92 ? 162 PRO B CB  1 
ATOM   1279 C CG  . PRO A 1 163 ? -0.314  -18.125 -17.631 1.00 16.97 ? 162 PRO B CG  1 
ATOM   1280 C CD  . PRO A 1 163 ? -0.802  -18.783 -18.895 1.00 16.77 ? 162 PRO B CD  1 
ATOM   1281 N N   . ASP B 2 9   ? 15.984  11.347  7.548   1.00 35.01 ? 320 ASP A N   1 
ATOM   1282 C CA  . ASP B 2 9   ? 16.346  12.559  8.272   1.00 33.45 ? 320 ASP A CA  1 
ATOM   1283 C C   . ASP B 2 9   ? 15.359  12.822  9.397   1.00 34.75 ? 320 ASP A C   1 
ATOM   1284 O O   . ASP B 2 9   ? 14.180  12.487  9.289   1.00 37.88 ? 320 ASP A O   1 
ATOM   1285 N N   . PHE B 2 10  ? 15.846  13.396  10.490  1.00 28.36 ? 321 PHE A N   1 
ATOM   1286 C CA  . PHE B 2 10  ? 14.968  13.812  11.580  1.00 29.37 ? 321 PHE A CA  1 
ATOM   1287 C C   . PHE B 2 10  ? 14.502  15.237  11.354  1.00 30.19 ? 321 PHE A C   1 
ATOM   1288 O O   . PHE B 2 10  ? 15.133  16.190  11.811  1.00 36.49 ? 321 PHE A O   1 
ATOM   1289 C CB  . PHE B 2 10  ? 15.675  13.693  12.923  1.00 32.11 ? 321 PHE A CB  1 
ATOM   1290 C CG  . PHE B 2 10  ? 15.787  12.285  13.424  1.00 30.75 ? 321 PHE A CG  1 
ATOM   1291 C CD1 . PHE B 2 10  ? 14.850  11.329  13.060  1.00 35.06 ? 321 PHE A CD1 1 
ATOM   1292 C CD2 . PHE B 2 10  ? 16.838  11.917  14.243  1.00 31.80 ? 321 PHE A CD2 1 
ATOM   1293 C CE1 . PHE B 2 10  ? 14.951  10.030  13.526  1.00 37.09 ? 321 PHE A CE1 1 
ATOM   1294 C CE2 . PHE B 2 10  ? 16.953  10.622  14.706  1.00 34.36 ? 321 PHE A CE2 1 
ATOM   1295 C CZ  . PHE B 2 10  ? 16.005  9.677   14.350  1.00 36.69 ? 321 PHE A CZ  1 
ATOM   1296 N N   . ASP B 2 11  ? 13.388  15.375  10.651  1.00 22.57 ? 322 ASP A N   1 
ATOM   1297 C CA  . ASP B 2 11  ? 12.843  16.683  10.352  1.00 21.57 ? 322 ASP A CA  1 
ATOM   1298 C C   . ASP B 2 11  ? 11.396  16.775  10.811  1.00 21.25 ? 322 ASP A C   1 
ATOM   1299 O O   . ASP B 2 11  ? 10.903  15.895  11.519  1.00 17.90 ? 322 ASP A O   1 
ATOM   1300 C CB  . ASP B 2 11  ? 12.995  17.000  8.859   1.00 23.98 ? 322 ASP A CB  1 
ATOM   1301 C CG  . ASP B 2 11  ? 12.330  15.978  7.954   1.00 25.96 ? 322 ASP A CG  1 
ATOM   1302 O OD1 . ASP B 2 11  ? 11.491  15.172  8.415   1.00 21.77 ? 322 ASP A OD1 1 
ATOM   1303 O OD2 . ASP B 2 11  ? 12.690  15.964  6.758   1.00 26.77 ? 322 ASP A OD2 1 
ATOM   1304 N N   . ASP B 2 12  ? 10.727  17.862  10.446  1.00 21.55 ? 323 ASP A N   1 
ATOM   1305 C CA  . ASP B 2 12  ? 9.379   18.103  10.936  1.00 21.05 ? 323 ASP A CA  1 
ATOM   1306 C C   . ASP B 2 12  ? 8.393   17.094  10.361  1.00 19.63 ? 323 ASP A C   1 
ATOM   1307 O O   . ASP B 2 12  ? 7.430   16.712  11.028  1.00 14.57 ? 323 ASP A O   1 
ATOM   1308 C CB  . ASP B 2 12  ? 8.957   19.532  10.607  1.00 20.24 ? 323 ASP A CB  1 
ATOM   1309 C CG  . ASP B 2 12  ? 9.742   20.564  11.406  1.00 28.49 ? 323 ASP A CG  1 
ATOM   1310 O OD1 . ASP B 2 12  ? 10.311  20.207  12.465  1.00 29.82 ? 323 ASP A OD1 1 
ATOM   1311 O OD2 . ASP B 2 12  ? 9.803   21.724  10.964  1.00 28.47 ? 323 ASP A OD2 1 
ATOM   1312 N N   . LEU B 2 13  ? 8.633   16.648  9.135   1.00 14.96 ? 324 LEU A N   1 
ATOM   1313 C CA  . LEU B 2 13  ? 7.798   15.589  8.567   1.00 16.00 ? 324 LEU A CA  1 
ATOM   1314 C C   . LEU B 2 13  ? 7.921   14.268  9.330   1.00 14.53 ? 324 LEU A C   1 
ATOM   1315 O O   . LEU B 2 13  ? 6.914   13.604  9.555   1.00 14.89 ? 324 LEU A O   1 
ATOM   1316 C CB  . LEU B 2 13  ? 8.124   15.375  7.083   1.00 17.23 ? 324 LEU A CB  1 
ATOM   1317 C CG  . LEU B 2 13  ? 7.650   16.530  6.195   1.00 14.12 ? 324 LEU A CG  1 
ATOM   1318 C CD1 . LEU B 2 13  ? 8.171   16.393  4.781   1.00 17.07 ? 324 LEU A CD1 1 
ATOM   1319 C CD2 . LEU B 2 13  ? 6.125   16.608  6.179   1.00 16.16 ? 324 LEU A CD2 1 
ATOM   1320 N N   . SER B 2 14  ? 9.132   13.869  9.717   1.00 16.61 ? 325 SER A N   1 
ATOM   1321 C CA  . SER B 2 14  ? 9.261   12.624  10.470  1.00 16.58 ? 325 SER A CA  1 
ATOM   1322 C C   . SER B 2 14  ? 8.632   12.767  11.854  1.00 14.91 ? 325 SER A C   1 
ATOM   1323 O O   . SER B 2 14  ? 8.080   11.807  12.383  1.00 16.78 ? 325 SER A O   1 
ATOM   1324 C CB  . SER B 2 14  ? 10.723  12.175  10.571  1.00 18.59 ? 325 SER A CB  1 
ATOM   1325 O OG  . SER B 2 14  ? 11.509  13.087  11.310  1.00 23.44 ? 325 SER A OG  1 
ATOM   1326 N N   . ARG B 2 15  ? 8.661   13.978  12.418  1.00 15.53 ? 326 ARG A N   1 
ATOM   1327 C CA  . ARG B 2 15  ? 8.023   14.215  13.712  1.00 16.71 ? 326 ARG A CA  1 
ATOM   1328 C C   . ARG B 2 15  ? 6.501   14.136  13.636  1.00 16.33 ? 326 ARG A C   1 
ATOM   1329 O O   . ARG B 2 15  ? 5.865   13.562  14.522  1.00 14.76 ? 326 ARG A O   1 
ATOM   1330 C CB  . ARG B 2 15  ? 8.476   15.565  14.275  1.00 16.43 ? 326 ARG A CB  1 
ATOM   1331 C CG  . ARG B 2 15  ? 9.862   15.460  14.870  1.00 21.93 ? 326 ARG A CG  1 
ATOM   1332 C CD  . ARG B 2 15  ? 10.356  16.732  15.537  1.00 24.03 ? 326 ARG A CD  1 
ATOM   1333 N NE  . ARG B 2 15  ? 10.869  17.684  14.567  1.00 25.09 ? 326 ARG A NE  1 
ATOM   1334 C CZ  . ARG B 2 15  ? 12.105  17.610  14.080  1.00 23.46 ? 326 ARG A CZ  1 
ATOM   1335 N NH1 . ARG B 2 15  ? 12.895  16.610  14.459  1.00 26.98 ? 326 ARG A NH1 1 
ATOM   1336 N NH2 . ARG B 2 15  ? 12.545  18.501  13.201  1.00 23.85 ? 326 ARG A NH2 1 
ATOM   1337 N N   . ARG B 2 16  ? 5.922   14.683  12.570  1.00 13.34 ? 327 ARG A N   1 
ATOM   1338 C CA  . ARG B 2 16  ? 4.494   14.522  12.338  1.00 14.31 ? 327 ARG A CA  1 
ATOM   1339 C C   . ARG B 2 16  ? 4.124   13.059  12.103  1.00 13.45 ? 327 ARG A C   1 
ATOM   1340 O O   . ARG B 2 16  ? 3.063   12.605  12.544  1.00 15.87 ? 327 ARG A O   1 
ATOM   1341 C CB  . ARG B 2 16  ? 4.039   15.372  11.154  1.00 15.10 ? 327 ARG A CB  1 
ATOM   1342 C CG  . ARG B 2 16  ? 4.106   16.870  11.445  1.00 16.46 ? 327 ARG A CG  1 
ATOM   1343 C CD  . ARG B 2 16  ? 3.841   17.703  10.202  1.00 15.86 ? 327 ARG A CD  1 
ATOM   1344 N NE  . ARG B 2 16  ? 2.472   17.588  9.725   1.00 14.41 ? 327 ARG A NE  1 
ATOM   1345 C CZ  . ARG B 2 16  ? 2.057   18.095  8.567   1.00 16.28 ? 327 ARG A CZ  1 
ATOM   1346 N NH1 . ARG B 2 16  ? 2.916   18.730  7.780   1.00 16.14 ? 327 ARG A NH1 1 
ATOM   1347 N NH2 . ARG B 2 16  ? 0.788   17.958  8.191   1.00 15.06 ? 327 ARG A NH2 1 
ATOM   1348 N N   . PHE B 2 17  ? 4.999   12.327  11.413  1.00 13.83 ? 328 PHE A N   1 
ATOM   1349 C CA  . PHE B 2 17  ? 4.777   10.906  11.137  1.00 16.06 ? 328 PHE A CA  1 
ATOM   1350 C C   . PHE B 2 17  ? 4.726   10.117  12.438  1.00 17.10 ? 328 PHE A C   1 
ATOM   1351 O O   . PHE B 2 17  ? 3.850   9.280   12.630  1.00 17.26 ? 328 PHE A O   1 
ATOM   1352 C CB  . PHE B 2 17  ? 5.880   10.361  10.207  1.00 12.11 ? 328 PHE A CB  1 
ATOM   1353 C CG  . PHE B 2 17  ? 5.756   8.884   9.893   1.00 16.98 ? 328 PHE A CG  1 
ATOM   1354 C CD1 . PHE B 2 17  ? 4.859   8.445   8.935   1.00 12.98 ? 328 PHE A CD1 1 
ATOM   1355 C CD2 . PHE B 2 17  ? 6.560   7.957   10.533  1.00 17.55 ? 328 PHE A CD2 1 
ATOM   1356 C CE1 . PHE B 2 17  ? 4.743   7.097   8.626   1.00 13.90 ? 328 PHE A CE1 1 
ATOM   1357 C CE2 . PHE B 2 17  ? 6.446   6.598   10.235  1.00 21.96 ? 328 PHE A CE2 1 
ATOM   1358 C CZ  . PHE B 2 17  ? 5.537   6.176   9.280   1.00 18.01 ? 328 PHE A CZ  1 
ATOM   1359 N N   . GLU B 2 18  ? 5.667   10.385  13.336  1.00 15.64 ? 329 GLU A N   1 
ATOM   1360 C CA  . GLU B 2 18  ? 5.683   9.712   14.630  1.00 19.14 ? 329 GLU A CA  1 
ATOM   1361 C C   . GLU B 2 18  ? 4.437   10.017  15.460  1.00 18.89 ? 329 GLU A C   1 
ATOM   1362 O O   . GLU B 2 18  ? 3.943   9.148   16.183  1.00 20.20 ? 329 GLU A O   1 
ATOM   1363 C CB  . GLU B 2 18  ? 6.946   10.087  15.406  1.00 19.79 ? 329 GLU A CB  1 
ATOM   1364 C CG  . GLU B 2 18  ? 8.217   9.536   14.774  1.00 22.73 ? 329 GLU A CG  1 
ATOM   1365 C CD  . GLU B 2 18  ? 8.195   8.016   14.646  1.00 30.97 ? 329 GLU A CD  1 
ATOM   1366 O OE1 . GLU B 2 18  ? 7.731   7.336   15.588  1.00 34.99 ? 329 GLU A OE1 1 
ATOM   1367 O OE2 . GLU B 2 18  ? 8.628   7.497   13.595  1.00 34.30 ? 329 GLU A OE2 1 
ATOM   1368 N N   . GLU B 2 19  ? 3.912   11.237  15.351  1.00 18.74 ? 330 GLU A N   1 
ATOM   1369 C CA  . GLU B 2 19  ? 2.669   11.593  16.048  1.00 21.79 ? 330 GLU A CA  1 
ATOM   1370 C C   . GLU B 2 19  ? 1.451   10.793  15.603  1.00 22.47 ? 330 GLU A C   1 
ATOM   1371 O O   . GLU B 2 19  ? 0.595   10.492  16.425  1.00 23.22 ? 330 GLU A O   1 
ATOM   1372 C CB  . GLU B 2 19  ? 2.369   13.080  15.886  1.00 26.17 ? 330 GLU A CB  1 
ATOM   1373 C CG  . GLU B 2 19  ? 3.308   13.951  16.650  1.00 27.97 ? 330 GLU A CG  1 
ATOM   1374 C CD  . GLU B 2 19  ? 3.225   13.747  18.153  1.00 27.40 ? 330 GLU A CD  1 
ATOM   1375 O OE1 . GLU B 2 19  ? 2.103   13.693  18.698  1.00 31.97 ? 330 GLU A OE1 1 
ATOM   1376 O OE2 . GLU B 2 19  ? 4.297   13.618  18.782  1.00 37.56 ? 330 GLU A OE2 1 
ATOM   1377 N N   . LEU B 2 20  ? 1.359   10.465  14.314  1.00 23.08 ? 331 LEU A N   1 
ATOM   1378 C CA  . LEU B 2 20  ? 0.312   9.563   13.820  1.00 24.26 ? 331 LEU A CA  1 
ATOM   1379 C C   . LEU B 2 20  ? 0.322   8.215   14.499  1.00 27.83 ? 331 LEU A C   1 
ATOM   1380 O O   . LEU B 2 20  ? -0.720  7.585   14.650  1.00 30.89 ? 331 LEU A O   1 
ATOM   1381 C CB  . LEU B 2 20  ? 0.447   9.311   12.318  1.00 24.19 ? 331 LEU A CB  1 
ATOM   1382 C CG  . LEU B 2 20  ? 0.129   10.382  11.287  1.00 22.64 ? 331 LEU A CG  1 
ATOM   1383 C CD1 . LEU B 2 20  ? 0.526   9.872   9.909   1.00 22.62 ? 331 LEU A CD1 1 
ATOM   1384 C CD2 . LEU B 2 20  ? -1.355  10.691  11.321  1.00 23.09 ? 331 LEU A CD2 1 
ATOM   1385 N N   . LYS B 2 21  ? 1.512   7.756   14.860  1.00 28.67 ? 332 LYS A N   1 
ATOM   1386 C CA  . LYS B 2 21  ? 1.681   6.406   15.371  1.00 30.55 ? 332 LYS A CA  1 
ATOM   1387 C C   . LYS B 2 21  ? 1.454   6.345   16.877  1.00 33.38 ? 332 LYS A C   1 
ATOM   1388 O O   . LYS B 2 21  ? 1.433   5.262   17.467  1.00 40.72 ? 332 LYS A O   1 
ATOM   1389 C CB  . LYS B 2 21  ? 3.074   5.883   14.996  1.00 27.18 ? 332 LYS A CB  1 
ATOM   1390 C CG  . LYS B 2 21  ? 3.232   5.654   13.494  1.00 28.21 ? 332 LYS A CG  1 
ATOM   1391 C CD  . LYS B 2 21  ? 4.687   5.429   13.101  1.00 28.89 ? 332 LYS A CD  1 
ATOM   1392 C CE  . LYS B 2 21  ? 5.348   4.378   13.974  1.00 38.93 ? 332 LYS A CE  1 
ATOM   1393 N N   . LYS B 2 22  ? 1.256   7.506   17.490  1.00 32.36 ? 333 LYS A N   1 
ATOM   1394 C CA  . LYS B 2 22  ? 1.021   7.574   18.928  1.00 31.06 ? 333 LYS A CA  1 
ATOM   1395 C C   . LYS B 2 22  ? -0.465  7.463   19.260  1.00 36.36 ? 333 LYS A C   1 
ATOM   1396 O O   . LYS B 2 22  ? -1.314  7.404   18.367  1.00 41.78 ? 333 LYS A O   1 
ATOM   1397 C CB  . LYS B 2 22  ? 1.594   8.874   19.503  1.00 29.88 ? 333 LYS A CB  1 
HETATM 1398 O O   . HOH C 3 .   ? -16.843 20.024  -0.487  1.00 24.14 ? 201 HOH B O   1 
HETATM 1399 O O   . HOH C 3 .   ? -8.308  -22.806 -4.881  1.00 22.36 ? 202 HOH B O   1 
HETATM 1400 O O   . HOH C 3 .   ? -14.440 14.012  3.388   1.00 24.73 ? 203 HOH B O   1 
HETATM 1401 O O   . HOH C 3 .   ? 1.775   20.268  5.681   1.00 22.21 ? 204 HOH B O   1 
HETATM 1402 O O   . HOH C 3 .   ? 9.866   14.812  -10.096 1.00 25.08 ? 205 HOH B O   1 
HETATM 1403 O O   . HOH C 3 .   ? 8.035   -18.954 -23.857 1.00 36.42 ? 206 HOH B O   1 
HETATM 1404 O O   . HOH C 3 .   ? -4.776  -5.446  -23.236 1.00 41.49 ? 207 HOH B O   1 
HETATM 1405 O O   . HOH C 3 .   ? -17.223 13.577  2.877   1.00 43.77 ? 208 HOH B O   1 
HETATM 1406 O O   . HOH C 3 .   ? 9.562   -1.205  1.584   1.00 25.77 ? 209 HOH B O   1 
HETATM 1407 O O   . HOH C 3 .   ? -15.717 10.211  11.175  1.00 14.34 ? 210 HOH B O   1 
HETATM 1408 O O   . HOH C 3 .   ? 8.144   -13.460 -16.873 1.00 37.97 ? 211 HOH B O   1 
HETATM 1409 O O   . HOH C 3 .   ? -2.785  18.863  9.065   1.00 33.91 ? 212 HOH B O   1 
HETATM 1410 O O   . HOH C 3 .   ? 0.927   14.318  12.941  1.00 19.08 ? 213 HOH B O   1 
HETATM 1411 O O   . HOH C 3 .   ? 13.255  21.223  1.928   1.00 28.31 ? 214 HOH B O   1 
HETATM 1412 O O   . HOH C 3 .   ? -10.270 -15.144 -1.415  1.00 21.68 ? 215 HOH B O   1 
HETATM 1413 O O   . HOH C 3 .   ? 2.420   -13.482 8.882   1.00 23.34 ? 216 HOH B O   1 
HETATM 1414 O O   . HOH C 3 .   ? -9.471  -7.097  19.128  1.00 22.88 ? 217 HOH B O   1 
HETATM 1415 O O   . HOH C 3 .   ? 9.584   1.875   3.788   1.00 26.46 ? 218 HOH B O   1 
HETATM 1416 O O   . HOH C 3 .   ? 0.661   -19.855 -13.117 1.00 23.01 ? 219 HOH B O   1 
HETATM 1417 O O   . HOH C 3 .   ? -12.582 -12.780 7.000   1.00 43.63 ? 220 HOH B O   1 
HETATM 1418 O O   . HOH C 3 .   ? -11.034 -24.835 -14.787 1.00 21.19 ? 221 HOH B O   1 
HETATM 1419 O O   . HOH C 3 .   ? -1.768  -17.770 -28.685 1.00 28.34 ? 222 HOH B O   1 
HETATM 1420 O O   . HOH C 3 .   ? -1.716  -23.644 -5.614  1.00 12.63 ? 223 HOH B O   1 
HETATM 1421 O O   . HOH C 3 .   ? -7.608  -19.108 -18.725 1.00 18.13 ? 224 HOH B O   1 
HETATM 1422 O O   . HOH C 3 .   ? 10.994  2.098   -2.062  1.00 22.30 ? 225 HOH B O   1 
HETATM 1423 O O   . HOH C 3 .   ? -0.952  -19.794 -7.316  1.00 12.05 ? 226 HOH B O   1 
HETATM 1424 O O   . HOH C 3 .   ? -1.203  -8.295  13.785  1.00 20.52 ? 227 HOH B O   1 
HETATM 1425 O O   . HOH C 3 .   ? -10.714 10.677  15.236  1.00 27.29 ? 228 HOH B O   1 
HETATM 1426 O O   . HOH C 3 .   ? -3.240  -11.562 10.356  1.00 16.63 ? 229 HOH B O   1 
HETATM 1427 O O   . HOH C 3 .   ? 12.846  23.312  0.075   1.00 24.52 ? 230 HOH B O   1 
HETATM 1428 O O   . HOH C 3 .   ? 9.126   -5.110  -2.428  1.00 23.31 ? 231 HOH B O   1 
HETATM 1429 O O   . HOH C 3 .   ? -12.201 -2.003  11.804  1.00 24.21 ? 232 HOH B O   1 
HETATM 1430 O O   . HOH C 3 .   ? 8.149   -17.392 -2.060  1.00 20.32 ? 233 HOH B O   1 
HETATM 1431 O O   . HOH C 3 .   ? -14.134 -17.287 -9.770  1.00 32.54 ? 234 HOH B O   1 
HETATM 1432 O O   . HOH C 3 .   ? 8.565   0.353   -2.279  1.00 21.10 ? 235 HOH B O   1 
HETATM 1433 O O   . HOH C 3 .   ? -1.103  19.087  11.636  1.00 30.78 ? 236 HOH B O   1 
HETATM 1434 O O   . HOH C 3 .   ? -2.804  -14.356 -24.616 1.00 27.53 ? 237 HOH B O   1 
HETATM 1435 O O   . HOH C 3 .   ? -0.322  -9.535  11.992  1.00 28.15 ? 238 HOH B O   1 
HETATM 1436 O O   . HOH C 3 .   ? 11.513  -13.706 -6.896  1.00 27.82 ? 239 HOH B O   1 
HETATM 1437 O O   . HOH C 3 .   ? -17.595 19.788  3.969   1.00 33.69 ? 240 HOH B O   1 
HETATM 1438 O O   . HOH C 3 .   ? -9.420  -16.024 -19.147 1.00 34.03 ? 241 HOH B O   1 
HETATM 1439 O O   . HOH C 3 .   ? -11.941 -4.434  13.387  1.00 24.61 ? 242 HOH B O   1 
HETATM 1440 O O   . HOH C 3 .   ? -9.339  -23.864 -8.377  1.00 19.30 ? 243 HOH B O   1 
HETATM 1441 O O   . HOH C 3 .   ? -12.917 -16.375 -13.437 1.00 24.28 ? 244 HOH B O   1 
HETATM 1442 O O   . HOH C 3 .   ? -7.282  20.438  -1.385  1.00 26.67 ? 245 HOH B O   1 
HETATM 1443 O O   . HOH C 3 .   ? -5.073  17.805  7.642   1.00 21.64 ? 246 HOH B O   1 
HETATM 1444 O O   . HOH C 3 .   ? 2.081   -15.876 -29.656 1.00 30.52 ? 247 HOH B O   1 
HETATM 1445 O O   . HOH C 3 .   ? -10.488 -9.253  6.817   1.00 30.18 ? 248 HOH B O   1 
HETATM 1446 O O   . HOH C 3 .   ? -11.189 -7.252  15.112  1.00 16.73 ? 249 HOH B O   1 
HETATM 1447 O O   . HOH C 3 .   ? 8.728   0.411   5.946   1.00 28.23 ? 250 HOH B O   1 
HETATM 1448 O O   . HOH C 3 .   ? 8.557   -15.404 10.877  1.00 27.03 ? 251 HOH B O   1 
HETATM 1449 O O   . HOH C 3 .   ? 15.523  16.624  -8.166  1.00 30.24 ? 252 HOH B O   1 
HETATM 1450 O O   . HOH C 3 .   ? 6.269   -19.316 7.538   1.00 30.96 ? 253 HOH B O   1 
HETATM 1451 O O   . HOH C 3 .   ? 0.385   -24.840 -18.881 1.00 25.84 ? 254 HOH B O   1 
HETATM 1452 O O   . HOH C 3 .   ? -13.462 -21.862 -8.249  1.00 38.70 ? 255 HOH B O   1 
HETATM 1453 O O   . HOH C 3 .   ? 10.680  -5.843  2.927   1.00 29.54 ? 256 HOH B O   1 
HETATM 1454 O O   . HOH C 3 .   ? -3.133  14.669  -8.792  1.00 23.07 ? 257 HOH B O   1 
HETATM 1455 O O   . HOH C 3 .   ? -1.744  -22.898 -13.182 1.00 23.13 ? 258 HOH B O   1 
HETATM 1456 O O   . HOH C 3 .   ? -11.947 -24.451 -6.192  1.00 33.05 ? 259 HOH B O   1 
HETATM 1457 O O   . HOH C 3 .   ? -9.262  19.301  5.358   1.00 26.49 ? 260 HOH B O   1 
HETATM 1458 O O   . HOH C 3 .   ? 10.696  -16.323 4.036   1.00 25.07 ? 261 HOH B O   1 
HETATM 1459 O O   . HOH C 3 .   ? -0.724  -13.766 10.651  1.00 25.75 ? 262 HOH B O   1 
HETATM 1460 O O   . HOH C 3 .   ? -13.440 -23.615 -10.334 1.00 33.02 ? 263 HOH B O   1 
HETATM 1461 O O   . HOH C 3 .   ? 12.251  20.209  -6.343  1.00 24.84 ? 264 HOH B O   1 
HETATM 1462 O O   . HOH C 3 .   ? -2.553  18.373  -2.652  1.00 32.10 ? 265 HOH B O   1 
HETATM 1463 O O   . HOH C 3 .   ? 2.513   -10.066 11.044  1.00 31.15 ? 266 HOH B O   1 
HETATM 1464 O O   . HOH C 3 .   ? -3.854  -24.503 -13.973 1.00 23.19 ? 267 HOH B O   1 
HETATM 1465 O O   . HOH C 3 .   ? 11.916  -17.403 -12.511 1.00 27.96 ? 268 HOH B O   1 
HETATM 1466 O O   . HOH C 3 .   ? -14.058 -0.507  15.167  1.00 26.69 ? 269 HOH B O   1 
HETATM 1467 O O   . HOH C 3 .   ? 3.884   -21.051 -12.330 1.00 28.26 ? 270 HOH B O   1 
HETATM 1468 O O   . HOH C 3 .   ? 17.875  7.971   -0.521  1.00 36.43 ? 271 HOH B O   1 
HETATM 1469 O O   . HOH C 3 .   ? 12.240  -14.686 5.582   1.00 32.29 ? 272 HOH B O   1 
HETATM 1470 O O   . HOH C 3 .   ? 17.105  17.201  8.913   1.00 37.98 ? 273 HOH B O   1 
HETATM 1471 O O   . HOH C 3 .   ? -14.313 3.965   10.402  1.00 28.51 ? 274 HOH B O   1 
HETATM 1472 O O   . HOH C 3 .   ? -4.082  -24.086 -23.259 1.00 30.64 ? 275 HOH B O   1 
HETATM 1473 O O   . HOH C 3 .   ? 6.189   -20.689 -20.047 1.00 24.39 ? 276 HOH B O   1 
HETATM 1474 O O   . HOH C 3 .   ? 4.942   -12.559 -28.851 1.00 27.98 ? 277 HOH B O   1 
HETATM 1475 O O   . HOH C 3 .   ? -9.342  -7.860  6.384   1.00 25.82 ? 278 HOH B O   1 
HETATM 1476 O O   . HOH C 3 .   ? 17.757  16.182  -1.278  1.00 28.78 ? 279 HOH B O   1 
HETATM 1477 O O   . HOH C 3 .   ? -2.396  19.056  -4.541  1.00 29.16 ? 280 HOH B O   1 
HETATM 1478 O O   . HOH C 3 .   ? 9.284   -5.834  14.542  1.00 33.22 ? 281 HOH B O   1 
HETATM 1479 O O   . HOH C 3 .   ? 4.882   -18.290 -20.560 1.00 38.72 ? 282 HOH B O   1 
HETATM 1480 O O   . HOH C 3 .   ? -10.331 -18.343 -2.746  1.00 21.56 ? 283 HOH B O   1 
HETATM 1481 O O   . HOH C 3 .   ? -4.794  -29.915 -2.856  1.00 28.41 ? 284 HOH B O   1 
HETATM 1482 O O   . HOH C 3 .   ? -13.437 -13.597 3.777   1.00 35.06 ? 285 HOH B O   1 
HETATM 1483 O O   . HOH C 3 .   ? -14.007 -11.475 7.597   1.00 42.13 ? 286 HOH B O   1 
HETATM 1484 O O   . HOH C 3 .   ? 6.524   -18.972 -1.878  1.00 26.76 ? 287 HOH B O   1 
HETATM 1485 O O   . HOH C 3 .   ? -16.729 1.484   17.392  1.00 38.80 ? 288 HOH B O   1 
HETATM 1486 O O   . HOH C 3 .   ? 12.685  -10.363 0.989   1.00 31.27 ? 289 HOH B O   1 
HETATM 1487 O O   . HOH C 3 .   ? 17.946  14.324  0.406   1.00 39.85 ? 290 HOH B O   1 
HETATM 1488 O O   . HOH C 3 .   ? -1.741  -25.554 -2.176  1.00 34.09 ? 291 HOH B O   1 
HETATM 1489 O O   . HOH C 3 .   ? 4.554   19.081  -9.650  1.00 31.10 ? 292 HOH B O   1 
HETATM 1490 O O   . HOH C 3 .   ? -15.675 7.067   7.834   1.00 35.13 ? 293 HOH B O   1 
HETATM 1491 O O   . HOH C 3 .   ? -9.778  8.169   18.208  1.00 41.82 ? 294 HOH B O   1 
HETATM 1492 O O   . HOH C 3 .   ? -0.789  20.084  -5.581  1.00 27.24 ? 295 HOH B O   1 
HETATM 1493 O O   . HOH C 3 .   ? -12.568 13.804  -1.271  1.00 38.71 ? 296 HOH B O   1 
HETATM 1494 O O   . HOH C 3 .   ? -10.430 -24.398 -2.998  1.00 21.23 ? 297 HOH B O   1 
HETATM 1495 O O   . HOH C 3 .   ? 15.409  4.497   1.052   1.00 39.34 ? 298 HOH B O   1 
HETATM 1496 O O   . HOH C 3 .   ? -14.623 6.894   3.863   1.00 38.87 ? 299 HOH B O   1 
HETATM 1497 O O   . HOH C 3 .   ? 11.461  -6.615  -1.885  1.00 33.37 ? 300 HOH B O   1 
HETATM 1498 O O   . HOH C 3 .   ? 3.937   -19.125 -0.860  1.00 26.11 ? 301 HOH B O   1 
HETATM 1499 O O   . HOH C 3 .   ? -16.721 17.570  -2.438  1.00 29.01 ? 302 HOH B O   1 
HETATM 1500 O O   . HOH C 3 .   ? 12.491  26.298  2.343   1.00 32.00 ? 303 HOH B O   1 
HETATM 1501 O O   . HOH C 3 .   ? 12.056  -18.775 5.096   1.00 35.57 ? 304 HOH B O   1 
HETATM 1502 O O   . HOH C 3 .   ? 7.941   8.498   -11.906 1.00 38.02 ? 305 HOH B O   1 
HETATM 1503 O O   . HOH C 3 .   ? -13.999 6.556   6.909   1.00 41.10 ? 306 HOH B O   1 
HETATM 1504 O O   . HOH C 3 .   ? -14.020 -23.695 -7.590  1.00 41.15 ? 307 HOH B O   1 
HETATM 1505 O O   . HOH C 3 .   ? 10.775  -20.596 5.936   1.00 37.51 ? 308 HOH B O   1 
HETATM 1506 O O   . HOH C 3 .   ? -0.038  -14.460 6.211   1.00 31.51 ? 309 HOH B O   1 
HETATM 1507 O O   . HOH C 3 .   ? -5.916  11.714  -8.405  1.00 38.50 ? 310 HOH B O   1 
HETATM 1508 O O   . HOH C 3 .   ? -11.422 -26.066 -12.386 1.00 30.02 ? 311 HOH B O   1 
HETATM 1509 O O   . HOH C 3 .   ? -11.921 -13.957 -17.485 1.00 36.25 ? 312 HOH B O   1 
HETATM 1510 O O   . HOH C 3 .   ? 9.426   -11.071 -0.395  1.00 14.15 ? 313 HOH B O   1 
HETATM 1511 O O   . HOH C 3 .   ? 4.912   17.190  -7.603  1.00 18.33 ? 314 HOH B O   1 
HETATM 1512 O O   . HOH C 3 .   ? 5.133   18.108  -5.098  1.00 19.16 ? 315 HOH B O   1 
HETATM 1513 O O   . HOH C 3 .   ? -10.973 -17.697 -7.154  1.00 18.03 ? 316 HOH B O   1 
HETATM 1514 O O   . HOH C 3 .   ? -1.296  5.339   12.466  1.00 21.00 ? 317 HOH B O   1 
HETATM 1515 O O   . HOH C 3 .   ? -2.298  -3.064  19.210  1.00 23.34 ? 318 HOH B O   1 
HETATM 1516 O O   . HOH C 3 .   ? 5.348   1.190   -7.033  1.00 22.43 ? 319 HOH B O   1 
HETATM 1517 O O   . HOH C 3 .   ? -5.055  10.975  -2.656  1.00 24.88 ? 320 HOH B O   1 
HETATM 1518 O O   . HOH C 3 .   ? 9.207   -12.235 -6.749  1.00 16.34 ? 321 HOH B O   1 
HETATM 1519 O O   . HOH C 3 .   ? 1.327   -12.923 4.258   1.00 19.92 ? 322 HOH B O   1 
HETATM 1520 O O   . HOH C 3 .   ? -3.564  -2.381  -6.344  1.00 23.09 ? 323 HOH B O   1 
HETATM 1521 O O   . HOH C 3 .   ? 6.106   2.793   11.003  1.00 23.25 ? 324 HOH B O   1 
HETATM 1522 O O   . HOH C 3 .   ? -0.450  12.225  -7.139  1.00 24.47 ? 325 HOH B O   1 
HETATM 1523 O O   . HOH C 3 .   ? 5.062   -6.239  9.786   1.00 23.87 ? 326 HOH B O   1 
HETATM 1524 O O   . HOH C 3 .   ? -13.111 -0.493  8.945   1.00 29.52 ? 327 HOH B O   1 
HETATM 1525 O O   . HOH C 3 .   ? -3.449  17.077  1.401   1.00 20.94 ? 328 HOH B O   1 
HETATM 1526 O O   . HOH C 3 .   ? 3.916   20.472  -5.471  1.00 29.60 ? 329 HOH B O   1 
HETATM 1527 O O   . HOH C 3 .   ? -12.681 2.613   -3.405  1.00 28.51 ? 330 HOH B O   1 
HETATM 1528 O O   . HOH C 3 .   ? -3.749  12.086  -5.346  1.00 25.90 ? 331 HOH B O   1 
HETATM 1529 O O   . HOH C 3 .   ? -5.401  13.149  13.026  1.00 26.87 ? 332 HOH B O   1 
HETATM 1530 O O   . HOH C 3 .   ? -6.489  -4.190  20.296  1.00 34.23 ? 333 HOH B O   1 
HETATM 1531 O O   . HOH C 3 .   ? 3.918   -8.817  9.682   1.00 27.72 ? 334 HOH B O   1 
HETATM 1532 O O   . HOH C 3 .   ? -0.924  -13.318 1.296   1.00 22.88 ? 335 HOH B O   1 
HETATM 1533 O O   . HOH C 3 .   ? -12.157 -1.478  6.990   1.00 25.50 ? 336 HOH B O   1 
HETATM 1534 O O   . HOH C 3 .   ? -6.169  -1.629  -5.790  1.00 25.68 ? 337 HOH B O   1 
HETATM 1535 O O   . HOH C 3 .   ? -0.774  -12.060 3.713   1.00 22.77 ? 338 HOH B O   1 
HETATM 1536 O O   . HOH C 3 .   ? -13.276 -14.021 -10.810 1.00 30.15 ? 339 HOH B O   1 
HETATM 1537 O O   . HOH C 3 .   ? -10.246 -9.829  -15.518 1.00 25.24 ? 340 HOH B O   1 
HETATM 1538 O O   . HOH C 3 .   ? -3.303  19.646  2.327   1.00 25.99 ? 341 HOH B O   1 
HETATM 1539 O O   . HOH C 3 .   ? 6.977   8.843   -9.961  1.00 25.73 ? 342 HOH B O   1 
HETATM 1540 O O   . HOH C 3 .   ? -10.739 -8.313  4.294   1.00 32.72 ? 343 HOH B O   1 
HETATM 1541 O O   . HOH C 3 .   ? -4.040  -4.045  20.937  1.00 32.70 ? 344 HOH B O   1 
HETATM 1542 O O   . HOH C 3 .   ? 9.899   -5.948  -6.944  1.00 32.73 ? 345 HOH B O   1 
HETATM 1543 O O   . HOH C 3 .   ? -13.817 -3.397  6.166   1.00 34.65 ? 346 HOH B O   1 
HETATM 1544 O O   . HOH C 3 .   ? 6.175   20.646  5.990   1.00 31.56 ? 347 HOH B O   1 
HETATM 1545 O O   . HOH C 3 .   ? -9.598  -9.918  -5.409  1.00 29.01 ? 348 HOH B O   1 
HETATM 1546 O O   . HOH C 3 .   ? -2.147  -7.396  -16.900 1.00 32.57 ? 349 HOH B O   1 
HETATM 1547 O O   . HOH C 3 .   ? 3.103   -2.513  15.215  1.00 33.44 ? 350 HOH B O   1 
HETATM 1548 O O   . HOH C 3 .   ? 5.325   -21.855 4.517   1.00 33.80 ? 351 HOH B O   1 
HETATM 1549 O O   . HOH C 3 .   ? -11.784 -10.128 -7.496  1.00 34.79 ? 352 HOH B O   1 
HETATM 1550 O O   . HOH C 3 .   ? -10.638 6.638   2.569   1.00 28.94 ? 353 HOH B O   1 
HETATM 1551 O O   . HOH C 3 .   ? -4.092  17.243  -0.976  1.00 32.56 ? 354 HOH B O   1 
HETATM 1552 O O   . HOH C 3 .   ? 8.434   0.284   10.307  1.00 30.12 ? 355 HOH B O   1 
HETATM 1553 O O   . HOH C 3 .   ? 4.350   12.236  -11.956 1.00 33.32 ? 356 HOH B O   1 
HETATM 1554 O O   . HOH C 3 .   ? 8.166   -13.782 -12.837 1.00 25.13 ? 357 HOH B O   1 
HETATM 1555 O O   . HOH C 3 .   ? -3.703  -6.776  -14.386 1.00 27.89 ? 358 HOH B O   1 
HETATM 1556 O O   . HOH C 3 .   ? -10.420 -10.885 -3.447  1.00 32.82 ? 359 HOH B O   1 
HETATM 1557 O O   . HOH C 3 .   ? 5.900   2.955   -11.399 1.00 32.45 ? 360 HOH B O   1 
HETATM 1558 O O   . HOH C 3 .   ? 9.991   -2.694  8.700   1.00 34.79 ? 361 HOH B O   1 
HETATM 1559 O O   . HOH C 3 .   ? 8.026   -0.856  -5.848  1.00 34.57 ? 362 HOH B O   1 
HETATM 1560 O O   . HOH C 3 .   ? 11.750  -10.511 7.731   1.00 35.66 ? 363 HOH B O   1 
HETATM 1561 O O   . HOH C 3 .   ? 11.496  -12.818 7.735   1.00 43.02 ? 364 HOH B O   1 
HETATM 1562 O O   . HOH C 3 .   ? 0.272   6.954   -7.871  1.00 30.82 ? 365 HOH B O   1 
HETATM 1563 O O   . HOH C 3 .   ? 1.335   8.515   -10.079 1.00 36.30 ? 366 HOH B O   1 
HETATM 1564 O O   . HOH C 3 .   ? -11.059 2.115   18.912  1.00 31.33 ? 367 HOH B O   1 
HETATM 1565 O O   . HOH C 3 .   ? -8.094  12.066  -3.020  1.00 38.57 ? 368 HOH B O   1 
HETATM 1566 O O   . HOH C 3 .   ? 4.537   -7.091  12.246  1.00 38.14 ? 369 HOH B O   1 
HETATM 1567 O O   . HOH C 3 .   ? 1.237   11.282  -10.248 1.00 34.51 ? 370 HOH B O   1 
HETATM 1568 O O   . HOH C 3 .   ? -14.431 2.540   -5.422  1.00 36.71 ? 371 HOH B O   1 
HETATM 1569 O O   . HOH C 3 .   ? 8.951   -10.926 -9.345  1.00 30.29 ? 372 HOH B O   1 
HETATM 1570 O O   . HOH C 3 .   ? 0.662   2.793   12.821  1.00 33.40 ? 373 HOH B O   1 
HETATM 1571 O O   . HOH C 3 .   ? 6.985   1.420   -9.654  1.00 34.36 ? 374 HOH B O   1 
HETATM 1572 O O   . HOH C 3 .   ? 1.707   -4.890  14.758  1.00 33.04 ? 375 HOH B O   1 
HETATM 1573 O O   . HOH C 3 .   ? 15.988  13.299  2.873   1.00 24.79 ? 376 HOH B O   1 
HETATM 1574 O O   . HOH C 3 .   ? 14.120  12.044  5.125   1.00 25.66 ? 377 HOH B O   1 
HETATM 1575 O O   . HOH C 3 .   ? 11.052  -7.091  7.423   1.00 29.59 ? 378 HOH B O   1 
HETATM 1576 O O   . HOH C 3 .   ? -11.422 -4.722  2.490   1.00 32.04 ? 379 HOH B O   1 
HETATM 1577 O O   . HOH C 3 .   ? 10.995  7.005   7.271   1.00 32.45 ? 380 HOH B O   1 
HETATM 1578 O O   . HOH C 3 .   ? -12.701 7.905   4.881   1.00 38.13 ? 381 HOH B O   1 
HETATM 1579 O O   . HOH C 3 .   ? -11.970 -7.552  2.689   1.00 36.27 ? 382 HOH B O   1 
HETATM 1580 O O   . HOH C 3 .   ? -11.934 -13.211 -2.821  1.00 29.74 ? 383 HOH B O   1 
HETATM 1581 O O   . HOH C 3 .   ? -13.564 -11.728 -6.683  1.00 42.33 ? 384 HOH B O   1 
HETATM 1582 O O   . HOH C 3 .   ? -2.403  5.099   16.467  1.00 41.15 ? 385 HOH B O   1 
HETATM 1583 O O   . HOH C 3 .   ? 2.844   2.006   -14.119 1.00 38.22 ? 386 HOH B O   1 
HETATM 1584 O O   . HOH C 3 .   ? -7.301  7.752   16.030  1.00 39.39 ? 387 HOH B O   1 
HETATM 1585 O O   . HOH C 3 .   ? -8.777  7.292   14.069  1.00 40.67 ? 388 HOH B O   1 
HETATM 1586 O O   . HOH C 3 .   ? -1.891  0.252   18.965  1.00 38.88 ? 389 HOH B O   1 
HETATM 1587 O O   . HOH C 3 .   ? -2.093  2.741   16.911  1.00 47.43 ? 390 HOH B O   1 
HETATM 1588 O O   . HOH C 3 .   ? -1.805  7.546   -7.943  1.00 44.52 ? 391 HOH B O   1 
HETATM 1589 O O   . HOH C 3 .   ? -9.678  8.404   -4.059  1.00 36.77 ? 392 HOH B O   1 
HETATM 1590 O O   . HOH C 3 .   ? 9.366   0.510   -8.556  1.00 44.88 ? 393 HOH B O   1 
HETATM 1591 O O   . HOH D 3 .   ? 10.980  23.244  12.582  1.00 31.50 ? 401 HOH A O   1 
HETATM 1592 O O   . HOH D 3 .   ? 8.781   22.526  8.617   1.00 32.31 ? 402 HOH A O   1 
HETATM 1593 O O   . HOH D 3 .   ? 6.737   13.632  17.097  1.00 27.59 ? 403 HOH A O   1 
HETATM 1594 O O   . HOH D 3 .   ? 11.250  12.168  14.101  1.00 26.11 ? 404 HOH A O   1 
HETATM 1595 O O   . HOH D 3 .   ? 5.686   19.790  8.261   1.00 24.37 ? 405 HOH A O   1 
HETATM 1596 O O   . HOH D 3 .   ? 12.346  20.274  9.433   1.00 28.46 ? 406 HOH A O   1 
HETATM 1597 O O   . HOH D 3 .   ? 15.553  19.143  13.318  1.00 34.49 ? 407 HOH A O   1 
HETATM 1598 O O   . HOH D 3 .   ? 11.492  9.437   13.399  1.00 37.79 ? 408 HOH A O   1 
HETATM 1599 O O   . HOH D 3 .   ? 16.678  7.765   6.551   1.00 44.60 ? 409 HOH A O   1 
HETATM 1600 O O   . HOH D 3 .   ? 18.768  16.711  12.998  1.00 37.80 ? 410 HOH A O   1 
HETATM 1601 O O   . HOH D 3 .   ? 14.623  22.500  11.522  1.00 31.01 ? 411 HOH A O   1 
HETATM 1602 O O   . HOH D 3 .   ? 10.179  18.640  7.202   1.00 26.90 ? 412 HOH A O   1 
HETATM 1603 O O   . HOH D 3 .   ? 8.710   20.149  6.780   1.00 43.00 ? 413 HOH A O   1 
HETATM 1604 O O   . HOH D 3 .   ? 11.308  13.002  6.870   1.00 26.73 ? 414 HOH A O   1 
HETATM 1605 O O   . HOH D 3 .   ? 11.952  17.854  5.266   1.00 28.98 ? 415 HOH A O   1 
HETATM 1606 O O   . HOH D 3 .   ? 16.874  14.162  5.430   1.00 34.38 ? 416 HOH A O   1 
HETATM 1607 O O   . HOH D 3 .   ? 5.301   7.087   17.267  1.00 34.93 ? 417 HOH A O   1 
# 
